data_8YHS
# 
_entry.id   8YHS 
# 
_audit_conform.dict_name       mmcif_pdbx.dic 
_audit_conform.dict_version    5.387 
_audit_conform.dict_location   http://mmcif.pdb.org/dictionaries/ascii/mmcif_pdbx.dic 
# 
loop_
_database_2.database_id 
_database_2.database_code 
_database_2.pdbx_database_accession 
_database_2.pdbx_DOI 
PDB   8YHS         pdb_00008yhs 10.2210/pdb8yhs/pdb 
WWPDB D_1300045672 ?            ?                   
# 
_pdbx_audit_revision_history.ordinal             1 
_pdbx_audit_revision_history.data_content_type   'Structure model' 
_pdbx_audit_revision_history.major_revision      1 
_pdbx_audit_revision_history.minor_revision      0 
_pdbx_audit_revision_history.revision_date       2024-03-13 
# 
_pdbx_audit_revision_details.ordinal             1 
_pdbx_audit_revision_details.revision_ordinal    1 
_pdbx_audit_revision_details.data_content_type   'Structure model' 
_pdbx_audit_revision_details.provider            repository 
_pdbx_audit_revision_details.type                'Initial release' 
_pdbx_audit_revision_details.description         ? 
_pdbx_audit_revision_details.details             ? 
# 
_pdbx_database_status.status_code                     REL 
_pdbx_database_status.status_code_sf                  REL 
_pdbx_database_status.status_code_mr                  ? 
_pdbx_database_status.entry_id                        8YHS 
_pdbx_database_status.recvd_initial_deposition_date   2024-02-28 
_pdbx_database_status.SG_entry                        N 
_pdbx_database_status.deposit_site                    PDBJ 
_pdbx_database_status.process_site                    PDBC 
_pdbx_database_status.status_code_cs                  ? 
_pdbx_database_status.status_code_nmr_data            ? 
_pdbx_database_status.methods_development_category    ? 
_pdbx_database_status.pdb_format_compatible           N 
# 
_pdbx_contact_author.id                 2 
_pdbx_contact_author.email              fwang@wuxibiortus.com 
_pdbx_contact_author.name_first         Feng 
_pdbx_contact_author.name_last          Wang 
_pdbx_contact_author.name_mi            ? 
_pdbx_contact_author.role               'principal investigator/group leader' 
_pdbx_contact_author.identifier_ORCID   0000-0002-4384-5834 
# 
loop_
_audit_author.name 
_audit_author.pdbx_ordinal 
_audit_author.identifier_ORCID 
'Wang, F.'  1 ? 
'Cheng, W.' 2 ? 
'Lv, Z.'    3 ? 
'Meng, Q.'  4 ? 
'Lu, Y.'    5 ? 
# 
_citation.abstract                  ? 
_citation.abstract_id_CAS           ? 
_citation.book_id_ISBN              ? 
_citation.book_publisher            ? 
_citation.book_publisher_city       ? 
_citation.book_title                ? 
_citation.coordinate_linkage        ? 
_citation.country                   ? 
_citation.database_id_Medline       ? 
_citation.details                   ? 
_citation.id                        primary 
_citation.journal_abbrev            'To Be Published' 
_citation.journal_id_ASTM           ? 
_citation.journal_id_CSD            0353 
_citation.journal_id_ISSN           ? 
_citation.journal_full              ? 
_citation.journal_issue             ? 
_citation.journal_volume            ? 
_citation.language                  ? 
_citation.page_first                ? 
_citation.page_last                 ? 
_citation.title                     'The Crystal Structure of BRDT from Biortus.' 
_citation.year                      ? 
_citation.database_id_CSD           ? 
_citation.pdbx_database_id_DOI      ? 
_citation.pdbx_database_id_PubMed   ? 
_citation.pdbx_database_id_patent   ? 
_citation.unpublished_flag          ? 
# 
loop_
_citation_author.citation_id 
_citation_author.name 
_citation_author.ordinal 
_citation_author.identifier_ORCID 
primary 'Wang, F.'  1 ? 
primary 'Cheng, W.' 2 ? 
primary 'Lv, Z.'    3 ? 
primary 'Meng, Q.'  4 ? 
primary 'Lu, Y.'    5 ? 
# 
loop_
_entity.id 
_entity.type 
_entity.src_method 
_entity.pdbx_description 
_entity.formula_weight 
_entity.pdbx_number_of_molecules 
_entity.pdbx_ec 
_entity.pdbx_mutation 
_entity.pdbx_fragment 
_entity.details 
1 polymer     man 'Bromodomain testis-specific protein'                                                               13948.153 1 
? ? ? ? 
2 non-polymer syn '2,4-dimethyl-6-[6-(oxan-4-yl)-1-[(1~{S})-1-phenylethyl]imidazo[4,5-c]pyridin-2-yl]pyridazin-3-one' 429.514   1 
? ? ? ? 
3 non-polymer syn 1,2-ETHANEDIOL                                                                                      62.068    1 
? ? ? ? 
4 water       nat water                                                                                               18.015    
115 ? ? ? ? 
# 
_entity_name_com.entity_id   1 
_entity_name_com.name        'Cancer/testis antigen 9,CT9,RING3-like protein' 
# 
_entity_poly.entity_id                      1 
_entity_poly.type                           'polypeptide(L)' 
_entity_poly.nstd_linkage                   no 
_entity_poly.nstd_monomer                   no 
_entity_poly.pdbx_seq_one_letter_code       
;NTKKNGRLTNQLQYLQKVVLKDLWKHSFSWPFQRPVDAVKLQLPDYYTIIKNPMDLNTIKKRLENKYYAKASECIEDFNT
MFSNCYLYNKPGDDIVLMAQALEKLFMQKLSQMPQEE
;
_entity_poly.pdbx_seq_one_letter_code_can   
;NTKKNGRLTNQLQYLQKVVLKDLWKHSFSWPFQRPVDAVKLQLPDYYTIIKNPMDLNTIKKRLENKYYAKASECIEDFNT
MFSNCYLYNKPGDDIVLMAQALEKLFMQKLSQMPQEE
;
_entity_poly.pdbx_strand_id                 A 
_entity_poly.pdbx_target_identifier         ? 
# 
loop_
_pdbx_entity_nonpoly.entity_id 
_pdbx_entity_nonpoly.name 
_pdbx_entity_nonpoly.comp_id 
2 '2,4-dimethyl-6-[6-(oxan-4-yl)-1-[(1~{S})-1-phenylethyl]imidazo[4,5-c]pyridin-2-yl]pyridazin-3-one' A1D6J 
3 1,2-ETHANEDIOL                                                                                      EDO   
4 water                                                                                               HOH   
# 
loop_
_entity_poly_seq.entity_id 
_entity_poly_seq.num 
_entity_poly_seq.mon_id 
_entity_poly_seq.hetero 
1 1   ASN n 
1 2   THR n 
1 3   LYS n 
1 4   LYS n 
1 5   ASN n 
1 6   GLY n 
1 7   ARG n 
1 8   LEU n 
1 9   THR n 
1 10  ASN n 
1 11  GLN n 
1 12  LEU n 
1 13  GLN n 
1 14  TYR n 
1 15  LEU n 
1 16  GLN n 
1 17  LYS n 
1 18  VAL n 
1 19  VAL n 
1 20  LEU n 
1 21  LYS n 
1 22  ASP n 
1 23  LEU n 
1 24  TRP n 
1 25  LYS n 
1 26  HIS n 
1 27  SER n 
1 28  PHE n 
1 29  SER n 
1 30  TRP n 
1 31  PRO n 
1 32  PHE n 
1 33  GLN n 
1 34  ARG n 
1 35  PRO n 
1 36  VAL n 
1 37  ASP n 
1 38  ALA n 
1 39  VAL n 
1 40  LYS n 
1 41  LEU n 
1 42  GLN n 
1 43  LEU n 
1 44  PRO n 
1 45  ASP n 
1 46  TYR n 
1 47  TYR n 
1 48  THR n 
1 49  ILE n 
1 50  ILE n 
1 51  LYS n 
1 52  ASN n 
1 53  PRO n 
1 54  MET n 
1 55  ASP n 
1 56  LEU n 
1 57  ASN n 
1 58  THR n 
1 59  ILE n 
1 60  LYS n 
1 61  LYS n 
1 62  ARG n 
1 63  LEU n 
1 64  GLU n 
1 65  ASN n 
1 66  LYS n 
1 67  TYR n 
1 68  TYR n 
1 69  ALA n 
1 70  LYS n 
1 71  ALA n 
1 72  SER n 
1 73  GLU n 
1 74  CYS n 
1 75  ILE n 
1 76  GLU n 
1 77  ASP n 
1 78  PHE n 
1 79  ASN n 
1 80  THR n 
1 81  MET n 
1 82  PHE n 
1 83  SER n 
1 84  ASN n 
1 85  CYS n 
1 86  TYR n 
1 87  LEU n 
1 88  TYR n 
1 89  ASN n 
1 90  LYS n 
1 91  PRO n 
1 92  GLY n 
1 93  ASP n 
1 94  ASP n 
1 95  ILE n 
1 96  VAL n 
1 97  LEU n 
1 98  MET n 
1 99  ALA n 
1 100 GLN n 
1 101 ALA n 
1 102 LEU n 
1 103 GLU n 
1 104 LYS n 
1 105 LEU n 
1 106 PHE n 
1 107 MET n 
1 108 GLN n 
1 109 LYS n 
1 110 LEU n 
1 111 SER n 
1 112 GLN n 
1 113 MET n 
1 114 PRO n 
1 115 GLN n 
1 116 GLU n 
1 117 GLU n 
# 
_entity_src_gen.entity_id                          1 
_entity_src_gen.pdbx_src_id                        1 
_entity_src_gen.pdbx_alt_source_flag               sample 
_entity_src_gen.pdbx_seq_type                      'Biological sequence' 
_entity_src_gen.pdbx_beg_seq_num                   1 
_entity_src_gen.pdbx_end_seq_num                   117 
_entity_src_gen.gene_src_common_name               human 
_entity_src_gen.gene_src_genus                     ? 
_entity_src_gen.pdbx_gene_src_gene                 BRDT 
_entity_src_gen.gene_src_species                   ? 
_entity_src_gen.gene_src_strain                    ? 
_entity_src_gen.gene_src_tissue                    ? 
_entity_src_gen.gene_src_tissue_fraction           ? 
_entity_src_gen.gene_src_details                   ? 
_entity_src_gen.pdbx_gene_src_fragment             ? 
_entity_src_gen.pdbx_gene_src_scientific_name      'Homo sapiens' 
_entity_src_gen.pdbx_gene_src_ncbi_taxonomy_id     9606 
_entity_src_gen.pdbx_gene_src_variant              ? 
_entity_src_gen.pdbx_gene_src_cell_line            ? 
_entity_src_gen.pdbx_gene_src_atcc                 ? 
_entity_src_gen.pdbx_gene_src_organ                ? 
_entity_src_gen.pdbx_gene_src_organelle            ? 
_entity_src_gen.pdbx_gene_src_cell                 ? 
_entity_src_gen.pdbx_gene_src_cellular_location    ? 
_entity_src_gen.host_org_common_name               ? 
_entity_src_gen.pdbx_host_org_scientific_name      'Escherichia coli' 
_entity_src_gen.pdbx_host_org_ncbi_taxonomy_id     562 
_entity_src_gen.host_org_genus                     ? 
_entity_src_gen.pdbx_host_org_gene                 ? 
_entity_src_gen.pdbx_host_org_organ                ? 
_entity_src_gen.host_org_species                   ? 
_entity_src_gen.pdbx_host_org_tissue               ? 
_entity_src_gen.pdbx_host_org_tissue_fraction      ? 
_entity_src_gen.pdbx_host_org_strain               ? 
_entity_src_gen.pdbx_host_org_variant              ? 
_entity_src_gen.pdbx_host_org_cell_line            ? 
_entity_src_gen.pdbx_host_org_atcc                 ? 
_entity_src_gen.pdbx_host_org_culture_collection   ? 
_entity_src_gen.pdbx_host_org_cell                 ? 
_entity_src_gen.pdbx_host_org_organelle            ? 
_entity_src_gen.pdbx_host_org_cellular_location    ? 
_entity_src_gen.pdbx_host_org_vector_type          ? 
_entity_src_gen.pdbx_host_org_vector               ? 
_entity_src_gen.host_org_details                   ? 
_entity_src_gen.expression_system_id               ? 
_entity_src_gen.plasmid_name                       ? 
_entity_src_gen.plasmid_details                    ? 
_entity_src_gen.pdbx_description                   ? 
# 
loop_
_chem_comp.id 
_chem_comp.type 
_chem_comp.mon_nstd_flag 
_chem_comp.name 
_chem_comp.pdbx_synonyms 
_chem_comp.formula 
_chem_comp.formula_weight 
A1D6J non-polymer         . '2,4-dimethyl-6-[6-(oxan-4-yl)-1-[(1~{S})-1-phenylethyl]imidazo[4,5-c]pyridin-2-yl]pyridazin-3-one' 
'BRD4 Inhibitor-10' 'C25 H27 N5 O2'  429.514 
ALA   'L-peptide linking' y ALANINE                                                                                             ? 
'C3 H7 N O2'     89.093  
ARG   'L-peptide linking' y ARGININE                                                                                            ? 
'C6 H15 N4 O2 1' 175.209 
ASN   'L-peptide linking' y ASPARAGINE                                                                                          ? 
'C4 H8 N2 O3'    132.118 
ASP   'L-peptide linking' y 'ASPARTIC ACID'                                                                                     ? 
'C4 H7 N O4'     133.103 
CYS   'L-peptide linking' y CYSTEINE                                                                                            ? 
'C3 H7 N O2 S'   121.158 
EDO   non-polymer         . 1,2-ETHANEDIOL                                                                                      
'ETHYLENE GLYCOL'   'C2 H6 O2'       62.068  
GLN   'L-peptide linking' y GLUTAMINE                                                                                           ? 
'C5 H10 N2 O3'   146.144 
GLU   'L-peptide linking' y 'GLUTAMIC ACID'                                                                                     ? 
'C5 H9 N O4'     147.129 
GLY   'peptide linking'   y GLYCINE                                                                                             ? 
'C2 H5 N O2'     75.067  
HIS   'L-peptide linking' y HISTIDINE                                                                                           ? 
'C6 H10 N3 O2 1' 156.162 
HOH   non-polymer         . WATER                                                                                               ? 
'H2 O'           18.015  
ILE   'L-peptide linking' y ISOLEUCINE                                                                                          ? 
'C6 H13 N O2'    131.173 
LEU   'L-peptide linking' y LEUCINE                                                                                             ? 
'C6 H13 N O2'    131.173 
LYS   'L-peptide linking' y LYSINE                                                                                              ? 
'C6 H15 N2 O2 1' 147.195 
MET   'L-peptide linking' y METHIONINE                                                                                          ? 
'C5 H11 N O2 S'  149.211 
PHE   'L-peptide linking' y PHENYLALANINE                                                                                       ? 
'C9 H11 N O2'    165.189 
PRO   'L-peptide linking' y PROLINE                                                                                             ? 
'C5 H9 N O2'     115.130 
SER   'L-peptide linking' y SERINE                                                                                              ? 
'C3 H7 N O3'     105.093 
THR   'L-peptide linking' y THREONINE                                                                                           ? 
'C4 H9 N O3'     119.119 
TRP   'L-peptide linking' y TRYPTOPHAN                                                                                          ? 
'C11 H12 N2 O2'  204.225 
TYR   'L-peptide linking' y TYROSINE                                                                                            ? 
'C9 H11 N O3'    181.189 
VAL   'L-peptide linking' y VALINE                                                                                              ? 
'C5 H11 N O2'    117.146 
# 
loop_
_pdbx_poly_seq_scheme.asym_id 
_pdbx_poly_seq_scheme.entity_id 
_pdbx_poly_seq_scheme.seq_id 
_pdbx_poly_seq_scheme.mon_id 
_pdbx_poly_seq_scheme.ndb_seq_num 
_pdbx_poly_seq_scheme.pdb_seq_num 
_pdbx_poly_seq_scheme.auth_seq_num 
_pdbx_poly_seq_scheme.pdb_mon_id 
_pdbx_poly_seq_scheme.auth_mon_id 
_pdbx_poly_seq_scheme.pdb_strand_id 
_pdbx_poly_seq_scheme.pdb_ins_code 
_pdbx_poly_seq_scheme.hetero 
A 1 1   ASN 1   21  ?   ?   ?   A . n 
A 1 2   THR 2   22  ?   ?   ?   A . n 
A 1 3   LYS 3   23  ?   ?   ?   A . n 
A 1 4   LYS 4   24  ?   ?   ?   A . n 
A 1 5   ASN 5   25  ?   ?   ?   A . n 
A 1 6   GLY 6   26  ?   ?   ?   A . n 
A 1 7   ARG 7   27  ?   ?   ?   A . n 
A 1 8   LEU 8   28  ?   ?   ?   A . n 
A 1 9   THR 9   29  29  THR THR A . n 
A 1 10  ASN 10  30  30  ASN ASN A . n 
A 1 11  GLN 11  31  31  GLN GLN A . n 
A 1 12  LEU 12  32  32  LEU LEU A . n 
A 1 13  GLN 13  33  33  GLN GLN A . n 
A 1 14  TYR 14  34  34  TYR TYR A . n 
A 1 15  LEU 15  35  35  LEU LEU A . n 
A 1 16  GLN 16  36  36  GLN GLN A . n 
A 1 17  LYS 17  37  37  LYS LYS A . n 
A 1 18  VAL 18  38  38  VAL VAL A . n 
A 1 19  VAL 19  39  39  VAL VAL A . n 
A 1 20  LEU 20  40  40  LEU LEU A . n 
A 1 21  LYS 21  41  41  LYS LYS A . n 
A 1 22  ASP 22  42  42  ASP ASP A . n 
A 1 23  LEU 23  43  43  LEU LEU A . n 
A 1 24  TRP 24  44  44  TRP TRP A . n 
A 1 25  LYS 25  45  45  LYS LYS A . n 
A 1 26  HIS 26  46  46  HIS HIS A . n 
A 1 27  SER 27  47  47  SER SER A . n 
A 1 28  PHE 28  48  48  PHE PHE A . n 
A 1 29  SER 29  49  49  SER SER A . n 
A 1 30  TRP 30  50  50  TRP TRP A . n 
A 1 31  PRO 31  51  51  PRO PRO A . n 
A 1 32  PHE 32  52  52  PHE PHE A . n 
A 1 33  GLN 33  53  53  GLN GLN A . n 
A 1 34  ARG 34  54  54  ARG ARG A . n 
A 1 35  PRO 35  55  55  PRO PRO A . n 
A 1 36  VAL 36  56  56  VAL VAL A . n 
A 1 37  ASP 37  57  57  ASP ASP A . n 
A 1 38  ALA 38  58  58  ALA ALA A . n 
A 1 39  VAL 39  59  59  VAL VAL A . n 
A 1 40  LYS 40  60  60  LYS LYS A . n 
A 1 41  LEU 41  61  61  LEU LEU A . n 
A 1 42  GLN 42  62  62  GLN GLN A . n 
A 1 43  LEU 43  63  63  LEU LEU A . n 
A 1 44  PRO 44  64  64  PRO PRO A . n 
A 1 45  ASP 45  65  65  ASP ASP A . n 
A 1 46  TYR 46  66  66  TYR TYR A . n 
A 1 47  TYR 47  67  67  TYR TYR A . n 
A 1 48  THR 48  68  68  THR THR A . n 
A 1 49  ILE 49  69  69  ILE ILE A . n 
A 1 50  ILE 50  70  70  ILE ILE A . n 
A 1 51  LYS 51  71  71  LYS LYS A . n 
A 1 52  ASN 52  72  72  ASN ASN A . n 
A 1 53  PRO 53  73  73  PRO PRO A . n 
A 1 54  MET 54  74  74  MET MET A . n 
A 1 55  ASP 55  75  75  ASP ASP A . n 
A 1 56  LEU 56  76  76  LEU LEU A . n 
A 1 57  ASN 57  77  77  ASN ASN A . n 
A 1 58  THR 58  78  78  THR THR A . n 
A 1 59  ILE 59  79  79  ILE ILE A . n 
A 1 60  LYS 60  80  80  LYS LYS A . n 
A 1 61  LYS 61  81  81  LYS LYS A . n 
A 1 62  ARG 62  82  82  ARG ARG A . n 
A 1 63  LEU 63  83  83  LEU LEU A . n 
A 1 64  GLU 64  84  84  GLU GLU A . n 
A 1 65  ASN 65  85  85  ASN ASN A . n 
A 1 66  LYS 66  86  86  LYS LYS A . n 
A 1 67  TYR 67  87  87  TYR TYR A . n 
A 1 68  TYR 68  88  88  TYR TYR A . n 
A 1 69  ALA 69  89  89  ALA ALA A . n 
A 1 70  LYS 70  90  90  LYS LYS A . n 
A 1 71  ALA 71  91  91  ALA ALA A . n 
A 1 72  SER 72  92  92  SER SER A . n 
A 1 73  GLU 73  93  93  GLU GLU A . n 
A 1 74  CYS 74  94  94  CYS CYS A . n 
A 1 75  ILE 75  95  95  ILE ILE A . n 
A 1 76  GLU 76  96  96  GLU GLU A . n 
A 1 77  ASP 77  97  97  ASP ASP A . n 
A 1 78  PHE 78  98  98  PHE PHE A . n 
A 1 79  ASN 79  99  99  ASN ASN A . n 
A 1 80  THR 80  100 100 THR THR A . n 
A 1 81  MET 81  101 101 MET MET A . n 
A 1 82  PHE 82  102 102 PHE PHE A . n 
A 1 83  SER 83  103 103 SER SER A . n 
A 1 84  ASN 84  104 104 ASN ASN A . n 
A 1 85  CYS 85  105 105 CYS CYS A . n 
A 1 86  TYR 86  106 106 TYR TYR A . n 
A 1 87  LEU 87  107 107 LEU LEU A . n 
A 1 88  TYR 88  108 108 TYR TYR A . n 
A 1 89  ASN 89  109 109 ASN ASN A . n 
A 1 90  LYS 90  110 110 LYS LYS A . n 
A 1 91  PRO 91  111 111 PRO PRO A . n 
A 1 92  GLY 92  112 112 GLY GLY A . n 
A 1 93  ASP 93  113 113 ASP ASP A . n 
A 1 94  ASP 94  114 114 ASP ASP A . n 
A 1 95  ILE 95  115 115 ILE ILE A . n 
A 1 96  VAL 96  116 116 VAL VAL A . n 
A 1 97  LEU 97  117 117 LEU LEU A . n 
A 1 98  MET 98  118 118 MET MET A . n 
A 1 99  ALA 99  119 119 ALA ALA A . n 
A 1 100 GLN 100 120 120 GLN GLN A . n 
A 1 101 ALA 101 121 121 ALA ALA A . n 
A 1 102 LEU 102 122 122 LEU LEU A . n 
A 1 103 GLU 103 123 123 GLU GLU A . n 
A 1 104 LYS 104 124 124 LYS LYS A . n 
A 1 105 LEU 105 125 125 LEU LEU A . n 
A 1 106 PHE 106 126 126 PHE PHE A . n 
A 1 107 MET 107 127 127 MET MET A . n 
A 1 108 GLN 108 128 128 GLN GLN A . n 
A 1 109 LYS 109 129 129 LYS LYS A . n 
A 1 110 LEU 110 130 130 LEU LEU A . n 
A 1 111 SER 111 131 131 SER SER A . n 
A 1 112 GLN 112 132 132 GLN GLN A . n 
A 1 113 MET 113 133 133 MET MET A . n 
A 1 114 PRO 114 134 134 PRO PRO A . n 
A 1 115 GLN 115 135 135 GLN GLN A . n 
A 1 116 GLU 116 136 136 GLU GLU A . n 
A 1 117 GLU 117 137 ?   ?   ?   A . n 
# 
loop_
_pdbx_nonpoly_scheme.asym_id 
_pdbx_nonpoly_scheme.entity_id 
_pdbx_nonpoly_scheme.mon_id 
_pdbx_nonpoly_scheme.ndb_seq_num 
_pdbx_nonpoly_scheme.pdb_seq_num 
_pdbx_nonpoly_scheme.auth_seq_num 
_pdbx_nonpoly_scheme.pdb_mon_id 
_pdbx_nonpoly_scheme.auth_mon_id 
_pdbx_nonpoly_scheme.pdb_strand_id 
_pdbx_nonpoly_scheme.pdb_ins_code 
B 2 A1D6J 1   201 1   A1D6J 574 A . 
C 3 EDO   1   202 1   EDO   EDO A . 
D 4 HOH   1   301 53  HOH   HOH A . 
D 4 HOH   2   302 100 HOH   HOH A . 
D 4 HOH   3   303 27  HOH   HOH A . 
D 4 HOH   4   304 70  HOH   HOH A . 
D 4 HOH   5   305 56  HOH   HOH A . 
D 4 HOH   6   306 25  HOH   HOH A . 
D 4 HOH   7   307 35  HOH   HOH A . 
D 4 HOH   8   308 55  HOH   HOH A . 
D 4 HOH   9   309 68  HOH   HOH A . 
D 4 HOH   10  310 17  HOH   HOH A . 
D 4 HOH   11  311 104 HOH   HOH A . 
D 4 HOH   12  312 12  HOH   HOH A . 
D 4 HOH   13  313 87  HOH   HOH A . 
D 4 HOH   14  314 116 HOH   HOH A . 
D 4 HOH   15  315 71  HOH   HOH A . 
D 4 HOH   16  316 86  HOH   HOH A . 
D 4 HOH   17  317 1   HOH   HOH A . 
D 4 HOH   18  318 64  HOH   HOH A . 
D 4 HOH   19  319 82  HOH   HOH A . 
D 4 HOH   20  320 45  HOH   HOH A . 
D 4 HOH   21  321 8   HOH   HOH A . 
D 4 HOH   22  322 29  HOH   HOH A . 
D 4 HOH   23  323 38  HOH   HOH A . 
D 4 HOH   24  324 21  HOH   HOH A . 
D 4 HOH   25  325 60  HOH   HOH A . 
D 4 HOH   26  326 63  HOH   HOH A . 
D 4 HOH   27  327 4   HOH   HOH A . 
D 4 HOH   28  328 36  HOH   HOH A . 
D 4 HOH   29  329 22  HOH   HOH A . 
D 4 HOH   30  330 10  HOH   HOH A . 
D 4 HOH   31  331 13  HOH   HOH A . 
D 4 HOH   32  332 73  HOH   HOH A . 
D 4 HOH   33  333 30  HOH   HOH A . 
D 4 HOH   34  334 44  HOH   HOH A . 
D 4 HOH   35  335 102 HOH   HOH A . 
D 4 HOH   36  336 41  HOH   HOH A . 
D 4 HOH   37  337 108 HOH   HOH A . 
D 4 HOH   38  338 7   HOH   HOH A . 
D 4 HOH   39  339 2   HOH   HOH A . 
D 4 HOH   40  340 46  HOH   HOH A . 
D 4 HOH   41  341 59  HOH   HOH A . 
D 4 HOH   42  342 47  HOH   HOH A . 
D 4 HOH   43  343 6   HOH   HOH A . 
D 4 HOH   44  344 5   HOH   HOH A . 
D 4 HOH   45  345 112 HOH   HOH A . 
D 4 HOH   46  346 81  HOH   HOH A . 
D 4 HOH   47  347 62  HOH   HOH A . 
D 4 HOH   48  348 99  HOH   HOH A . 
D 4 HOH   49  349 57  HOH   HOH A . 
D 4 HOH   50  350 77  HOH   HOH A . 
D 4 HOH   51  351 40  HOH   HOH A . 
D 4 HOH   52  352 9   HOH   HOH A . 
D 4 HOH   53  353 90  HOH   HOH A . 
D 4 HOH   54  354 79  HOH   HOH A . 
D 4 HOH   55  355 84  HOH   HOH A . 
D 4 HOH   56  356 109 HOH   HOH A . 
D 4 HOH   57  357 94  HOH   HOH A . 
D 4 HOH   58  358 31  HOH   HOH A . 
D 4 HOH   59  359 85  HOH   HOH A . 
D 4 HOH   60  360 3   HOH   HOH A . 
D 4 HOH   61  361 106 HOH   HOH A . 
D 4 HOH   62  362 15  HOH   HOH A . 
D 4 HOH   63  363 34  HOH   HOH A . 
D 4 HOH   64  364 88  HOH   HOH A . 
D 4 HOH   65  365 50  HOH   HOH A . 
D 4 HOH   66  366 76  HOH   HOH A . 
D 4 HOH   67  367 93  HOH   HOH A . 
D 4 HOH   68  368 18  HOH   HOH A . 
D 4 HOH   69  369 11  HOH   HOH A . 
D 4 HOH   70  370 43  HOH   HOH A . 
D 4 HOH   71  371 58  HOH   HOH A . 
D 4 HOH   72  372 14  HOH   HOH A . 
D 4 HOH   73  373 20  HOH   HOH A . 
D 4 HOH   74  374 26  HOH   HOH A . 
D 4 HOH   75  375 28  HOH   HOH A . 
D 4 HOH   76  376 98  HOH   HOH A . 
D 4 HOH   77  377 65  HOH   HOH A . 
D 4 HOH   78  378 32  HOH   HOH A . 
D 4 HOH   79  379 16  HOH   HOH A . 
D 4 HOH   80  380 49  HOH   HOH A . 
D 4 HOH   81  381 101 HOH   HOH A . 
D 4 HOH   82  382 75  HOH   HOH A . 
D 4 HOH   83  383 95  HOH   HOH A . 
D 4 HOH   84  384 37  HOH   HOH A . 
D 4 HOH   85  385 23  HOH   HOH A . 
D 4 HOH   86  386 89  HOH   HOH A . 
D 4 HOH   87  387 80  HOH   HOH A . 
D 4 HOH   88  388 103 HOH   HOH A . 
D 4 HOH   89  389 111 HOH   HOH A . 
D 4 HOH   90  390 54  HOH   HOH A . 
D 4 HOH   91  391 115 HOH   HOH A . 
D 4 HOH   92  392 24  HOH   HOH A . 
D 4 HOH   93  393 61  HOH   HOH A . 
D 4 HOH   94  394 51  HOH   HOH A . 
D 4 HOH   95  395 113 HOH   HOH A . 
D 4 HOH   96  396 19  HOH   HOH A . 
D 4 HOH   97  397 42  HOH   HOH A . 
D 4 HOH   98  398 74  HOH   HOH A . 
D 4 HOH   99  399 66  HOH   HOH A . 
D 4 HOH   100 400 52  HOH   HOH A . 
D 4 HOH   101 401 91  HOH   HOH A . 
D 4 HOH   102 402 92  HOH   HOH A . 
D 4 HOH   103 403 114 HOH   HOH A . 
D 4 HOH   104 404 69  HOH   HOH A . 
D 4 HOH   105 405 78  HOH   HOH A . 
D 4 HOH   106 406 48  HOH   HOH A . 
D 4 HOH   107 407 105 HOH   HOH A . 
D 4 HOH   108 408 107 HOH   HOH A . 
D 4 HOH   109 409 67  HOH   HOH A . 
D 4 HOH   110 410 97  HOH   HOH A . 
D 4 HOH   111 411 110 HOH   HOH A . 
D 4 HOH   112 412 96  HOH   HOH A . 
D 4 HOH   113 413 72  HOH   HOH A . 
D 4 HOH   114 414 39  HOH   HOH A . 
D 4 HOH   115 415 33  HOH   HOH A . 
# 
loop_
_software.citation_id 
_software.classification 
_software.compiler_name 
_software.compiler_version 
_software.contact_author 
_software.contact_author_email 
_software.date 
_software.description 
_software.dependencies 
_software.hardware 
_software.language 
_software.location 
_software.mods 
_software.name 
_software.os 
_software.os_version 
_software.type 
_software.version 
_software.pdbx_ordinal 
? refinement       ? ? ? ? ? ? ? ? ? ? ? REFMAC  ? ? ? 5.8.0267 1 
? 'data reduction' ? ? ? ? ? ? ? ? ? ? ? XDS     ? ? ? .        2 
? 'data scaling'   ? ? ? ? ? ? ? ? ? ? ? Aimless ? ? ? .        3 
? phasing          ? ? ? ? ? ? ? ? ? ? ? PHASER  ? ? ? .        4 
# 
_cell.angle_alpha                  90.000 
_cell.angle_alpha_esd              ? 
_cell.angle_beta                   90.000 
_cell.angle_beta_esd               ? 
_cell.angle_gamma                  90.000 
_cell.angle_gamma_esd              ? 
_cell.entry_id                     8YHS 
_cell.details                      ? 
_cell.formula_units_Z              ? 
_cell.length_a                     34.567 
_cell.length_a_esd                 ? 
_cell.length_b                     44.380 
_cell.length_b_esd                 ? 
_cell.length_c                     72.125 
_cell.length_c_esd                 ? 
_cell.volume                       ? 
_cell.volume_esd                   ? 
_cell.Z_PDB                        4 
_cell.reciprocal_angle_alpha       ? 
_cell.reciprocal_angle_beta        ? 
_cell.reciprocal_angle_gamma       ? 
_cell.reciprocal_angle_alpha_esd   ? 
_cell.reciprocal_angle_beta_esd    ? 
_cell.reciprocal_angle_gamma_esd   ? 
_cell.reciprocal_length_a          ? 
_cell.reciprocal_length_b          ? 
_cell.reciprocal_length_c          ? 
_cell.reciprocal_length_a_esd      ? 
_cell.reciprocal_length_b_esd      ? 
_cell.reciprocal_length_c_esd      ? 
_cell.pdbx_unique_axis             ? 
_cell.pdbx_esd_method              ? 
# 
_symmetry.entry_id                         8YHS 
_symmetry.cell_setting                     ? 
_symmetry.Int_Tables_number                19 
_symmetry.space_group_name_Hall            ? 
_symmetry.space_group_name_H-M             'P 21 21 21' 
_symmetry.pdbx_full_space_group_name_H-M   ? 
# 
_exptl.absorpt_coefficient_mu     ? 
_exptl.absorpt_correction_T_max   ? 
_exptl.absorpt_correction_T_min   ? 
_exptl.absorpt_correction_type    ? 
_exptl.absorpt_process_details    ? 
_exptl.entry_id                   8YHS 
_exptl.crystals_number            1 
_exptl.details                    ? 
_exptl.method                     'X-RAY DIFFRACTION' 
_exptl.method_details             ? 
# 
_exptl_crystal.colour                       ? 
_exptl_crystal.density_diffrn               ? 
_exptl_crystal.density_Matthews             2.14 
_exptl_crystal.density_method               ? 
_exptl_crystal.density_percent_sol          37.98 
_exptl_crystal.description                  ? 
_exptl_crystal.F_000                        ? 
_exptl_crystal.id                           1 
_exptl_crystal.preparation                  ? 
_exptl_crystal.size_max                     ? 
_exptl_crystal.size_mid                     ? 
_exptl_crystal.size_min                     ? 
_exptl_crystal.size_rad                     ? 
_exptl_crystal.colour_lustre                ? 
_exptl_crystal.colour_modifier              ? 
_exptl_crystal.colour_primary               ? 
_exptl_crystal.density_meas                 ? 
_exptl_crystal.density_meas_esd             ? 
_exptl_crystal.density_meas_gt              ? 
_exptl_crystal.density_meas_lt              ? 
_exptl_crystal.density_meas_temp            ? 
_exptl_crystal.density_meas_temp_esd        ? 
_exptl_crystal.density_meas_temp_gt         ? 
_exptl_crystal.density_meas_temp_lt         ? 
_exptl_crystal.pdbx_crystal_image_url       ? 
_exptl_crystal.pdbx_crystal_image_format    ? 
_exptl_crystal.pdbx_mosaicity               ? 
_exptl_crystal.pdbx_mosaicity_esd           ? 
_exptl_crystal.pdbx_mosaic_method           ? 
_exptl_crystal.pdbx_mosaic_block_size       ? 
_exptl_crystal.pdbx_mosaic_block_size_esd   ? 
# 
_exptl_crystal_grow.apparatus       ? 
_exptl_crystal_grow.atmosphere      ? 
_exptl_crystal_grow.crystal_id      1 
_exptl_crystal_grow.details         ? 
_exptl_crystal_grow.method          'VAPOR DIFFUSION, SITTING DROP' 
_exptl_crystal_grow.method_ref      ? 
_exptl_crystal_grow.pH              ? 
_exptl_crystal_grow.pressure        ? 
_exptl_crystal_grow.pressure_esd    ? 
_exptl_crystal_grow.seeding         ? 
_exptl_crystal_grow.seeding_ref     ? 
_exptl_crystal_grow.temp_details    ? 
_exptl_crystal_grow.temp_esd        ? 
_exptl_crystal_grow.time            ? 
_exptl_crystal_grow.pdbx_details    '18 % PEG 3350, 0.1 M CAPSO 9.0, 17 %  PEG 400, 4.8 % 2-Propanol' 
_exptl_crystal_grow.pdbx_pH_range   ? 
_exptl_crystal_grow.temp            293 
# 
_diffrn.ambient_environment              ? 
_diffrn.ambient_temp                     100 
_diffrn.ambient_temp_details             ? 
_diffrn.ambient_temp_esd                 ? 
_diffrn.crystal_id                       1 
_diffrn.crystal_support                  ? 
_diffrn.crystal_treatment                ? 
_diffrn.details                          ? 
_diffrn.id                               1 
_diffrn.ambient_pressure                 ? 
_diffrn.ambient_pressure_esd             ? 
_diffrn.ambient_pressure_gt              ? 
_diffrn.ambient_pressure_lt              ? 
_diffrn.ambient_temp_gt                  ? 
_diffrn.ambient_temp_lt                  ? 
_diffrn.pdbx_serial_crystal_experiment   N 
# 
_diffrn_detector.details                      ? 
_diffrn_detector.detector                     PIXEL 
_diffrn_detector.diffrn_id                    1 
_diffrn_detector.type                         'DECTRIS PILATUS3 6M' 
_diffrn_detector.area_resol_mean              ? 
_diffrn_detector.dtime                        ? 
_diffrn_detector.pdbx_frames_total            ? 
_diffrn_detector.pdbx_collection_time_total   ? 
_diffrn_detector.pdbx_collection_date         2022-06-04 
_diffrn_detector.pdbx_frequency               ? 
_diffrn_detector.id                           ? 
_diffrn_detector.number_of_axes               ? 
# 
_diffrn_radiation.collimation                      ? 
_diffrn_radiation.diffrn_id                        1 
_diffrn_radiation.filter_edge                      ? 
_diffrn_radiation.inhomogeneity                    ? 
_diffrn_radiation.monochromator                    ? 
_diffrn_radiation.polarisn_norm                    ? 
_diffrn_radiation.polarisn_ratio                   ? 
_diffrn_radiation.probe                            ? 
_diffrn_radiation.type                             ? 
_diffrn_radiation.xray_symbol                      ? 
_diffrn_radiation.wavelength_id                    1 
_diffrn_radiation.pdbx_monochromatic_or_laue_m_l   M 
_diffrn_radiation.pdbx_wavelength_list             ? 
_diffrn_radiation.pdbx_wavelength                  ? 
_diffrn_radiation.pdbx_diffrn_protocol             'SINGLE WAVELENGTH' 
_diffrn_radiation.pdbx_analyzer                    ? 
_diffrn_radiation.pdbx_scattering_type             x-ray 
# 
_diffrn_radiation_wavelength.id           1 
_diffrn_radiation_wavelength.wavelength   1.00000 
_diffrn_radiation_wavelength.wt           1.0 
# 
_diffrn_source.current                     ? 
_diffrn_source.details                     ? 
_diffrn_source.diffrn_id                   1 
_diffrn_source.power                       ? 
_diffrn_source.size                        ? 
_diffrn_source.source                      SYNCHROTRON 
_diffrn_source.target                      ? 
_diffrn_source.type                        'SPRING-8 BEAMLINE BL45XU' 
_diffrn_source.voltage                     ? 
_diffrn_source.take-off_angle              ? 
_diffrn_source.pdbx_wavelength_list        1.00000 
_diffrn_source.pdbx_wavelength             ? 
_diffrn_source.pdbx_synchrotron_beamline   BL45XU 
_diffrn_source.pdbx_synchrotron_site       SPring-8 
# 
_reflns.B_iso_Wilson_estimate                          ? 
_reflns.entry_id                                       8YHS 
_reflns.data_reduction_details                         ? 
_reflns.data_reduction_method                          ? 
_reflns.d_resolution_high                              1.50 
_reflns.d_resolution_low                               44.38 
_reflns.details                                        ? 
_reflns.limit_h_max                                    ? 
_reflns.limit_h_min                                    ? 
_reflns.limit_k_max                                    ? 
_reflns.limit_k_min                                    ? 
_reflns.limit_l_max                                    ? 
_reflns.limit_l_min                                    ? 
_reflns.number_all                                     ? 
_reflns.number_obs                                     18434 
_reflns.observed_criterion                             ? 
_reflns.observed_criterion_F_max                       ? 
_reflns.observed_criterion_F_min                       ? 
_reflns.observed_criterion_I_max                       ? 
_reflns.observed_criterion_I_min                       ? 
_reflns.observed_criterion_sigma_F                     ? 
_reflns.observed_criterion_sigma_I                     ? 
_reflns.percent_possible_obs                           100 
_reflns.R_free_details                                 ? 
_reflns.Rmerge_F_all                                   ? 
_reflns.Rmerge_F_obs                                   ? 
_reflns.Friedel_coverage                               ? 
_reflns.number_gt                                      ? 
_reflns.threshold_expression                           ? 
_reflns.pdbx_redundancy                                7.8 
_reflns.pdbx_netI_over_av_sigmaI                       ? 
_reflns.pdbx_netI_over_sigmaI                          12.8 
_reflns.pdbx_res_netI_over_av_sigmaI_2                 ? 
_reflns.pdbx_res_netI_over_sigmaI_2                    ? 
_reflns.pdbx_chi_squared                               ? 
_reflns.pdbx_scaling_rejects                           ? 
_reflns.pdbx_d_res_high_opt                            ? 
_reflns.pdbx_d_res_low_opt                             ? 
_reflns.pdbx_d_res_opt_method                          ? 
_reflns.phase_calculation_details                      ? 
_reflns.pdbx_Rrim_I_all                                ? 
_reflns.pdbx_Rpim_I_all                                ? 
_reflns.pdbx_d_opt                                     ? 
_reflns.pdbx_number_measured_all                       ? 
_reflns.pdbx_diffrn_id                                 1 
_reflns.pdbx_ordinal                                   1 
_reflns.pdbx_CC_half                                   ? 
_reflns.pdbx_CC_star                                   ? 
_reflns.pdbx_R_split                                   ? 
_reflns.pdbx_Rmerge_I_obs                              0.093 
_reflns.pdbx_Rmerge_I_all                              ? 
_reflns.pdbx_Rsym_value                                ? 
_reflns.pdbx_CC_split_method                           ? 
_reflns.pdbx_aniso_diffraction_limit_axis_1_ortho[1]   ? 
_reflns.pdbx_aniso_diffraction_limit_axis_1_ortho[2]   ? 
_reflns.pdbx_aniso_diffraction_limit_axis_1_ortho[3]   ? 
_reflns.pdbx_aniso_diffraction_limit_axis_2_ortho[1]   ? 
_reflns.pdbx_aniso_diffraction_limit_axis_2_ortho[2]   ? 
_reflns.pdbx_aniso_diffraction_limit_axis_2_ortho[3]   ? 
_reflns.pdbx_aniso_diffraction_limit_axis_3_ortho[1]   ? 
_reflns.pdbx_aniso_diffraction_limit_axis_3_ortho[2]   ? 
_reflns.pdbx_aniso_diffraction_limit_axis_3_ortho[3]   ? 
_reflns.pdbx_aniso_diffraction_limit_1                 ? 
_reflns.pdbx_aniso_diffraction_limit_2                 ? 
_reflns.pdbx_aniso_diffraction_limit_3                 ? 
_reflns.pdbx_aniso_B_tensor_eigenvector_1_ortho[1]     ? 
_reflns.pdbx_aniso_B_tensor_eigenvector_1_ortho[2]     ? 
_reflns.pdbx_aniso_B_tensor_eigenvector_1_ortho[3]     ? 
_reflns.pdbx_aniso_B_tensor_eigenvector_2_ortho[1]     ? 
_reflns.pdbx_aniso_B_tensor_eigenvector_2_ortho[2]     ? 
_reflns.pdbx_aniso_B_tensor_eigenvector_2_ortho[3]     ? 
_reflns.pdbx_aniso_B_tensor_eigenvector_3_ortho[1]     ? 
_reflns.pdbx_aniso_B_tensor_eigenvector_3_ortho[2]     ? 
_reflns.pdbx_aniso_B_tensor_eigenvector_3_ortho[3]     ? 
_reflns.pdbx_aniso_B_tensor_eigenvalue_1               ? 
_reflns.pdbx_aniso_B_tensor_eigenvalue_2               ? 
_reflns.pdbx_aniso_B_tensor_eigenvalue_3               ? 
_reflns.pdbx_orthogonalization_convention              ? 
_reflns.pdbx_percent_possible_ellipsoidal              ? 
_reflns.pdbx_percent_possible_spherical                ? 
_reflns.pdbx_percent_possible_ellipsoidal_anomalous    ? 
_reflns.pdbx_percent_possible_spherical_anomalous      ? 
_reflns.pdbx_redundancy_anomalous                      ? 
_reflns.pdbx_CC_half_anomalous                         ? 
_reflns.pdbx_absDiff_over_sigma_anomalous              ? 
_reflns.pdbx_percent_possible_anomalous                ? 
_reflns.pdbx_observed_signal_threshold                 ? 
_reflns.pdbx_signal_type                               ? 
_reflns.pdbx_signal_details                            ? 
_reflns.pdbx_signal_software_id                        ? 
# 
_reflns_shell.d_res_high                                    1.50 
_reflns_shell.d_res_low                                     1.53 
_reflns_shell.meanI_over_sigI_all                           ? 
_reflns_shell.meanI_over_sigI_obs                           ? 
_reflns_shell.number_measured_all                           ? 
_reflns_shell.number_measured_obs                           ? 
_reflns_shell.number_possible                               ? 
_reflns_shell.number_unique_all                             ? 
_reflns_shell.number_unique_obs                             881 
_reflns_shell.percent_possible_obs                          ? 
_reflns_shell.Rmerge_F_all                                  ? 
_reflns_shell.Rmerge_F_obs                                  ? 
_reflns_shell.meanI_over_sigI_gt                            ? 
_reflns_shell.meanI_over_uI_all                             ? 
_reflns_shell.meanI_over_uI_gt                              ? 
_reflns_shell.number_measured_gt                            ? 
_reflns_shell.number_unique_gt                              ? 
_reflns_shell.percent_possible_gt                           ? 
_reflns_shell.Rmerge_F_gt                                   ? 
_reflns_shell.Rmerge_I_gt                                   ? 
_reflns_shell.pdbx_redundancy                               ? 
_reflns_shell.pdbx_chi_squared                              ? 
_reflns_shell.pdbx_netI_over_sigmaI_all                     ? 
_reflns_shell.pdbx_netI_over_sigmaI_obs                     ? 
_reflns_shell.pdbx_Rrim_I_all                               ? 
_reflns_shell.pdbx_Rpim_I_all                               ? 
_reflns_shell.pdbx_rejects                                  ? 
_reflns_shell.pdbx_ordinal                                  1 
_reflns_shell.pdbx_diffrn_id                                1 
_reflns_shell.pdbx_CC_half                                  ? 
_reflns_shell.pdbx_CC_star                                  ? 
_reflns_shell.pdbx_R_split                                  ? 
_reflns_shell.percent_possible_all                          ? 
_reflns_shell.Rmerge_I_all                                  ? 
_reflns_shell.Rmerge_I_obs                                  0.879 
_reflns_shell.pdbx_Rsym_value                               ? 
_reflns_shell.pdbx_percent_possible_ellipsoidal             ? 
_reflns_shell.pdbx_percent_possible_spherical               ? 
_reflns_shell.pdbx_percent_possible_ellipsoidal_anomalous   ? 
_reflns_shell.pdbx_percent_possible_spherical_anomalous     ? 
_reflns_shell.pdbx_redundancy_anomalous                     ? 
_reflns_shell.pdbx_CC_half_anomalous                        ? 
_reflns_shell.pdbx_absDiff_over_sigma_anomalous             ? 
_reflns_shell.pdbx_percent_possible_anomalous               ? 
# 
_refine.aniso_B[1][1]                            -1.917 
_refine.aniso_B[1][2]                            -0.000 
_refine.aniso_B[1][3]                            -0.000 
_refine.aniso_B[2][2]                            -1.675 
_refine.aniso_B[2][3]                            0.000 
_refine.aniso_B[3][3]                            3.592 
_refine.B_iso_max                                ? 
_refine.B_iso_mean                               20.510 
_refine.B_iso_min                                ? 
_refine.correlation_coeff_Fo_to_Fc               0.967 
_refine.correlation_coeff_Fo_to_Fc_free          0.948 
_refine.details                                  'Hydrogens have been added in their riding positions' 
_refine.diff_density_max                         ? 
_refine.diff_density_max_esd                     ? 
_refine.diff_density_min                         ? 
_refine.diff_density_min_esd                     ? 
_refine.diff_density_rms                         ? 
_refine.diff_density_rms_esd                     ? 
_refine.entry_id                                 8YHS 
_refine.pdbx_refine_id                           'X-RAY DIFFRACTION' 
_refine.ls_abs_structure_details                 ? 
_refine.ls_abs_structure_Flack                   ? 
_refine.ls_abs_structure_Flack_esd               ? 
_refine.ls_abs_structure_Rogers                  ? 
_refine.ls_abs_structure_Rogers_esd              ? 
_refine.ls_d_res_high                            1.500 
_refine.ls_d_res_low                             37.798 
_refine.ls_extinction_coef                       ? 
_refine.ls_extinction_coef_esd                   ? 
_refine.ls_extinction_expression                 ? 
_refine.ls_extinction_method                     ? 
_refine.ls_goodness_of_fit_all                   ? 
_refine.ls_goodness_of_fit_all_esd               ? 
_refine.ls_goodness_of_fit_obs                   ? 
_refine.ls_goodness_of_fit_obs_esd               ? 
_refine.ls_hydrogen_treatment                    ? 
_refine.ls_matrix_type                           ? 
_refine.ls_number_constraints                    ? 
_refine.ls_number_parameters                     ? 
_refine.ls_number_reflns_all                     ? 
_refine.ls_number_reflns_obs                     18383 
_refine.ls_number_reflns_R_free                  916 
_refine.ls_number_reflns_R_work                  17467 
_refine.ls_number_restraints                     ? 
_refine.ls_percent_reflns_obs                    99.956 
_refine.ls_percent_reflns_R_free                 4.983 
_refine.ls_R_factor_all                          0.186 
_refine.ls_R_factor_obs                          ? 
_refine.ls_R_factor_R_free                       0.2217 
_refine.ls_R_factor_R_free_error                 ? 
_refine.ls_R_factor_R_free_error_details         ? 
_refine.ls_R_factor_R_work                       0.1845 
_refine.ls_R_Fsqd_factor_obs                     ? 
_refine.ls_R_I_factor_obs                        ? 
_refine.ls_redundancy_reflns_all                 ? 
_refine.ls_redundancy_reflns_obs                 ? 
_refine.ls_restrained_S_all                      ? 
_refine.ls_restrained_S_obs                      ? 
_refine.ls_shift_over_esd_max                    ? 
_refine.ls_shift_over_esd_mean                   ? 
_refine.ls_structure_factor_coef                 ? 
_refine.ls_weighting_details                     ? 
_refine.ls_weighting_scheme                      ? 
_refine.ls_wR_factor_all                         ? 
_refine.ls_wR_factor_obs                         ? 
_refine.ls_wR_factor_R_free                      ? 
_refine.ls_wR_factor_R_work                      ? 
_refine.occupancy_max                            ? 
_refine.occupancy_min                            ? 
_refine.solvent_model_details                    'MASK BULK SOLVENT' 
_refine.solvent_model_param_bsol                 ? 
_refine.solvent_model_param_ksol                 ? 
_refine.pdbx_R_complete                          ? 
_refine.ls_R_factor_gt                           ? 
_refine.ls_goodness_of_fit_gt                    ? 
_refine.ls_goodness_of_fit_ref                   ? 
_refine.ls_shift_over_su_max                     ? 
_refine.ls_shift_over_su_max_lt                  ? 
_refine.ls_shift_over_su_mean                    ? 
_refine.ls_shift_over_su_mean_lt                 ? 
_refine.pdbx_ls_sigma_I                          ? 
_refine.pdbx_ls_sigma_F                          ? 
_refine.pdbx_ls_sigma_Fsqd                       ? 
_refine.pdbx_data_cutoff_high_absF               ? 
_refine.pdbx_data_cutoff_high_rms_absF           ? 
_refine.pdbx_data_cutoff_low_absF                ? 
_refine.pdbx_isotropic_thermal_model             ? 
_refine.pdbx_ls_cross_valid_method               'FREE R-VALUE' 
_refine.pdbx_method_to_determine_struct          'MOLECULAR REPLACEMENT' 
_refine.pdbx_starting_model                      ? 
_refine.pdbx_stereochemistry_target_values       ? 
_refine.pdbx_R_Free_selection_details            ? 
_refine.pdbx_stereochem_target_val_spec_case     ? 
_refine.pdbx_overall_ESU_R                       0.082 
_refine.pdbx_overall_ESU_R_Free                  0.085 
_refine.pdbx_solvent_vdw_probe_radii             1.200 
_refine.pdbx_solvent_ion_probe_radii             0.800 
_refine.pdbx_solvent_shrinkage_radii             0.800 
_refine.pdbx_real_space_R                        ? 
_refine.pdbx_density_correlation                 ? 
_refine.pdbx_pd_number_of_powder_patterns        ? 
_refine.pdbx_pd_number_of_points                 ? 
_refine.pdbx_pd_meas_number_of_points            ? 
_refine.pdbx_pd_proc_ls_prof_R_factor            ? 
_refine.pdbx_pd_proc_ls_prof_wR_factor           ? 
_refine.pdbx_pd_Marquardt_correlation_coeff      ? 
_refine.pdbx_pd_Fsqrd_R_factor                   ? 
_refine.pdbx_pd_ls_matrix_band_width             ? 
_refine.pdbx_overall_phase_error                 ? 
_refine.pdbx_overall_SU_R_free_Cruickshank_DPI   ? 
_refine.pdbx_overall_SU_R_free_Blow_DPI          ? 
_refine.pdbx_overall_SU_R_Blow_DPI               ? 
_refine.pdbx_TLS_residual_ADP_flag               ? 
_refine.pdbx_diffrn_id                           1 
_refine.overall_SU_B                             2.448 
_refine.overall_SU_ML                            0.081 
_refine.overall_SU_R_Cruickshank_DPI             ? 
_refine.overall_SU_R_free                        ? 
_refine.overall_FOM_free_R_set                   ? 
_refine.overall_FOM_work_R_set                   ? 
_refine.pdbx_average_fsc_overall                 ? 
_refine.pdbx_average_fsc_work                    ? 
_refine.pdbx_average_fsc_free                    ? 
# 
_refine_hist.pdbx_refine_id                   'X-RAY DIFFRACTION' 
_refine_hist.cycle_id                         LAST 
_refine_hist.details                          ? 
_refine_hist.d_res_high                       1.500 
_refine_hist.d_res_low                        37.798 
_refine_hist.number_atoms_solvent             115 
_refine_hist.number_atoms_total               1056 
_refine_hist.number_reflns_all                ? 
_refine_hist.number_reflns_obs                ? 
_refine_hist.number_reflns_R_free             ? 
_refine_hist.number_reflns_R_work             ? 
_refine_hist.R_factor_all                     ? 
_refine_hist.R_factor_obs                     ? 
_refine_hist.R_factor_R_free                  ? 
_refine_hist.R_factor_R_work                  ? 
_refine_hist.pdbx_number_residues_total       ? 
_refine_hist.pdbx_B_iso_mean_ligand           ? 
_refine_hist.pdbx_B_iso_mean_solvent          ? 
_refine_hist.pdbx_number_atoms_protein        905 
_refine_hist.pdbx_number_atoms_nucleic_acid   0 
_refine_hist.pdbx_number_atoms_ligand         36 
_refine_hist.pdbx_number_atoms_lipid          ? 
_refine_hist.pdbx_number_atoms_carb           ? 
_refine_hist.pdbx_pseudo_atom_details         ? 
# 
loop_
_refine_ls_restr.pdbx_refine_id 
_refine_ls_restr.criterion 
_refine_ls_restr.dev_ideal 
_refine_ls_restr.dev_ideal_target 
_refine_ls_restr.number 
_refine_ls_restr.rejects 
_refine_ls_restr.type 
_refine_ls_restr.weight 
_refine_ls_restr.pdbx_restraint_function 
'X-RAY DIFFRACTION' ? 0.010  0.013  1020 ? r_bond_refined_d               ? ? 
'X-RAY DIFFRACTION' ? 0.001  0.016  967  ? r_bond_other_d                 ? ? 
'X-RAY DIFFRACTION' ? 1.527  1.658  1387 ? r_angle_refined_deg            ? ? 
'X-RAY DIFFRACTION' ? 1.359  1.582  2236 ? r_angle_other_deg              ? ? 
'X-RAY DIFFRACTION' ? 5.617  5.000  113  ? r_dihedral_angle_1_deg         ? ? 
'X-RAY DIFFRACTION' ? 32.140 25.306 49   ? r_dihedral_angle_2_deg         ? ? 
'X-RAY DIFFRACTION' ? 13.578 15.000 183  ? r_dihedral_angle_3_deg         ? ? 
'X-RAY DIFFRACTION' ? 13.871 15.000 2    ? r_dihedral_angle_4_deg         ? ? 
'X-RAY DIFFRACTION' ? 0.088  0.200  123  ? r_chiral_restr                 ? ? 
'X-RAY DIFFRACTION' ? 0.010  0.020  1115 ? r_gen_planes_refined           ? ? 
'X-RAY DIFFRACTION' ? 0.001  0.020  231  ? r_gen_planes_other             ? ? 
'X-RAY DIFFRACTION' ? 0.209  0.200  208  ? r_nbd_refined                  ? ? 
'X-RAY DIFFRACTION' ? 0.157  0.200  812  ? r_symmetry_nbd_other           ? ? 
'X-RAY DIFFRACTION' ? 0.182  0.200  443  ? r_nbtor_refined                ? ? 
'X-RAY DIFFRACTION' ? 0.079  0.200  411  ? r_symmetry_nbtor_other         ? ? 
'X-RAY DIFFRACTION' ? 0.181  0.200  74   ? r_xyhbond_nbd_refined          ? ? 
'X-RAY DIFFRACTION' ? 0.142  0.200  1    ? r_symmetry_xyhbond_nbd_other   ? ? 
'X-RAY DIFFRACTION' ? 0.165  0.200  13   ? r_symmetry_nbd_refined         ? ? 
'X-RAY DIFFRACTION' ? 0.203  0.200  69   ? r_nbd_other                    ? ? 
'X-RAY DIFFRACTION' ? 0.154  0.200  12   ? r_symmetry_xyhbond_nbd_refined ? ? 
'X-RAY DIFFRACTION' ? 1.707  1.797  437  ? r_mcbond_it                    ? ? 
'X-RAY DIFFRACTION' ? 1.706  1.795  436  ? r_mcbond_other                 ? ? 
'X-RAY DIFFRACTION' ? 2.583  2.685  546  ? r_mcangle_it                   ? ? 
'X-RAY DIFFRACTION' ? 2.581  2.688  547  ? r_mcangle_other                ? ? 
'X-RAY DIFFRACTION' ? 2.722  2.127  583  ? r_scbond_it                    ? ? 
'X-RAY DIFFRACTION' ? 2.719  2.130  584  ? r_scbond_other                 ? ? 
'X-RAY DIFFRACTION' ? 4.321  3.033  838  ? r_scangle_it                   ? ? 
'X-RAY DIFFRACTION' ? 4.319  3.037  839  ? r_scangle_other                ? ? 
'X-RAY DIFFRACTION' ? 5.755  21.150 1254 ? r_lrange_it                    ? ? 
'X-RAY DIFFRACTION' ? 5.722  20.693 1233 ? r_lrange_other                 ? ? 
# 
loop_
_refine_ls_shell.pdbx_refine_id 
_refine_ls_shell.d_res_high 
_refine_ls_shell.d_res_low 
_refine_ls_shell.number_reflns_all 
_refine_ls_shell.number_reflns_obs 
_refine_ls_shell.number_reflns_R_free 
_refine_ls_shell.number_reflns_R_work 
_refine_ls_shell.percent_reflns_obs 
_refine_ls_shell.percent_reflns_R_free 
_refine_ls_shell.R_factor_all 
_refine_ls_shell.R_factor_obs 
_refine_ls_shell.R_factor_R_free_error 
_refine_ls_shell.R_factor_R_work 
_refine_ls_shell.redundancy_reflns_all 
_refine_ls_shell.redundancy_reflns_obs 
_refine_ls_shell.wR_factor_all 
_refine_ls_shell.wR_factor_obs 
_refine_ls_shell.wR_factor_R_free 
_refine_ls_shell.wR_factor_R_work 
_refine_ls_shell.pdbx_R_complete 
_refine_ls_shell.pdbx_total_number_of_bins_used 
_refine_ls_shell.pdbx_phase_error 
_refine_ls_shell.pdbx_fsc_work 
_refine_ls_shell.pdbx_fsc_free 
_refine_ls_shell.R_factor_R_free 
'X-RAY DIFFRACTION' 1.500 1.539  1322 . 74 1248 100.0000 . 0.305 . . 0.305 . . . . . 0.272 . 20 . 0.522 0.523 0.314 
'X-RAY DIFFRACTION' 1.539 1.581  1301 . 62 1238 99.9231  . 0.300 . . 0.299 . . . . . 0.263 . 20 . 0.491 0.468 0.312 
'X-RAY DIFFRACTION' 1.581 1.627  1251 . 65 1186 100.0000 . 0.285 . . 0.284 . . . . . 0.246 . 20 . 0.555 0.532 0.302 
'X-RAY DIFFRACTION' 1.627 1.677  1235 . 58 1177 100.0000 . 0.255 . . 0.253 . . . . . 0.218 . 20 . 0.696 0.623 0.315 
'X-RAY DIFFRACTION' 1.677 1.732  1211 . 58 1153 100.0000 . 0.232 . . 0.231 . . . . . 0.200 . 20 . 0.812 0.775 0.253 
'X-RAY DIFFRACTION' 1.732 1.792  1147 . 56 1091 100.0000 . 0.219 . . 0.218 . . . . . 0.193 . 20 . 0.868 0.865 0.223 
'X-RAY DIFFRACTION' 1.792 1.860  1117 . 50 1066 99.9105  . 0.198 . . 0.194 . . . . . 0.172 . 20 . 0.915 0.895 0.267 
'X-RAY DIFFRACTION' 1.860 1.936  1090 . 54 1036 100.0000 . 0.191 . . 0.192 . . . . . 0.171 . 20 . 0.929 0.937 0.184 
'X-RAY DIFFRACTION' 1.936 2.021  1031 . 51 979  99.9030  . 0.181 . . 0.179 . . . . . 0.161 . 20 . 0.940 0.925 0.221 
'X-RAY DIFFRACTION' 2.021 2.120  992  . 44 947  99.8992  . 0.175 . . 0.173 . . . . . 0.158 . 20 . 0.958 0.960 0.203 
'X-RAY DIFFRACTION' 2.120 2.234  947  . 50 897  100.0000 . 0.163 . . 0.161 . . . . . 0.151 . 20 . 0.960 0.955 0.190 
'X-RAY DIFFRACTION' 2.234 2.369  897  . 50 847  100.0000 . 0.163 . . 0.159 . . . . . 0.150 . 20 . 0.957 0.940 0.239 
'X-RAY DIFFRACTION' 2.369 2.532  847  . 49 798  100.0000 . 0.179 . . 0.181 . . . . . 0.171 . 20 . 0.955 0.959 0.159 
'X-RAY DIFFRACTION' 2.532 2.734  801  . 38 763  100.0000 . 0.151 . . 0.148 . . . . . 0.145 . 20 . 0.969 0.951 0.221 
'X-RAY DIFFRACTION' 2.734 2.993  728  . 28 699  99.8626  . 0.162 . . 0.161 . . . . . 0.158 . 20 . 0.966 0.953 0.187 
'X-RAY DIFFRACTION' 2.993 3.344  676  . 41 634  99.8521  . 0.169 . . 0.165 . . . . . 0.166 . 20 . 0.962 0.945 0.226 
'X-RAY DIFFRACTION' 3.344 3.856  608  . 22 586  100.0000 . 0.159 . . 0.158 . . . . . 0.166 . 20 . 0.965 0.957 0.191 
'X-RAY DIFFRACTION' 3.856 4.710  516  . 31 484  99.8062  . 0.149 . . 0.145 . . . . . 0.152 . 20 . 0.970 0.961 0.205 
'X-RAY DIFFRACTION' 4.710 6.610  416  . 20 396  100.0000 . 0.192 . . 0.190 . . . . . 0.199 . 20 . 0.951 0.929 0.234 
'X-RAY DIFFRACTION' 6.610 37.798 258  . 15 242  99.6124  . 0.200 . . 0.197 . . . . . 0.210 . 20 . 0.958 0.942 0.249 
# 
_struct.entry_id                     8YHS 
_struct.title                        'The Crystal Structure of BRDT from Biortus.' 
_struct.pdbx_model_details           ? 
_struct.pdbx_formula_weight          ? 
_struct.pdbx_formula_weight_method   ? 
_struct.pdbx_model_type_details      ? 
_struct.pdbx_CASP_flag               N 
# 
_struct_keywords.entry_id        8YHS 
_struct_keywords.text            'Activator, chromatin regulator, differentiation, mRNA processing, TRANSCRIPTION' 
_struct_keywords.pdbx_keywords   TRANSCRIPTION 
# 
loop_
_struct_asym.id 
_struct_asym.pdbx_blank_PDB_chainid_flag 
_struct_asym.pdbx_modified 
_struct_asym.entity_id 
_struct_asym.details 
A N N 1 ? 
B N N 2 ? 
C N N 3 ? 
D N N 4 ? 
# 
_struct_ref.id                         1 
_struct_ref.db_name                    UNP 
_struct_ref.db_code                    BRDT_HUMAN 
_struct_ref.pdbx_db_accession          Q58F21 
_struct_ref.pdbx_db_isoform            ? 
_struct_ref.entity_id                  1 
_struct_ref.pdbx_seq_one_letter_code   
;NTKKNGRLTNQLQYLQKVVLKDLWKHSFSWPFQRPVDAVKLQLPDYYTIIKNPMDLNTIKKRLENKYYAKASECIEDFNT
MFSNCYLYNKPGDDIVLMAQALEKLFMQKLSQMPQEE
;
_struct_ref.pdbx_align_begin           21 
# 
_struct_ref_seq.align_id                      1 
_struct_ref_seq.ref_id                        1 
_struct_ref_seq.pdbx_PDB_id_code              8YHS 
_struct_ref_seq.pdbx_strand_id                A 
_struct_ref_seq.seq_align_beg                 1 
_struct_ref_seq.pdbx_seq_align_beg_ins_code   ? 
_struct_ref_seq.seq_align_end                 117 
_struct_ref_seq.pdbx_seq_align_end_ins_code   ? 
_struct_ref_seq.pdbx_db_accession             Q58F21 
_struct_ref_seq.db_align_beg                  21 
_struct_ref_seq.pdbx_db_align_beg_ins_code    ? 
_struct_ref_seq.db_align_end                  137 
_struct_ref_seq.pdbx_db_align_end_ins_code    ? 
_struct_ref_seq.pdbx_auth_seq_align_beg       21 
_struct_ref_seq.pdbx_auth_seq_align_end       137 
# 
_pdbx_struct_assembly.id                   1 
_pdbx_struct_assembly.details              author_defined_assembly 
_pdbx_struct_assembly.method_details       ? 
_pdbx_struct_assembly.oligomeric_details   monomeric 
_pdbx_struct_assembly.oligomeric_count     1 
# 
_pdbx_struct_assembly_gen.assembly_id       1 
_pdbx_struct_assembly_gen.oper_expression   1 
_pdbx_struct_assembly_gen.asym_id_list      A,B,C,D 
# 
_pdbx_struct_assembly_auth_evidence.id                     1 
_pdbx_struct_assembly_auth_evidence.assembly_id            1 
_pdbx_struct_assembly_auth_evidence.experimental_support   'gel filtration' 
_pdbx_struct_assembly_auth_evidence.details                ? 
# 
_pdbx_struct_oper_list.id                   1 
_pdbx_struct_oper_list.type                 'identity operation' 
_pdbx_struct_oper_list.name                 1_555 
_pdbx_struct_oper_list.symmetry_operation   x,y,z 
_pdbx_struct_oper_list.matrix[1][1]         1.0000000000 
_pdbx_struct_oper_list.matrix[1][2]         0.0000000000 
_pdbx_struct_oper_list.matrix[1][3]         0.0000000000 
_pdbx_struct_oper_list.vector[1]            0.0000000000 
_pdbx_struct_oper_list.matrix[2][1]         0.0000000000 
_pdbx_struct_oper_list.matrix[2][2]         1.0000000000 
_pdbx_struct_oper_list.matrix[2][3]         0.0000000000 
_pdbx_struct_oper_list.vector[2]            0.0000000000 
_pdbx_struct_oper_list.matrix[3][1]         0.0000000000 
_pdbx_struct_oper_list.matrix[3][2]         0.0000000000 
_pdbx_struct_oper_list.matrix[3][3]         1.0000000000 
_pdbx_struct_oper_list.vector[3]            0.0000000000 
# 
loop_
_struct_conf.conf_type_id 
_struct_conf.id 
_struct_conf.pdbx_PDB_helix_id 
_struct_conf.beg_label_comp_id 
_struct_conf.beg_label_asym_id 
_struct_conf.beg_label_seq_id 
_struct_conf.pdbx_beg_PDB_ins_code 
_struct_conf.end_label_comp_id 
_struct_conf.end_label_asym_id 
_struct_conf.end_label_seq_id 
_struct_conf.pdbx_end_PDB_ins_code 
_struct_conf.beg_auth_comp_id 
_struct_conf.beg_auth_asym_id 
_struct_conf.beg_auth_seq_id 
_struct_conf.end_auth_comp_id 
_struct_conf.end_auth_asym_id 
_struct_conf.end_auth_seq_id 
_struct_conf.pdbx_PDB_helix_class 
_struct_conf.details 
_struct_conf.pdbx_PDB_helix_length 
HELX_P HELX_P1 AA1 THR A 9  ? VAL A 18  ? THR A 29  VAL A 38  1 ? 10 
HELX_P HELX_P2 AA2 VAL A 18 ? HIS A 26  ? VAL A 38  HIS A 46  1 ? 9  
HELX_P HELX_P3 AA3 SER A 29 ? GLN A 33  ? SER A 49  GLN A 53  5 ? 5  
HELX_P HELX_P4 AA4 ASP A 45 ? ILE A 50  ? ASP A 65  ILE A 70  1 ? 6  
HELX_P HELX_P5 AA5 ASP A 55 ? ASN A 65  ? ASP A 75  ASN A 85  1 ? 11 
HELX_P HELX_P6 AA6 LYS A 70 ? ASN A 89  ? LYS A 90  ASN A 109 1 ? 20 
HELX_P HELX_P7 AA7 ASP A 93 ? GLN A 112 ? ASP A 113 GLN A 132 1 ? 20 
# 
_struct_conf_type.id          HELX_P 
_struct_conf_type.criteria    ? 
_struct_conf_type.reference   ? 
# 
_pdbx_validate_torsion.id              1 
_pdbx_validate_torsion.PDB_model_num   1 
_pdbx_validate_torsion.auth_comp_id    ASN 
_pdbx_validate_torsion.auth_asym_id    A 
_pdbx_validate_torsion.auth_seq_id     30 
_pdbx_validate_torsion.PDB_ins_code    ? 
_pdbx_validate_torsion.label_alt_id    ? 
_pdbx_validate_torsion.phi             -28.82 
_pdbx_validate_torsion.psi             -69.08 
# 
_pdbx_entry_details.entry_id                 8YHS 
_pdbx_entry_details.has_ligand_of_interest   N 
_pdbx_entry_details.compound_details         ? 
_pdbx_entry_details.source_details           ? 
_pdbx_entry_details.nonpolymer_details       ? 
_pdbx_entry_details.sequence_details         ? 
# 
loop_
_pdbx_unobs_or_zero_occ_residues.id 
_pdbx_unobs_or_zero_occ_residues.PDB_model_num 
_pdbx_unobs_or_zero_occ_residues.polymer_flag 
_pdbx_unobs_or_zero_occ_residues.occupancy_flag 
_pdbx_unobs_or_zero_occ_residues.auth_asym_id 
_pdbx_unobs_or_zero_occ_residues.auth_comp_id 
_pdbx_unobs_or_zero_occ_residues.auth_seq_id 
_pdbx_unobs_or_zero_occ_residues.PDB_ins_code 
_pdbx_unobs_or_zero_occ_residues.label_asym_id 
_pdbx_unobs_or_zero_occ_residues.label_comp_id 
_pdbx_unobs_or_zero_occ_residues.label_seq_id 
1 1 Y 1 A ASN 21  ? A ASN 1   
2 1 Y 1 A THR 22  ? A THR 2   
3 1 Y 1 A LYS 23  ? A LYS 3   
4 1 Y 1 A LYS 24  ? A LYS 4   
5 1 Y 1 A ASN 25  ? A ASN 5   
6 1 Y 1 A GLY 26  ? A GLY 6   
7 1 Y 1 A ARG 27  ? A ARG 7   
8 1 Y 1 A LEU 28  ? A LEU 8   
9 1 Y 1 A GLU 137 ? A GLU 117 
# 
loop_
_chem_comp_atom.comp_id 
_chem_comp_atom.atom_id 
_chem_comp_atom.type_symbol 
_chem_comp_atom.pdbx_aromatic_flag 
_chem_comp_atom.pdbx_stereo_config 
_chem_comp_atom.pdbx_ordinal 
A1D6J N1   N N N 1   
A1D6J O1   O N N 2   
A1D6J C2   C N N 3   
A1D6J N3   N Y N 4   
A1D6J C4   C N N 5   
A1D6J C5   C N N 6   
A1D6J C6   C N N 7   
A1D6J C8   C Y N 8   
A1D6J C10  C Y N 9   
A1D6J C11  C Y N 10  
A1D6J C12  C Y N 11  
A1D6J C13  C N S 12  
A1D6J C14  C N N 13  
A1D6J C15  C Y N 14  
A1D6J C16  C Y N 15  
A1D6J C17  C Y N 16  
A1D6J C1   C N N 17  
A1D6J C3   C N N 18  
A1D6J N2   N N N 19  
A1D6J C7   C Y N 20  
A1D6J C9   C Y N 21  
A1D6J N4   N Y N 22  
A1D6J N5   N Y N 23  
A1D6J C18  C Y N 24  
A1D6J C19  C Y N 25  
A1D6J C20  C Y N 26  
A1D6J C21  C N N 27  
A1D6J C22  C N N 28  
A1D6J C23  C N N 29  
A1D6J O2   O N N 30  
A1D6J C24  C N N 31  
A1D6J C25  C N N 32  
A1D6J H7   H N N 33  
A1D6J H6   H N N 34  
A1D6J H5   H N N 35  
A1D6J H9   H N N 36  
A1D6J H10  H N N 37  
A1D6J H13  H N N 38  
A1D6J H12  H N N 39  
A1D6J H11  H N N 40  
A1D6J H14  H N N 41  
A1D6J H15  H N N 42  
A1D6J H2   H N N 43  
A1D6J H1   H N N 44  
A1D6J H3   H N N 45  
A1D6J H4   H N N 46  
A1D6J H8   H N N 47  
A1D6J H16  H N N 48  
A1D6J H17  H N N 49  
A1D6J H18  H N N 50  
A1D6J H19  H N N 51  
A1D6J H20  H N N 52  
A1D6J H21  H N N 53  
A1D6J H23  H N N 54  
A1D6J H22  H N N 55  
A1D6J H25  H N N 56  
A1D6J H24  H N N 57  
A1D6J H26  H N N 58  
A1D6J H27  H N N 59  
ALA   N    N N N 60  
ALA   CA   C N S 61  
ALA   C    C N N 62  
ALA   O    O N N 63  
ALA   CB   C N N 64  
ALA   OXT  O N N 65  
ALA   H    H N N 66  
ALA   H2   H N N 67  
ALA   HA   H N N 68  
ALA   HB1  H N N 69  
ALA   HB2  H N N 70  
ALA   HB3  H N N 71  
ALA   HXT  H N N 72  
ARG   N    N N N 73  
ARG   CA   C N S 74  
ARG   C    C N N 75  
ARG   O    O N N 76  
ARG   CB   C N N 77  
ARG   CG   C N N 78  
ARG   CD   C N N 79  
ARG   NE   N N N 80  
ARG   CZ   C N N 81  
ARG   NH1  N N N 82  
ARG   NH2  N N N 83  
ARG   OXT  O N N 84  
ARG   H    H N N 85  
ARG   H2   H N N 86  
ARG   HA   H N N 87  
ARG   HB2  H N N 88  
ARG   HB3  H N N 89  
ARG   HG2  H N N 90  
ARG   HG3  H N N 91  
ARG   HD2  H N N 92  
ARG   HD3  H N N 93  
ARG   HE   H N N 94  
ARG   HH11 H N N 95  
ARG   HH12 H N N 96  
ARG   HH21 H N N 97  
ARG   HH22 H N N 98  
ARG   HXT  H N N 99  
ASN   N    N N N 100 
ASN   CA   C N S 101 
ASN   C    C N N 102 
ASN   O    O N N 103 
ASN   CB   C N N 104 
ASN   CG   C N N 105 
ASN   OD1  O N N 106 
ASN   ND2  N N N 107 
ASN   OXT  O N N 108 
ASN   H    H N N 109 
ASN   H2   H N N 110 
ASN   HA   H N N 111 
ASN   HB2  H N N 112 
ASN   HB3  H N N 113 
ASN   HD21 H N N 114 
ASN   HD22 H N N 115 
ASN   HXT  H N N 116 
ASP   N    N N N 117 
ASP   CA   C N S 118 
ASP   C    C N N 119 
ASP   O    O N N 120 
ASP   CB   C N N 121 
ASP   CG   C N N 122 
ASP   OD1  O N N 123 
ASP   OD2  O N N 124 
ASP   OXT  O N N 125 
ASP   H    H N N 126 
ASP   H2   H N N 127 
ASP   HA   H N N 128 
ASP   HB2  H N N 129 
ASP   HB3  H N N 130 
ASP   HD2  H N N 131 
ASP   HXT  H N N 132 
CYS   N    N N N 133 
CYS   CA   C N R 134 
CYS   C    C N N 135 
CYS   O    O N N 136 
CYS   CB   C N N 137 
CYS   SG   S N N 138 
CYS   OXT  O N N 139 
CYS   H    H N N 140 
CYS   H2   H N N 141 
CYS   HA   H N N 142 
CYS   HB2  H N N 143 
CYS   HB3  H N N 144 
CYS   HG   H N N 145 
CYS   HXT  H N N 146 
EDO   C1   C N N 147 
EDO   O1   O N N 148 
EDO   C2   C N N 149 
EDO   O2   O N N 150 
EDO   H11  H N N 151 
EDO   H12  H N N 152 
EDO   HO1  H N N 153 
EDO   H21  H N N 154 
EDO   H22  H N N 155 
EDO   HO2  H N N 156 
GLN   N    N N N 157 
GLN   CA   C N S 158 
GLN   C    C N N 159 
GLN   O    O N N 160 
GLN   CB   C N N 161 
GLN   CG   C N N 162 
GLN   CD   C N N 163 
GLN   OE1  O N N 164 
GLN   NE2  N N N 165 
GLN   OXT  O N N 166 
GLN   H    H N N 167 
GLN   H2   H N N 168 
GLN   HA   H N N 169 
GLN   HB2  H N N 170 
GLN   HB3  H N N 171 
GLN   HG2  H N N 172 
GLN   HG3  H N N 173 
GLN   HE21 H N N 174 
GLN   HE22 H N N 175 
GLN   HXT  H N N 176 
GLU   N    N N N 177 
GLU   CA   C N S 178 
GLU   C    C N N 179 
GLU   O    O N N 180 
GLU   CB   C N N 181 
GLU   CG   C N N 182 
GLU   CD   C N N 183 
GLU   OE1  O N N 184 
GLU   OE2  O N N 185 
GLU   OXT  O N N 186 
GLU   H    H N N 187 
GLU   H2   H N N 188 
GLU   HA   H N N 189 
GLU   HB2  H N N 190 
GLU   HB3  H N N 191 
GLU   HG2  H N N 192 
GLU   HG3  H N N 193 
GLU   HE2  H N N 194 
GLU   HXT  H N N 195 
GLY   N    N N N 196 
GLY   CA   C N N 197 
GLY   C    C N N 198 
GLY   O    O N N 199 
GLY   OXT  O N N 200 
GLY   H    H N N 201 
GLY   H2   H N N 202 
GLY   HA2  H N N 203 
GLY   HA3  H N N 204 
GLY   HXT  H N N 205 
HIS   N    N N N 206 
HIS   CA   C N S 207 
HIS   C    C N N 208 
HIS   O    O N N 209 
HIS   CB   C N N 210 
HIS   CG   C Y N 211 
HIS   ND1  N Y N 212 
HIS   CD2  C Y N 213 
HIS   CE1  C Y N 214 
HIS   NE2  N Y N 215 
HIS   OXT  O N N 216 
HIS   H    H N N 217 
HIS   H2   H N N 218 
HIS   HA   H N N 219 
HIS   HB2  H N N 220 
HIS   HB3  H N N 221 
HIS   HD1  H N N 222 
HIS   HD2  H N N 223 
HIS   HE1  H N N 224 
HIS   HE2  H N N 225 
HIS   HXT  H N N 226 
HOH   O    O N N 227 
HOH   H1   H N N 228 
HOH   H2   H N N 229 
ILE   N    N N N 230 
ILE   CA   C N S 231 
ILE   C    C N N 232 
ILE   O    O N N 233 
ILE   CB   C N S 234 
ILE   CG1  C N N 235 
ILE   CG2  C N N 236 
ILE   CD1  C N N 237 
ILE   OXT  O N N 238 
ILE   H    H N N 239 
ILE   H2   H N N 240 
ILE   HA   H N N 241 
ILE   HB   H N N 242 
ILE   HG12 H N N 243 
ILE   HG13 H N N 244 
ILE   HG21 H N N 245 
ILE   HG22 H N N 246 
ILE   HG23 H N N 247 
ILE   HD11 H N N 248 
ILE   HD12 H N N 249 
ILE   HD13 H N N 250 
ILE   HXT  H N N 251 
LEU   N    N N N 252 
LEU   CA   C N S 253 
LEU   C    C N N 254 
LEU   O    O N N 255 
LEU   CB   C N N 256 
LEU   CG   C N N 257 
LEU   CD1  C N N 258 
LEU   CD2  C N N 259 
LEU   OXT  O N N 260 
LEU   H    H N N 261 
LEU   H2   H N N 262 
LEU   HA   H N N 263 
LEU   HB2  H N N 264 
LEU   HB3  H N N 265 
LEU   HG   H N N 266 
LEU   HD11 H N N 267 
LEU   HD12 H N N 268 
LEU   HD13 H N N 269 
LEU   HD21 H N N 270 
LEU   HD22 H N N 271 
LEU   HD23 H N N 272 
LEU   HXT  H N N 273 
LYS   N    N N N 274 
LYS   CA   C N S 275 
LYS   C    C N N 276 
LYS   O    O N N 277 
LYS   CB   C N N 278 
LYS   CG   C N N 279 
LYS   CD   C N N 280 
LYS   CE   C N N 281 
LYS   NZ   N N N 282 
LYS   OXT  O N N 283 
LYS   H    H N N 284 
LYS   H2   H N N 285 
LYS   HA   H N N 286 
LYS   HB2  H N N 287 
LYS   HB3  H N N 288 
LYS   HG2  H N N 289 
LYS   HG3  H N N 290 
LYS   HD2  H N N 291 
LYS   HD3  H N N 292 
LYS   HE2  H N N 293 
LYS   HE3  H N N 294 
LYS   HZ1  H N N 295 
LYS   HZ2  H N N 296 
LYS   HZ3  H N N 297 
LYS   HXT  H N N 298 
MET   N    N N N 299 
MET   CA   C N S 300 
MET   C    C N N 301 
MET   O    O N N 302 
MET   CB   C N N 303 
MET   CG   C N N 304 
MET   SD   S N N 305 
MET   CE   C N N 306 
MET   OXT  O N N 307 
MET   H    H N N 308 
MET   H2   H N N 309 
MET   HA   H N N 310 
MET   HB2  H N N 311 
MET   HB3  H N N 312 
MET   HG2  H N N 313 
MET   HG3  H N N 314 
MET   HE1  H N N 315 
MET   HE2  H N N 316 
MET   HE3  H N N 317 
MET   HXT  H N N 318 
PHE   N    N N N 319 
PHE   CA   C N S 320 
PHE   C    C N N 321 
PHE   O    O N N 322 
PHE   CB   C N N 323 
PHE   CG   C Y N 324 
PHE   CD1  C Y N 325 
PHE   CD2  C Y N 326 
PHE   CE1  C Y N 327 
PHE   CE2  C Y N 328 
PHE   CZ   C Y N 329 
PHE   OXT  O N N 330 
PHE   H    H N N 331 
PHE   H2   H N N 332 
PHE   HA   H N N 333 
PHE   HB2  H N N 334 
PHE   HB3  H N N 335 
PHE   HD1  H N N 336 
PHE   HD2  H N N 337 
PHE   HE1  H N N 338 
PHE   HE2  H N N 339 
PHE   HZ   H N N 340 
PHE   HXT  H N N 341 
PRO   N    N N N 342 
PRO   CA   C N S 343 
PRO   C    C N N 344 
PRO   O    O N N 345 
PRO   CB   C N N 346 
PRO   CG   C N N 347 
PRO   CD   C N N 348 
PRO   OXT  O N N 349 
PRO   H    H N N 350 
PRO   HA   H N N 351 
PRO   HB2  H N N 352 
PRO   HB3  H N N 353 
PRO   HG2  H N N 354 
PRO   HG3  H N N 355 
PRO   HD2  H N N 356 
PRO   HD3  H N N 357 
PRO   HXT  H N N 358 
SER   N    N N N 359 
SER   CA   C N S 360 
SER   C    C N N 361 
SER   O    O N N 362 
SER   CB   C N N 363 
SER   OG   O N N 364 
SER   OXT  O N N 365 
SER   H    H N N 366 
SER   H2   H N N 367 
SER   HA   H N N 368 
SER   HB2  H N N 369 
SER   HB3  H N N 370 
SER   HG   H N N 371 
SER   HXT  H N N 372 
THR   N    N N N 373 
THR   CA   C N S 374 
THR   C    C N N 375 
THR   O    O N N 376 
THR   CB   C N R 377 
THR   OG1  O N N 378 
THR   CG2  C N N 379 
THR   OXT  O N N 380 
THR   H    H N N 381 
THR   H2   H N N 382 
THR   HA   H N N 383 
THR   HB   H N N 384 
THR   HG1  H N N 385 
THR   HG21 H N N 386 
THR   HG22 H N N 387 
THR   HG23 H N N 388 
THR   HXT  H N N 389 
TRP   N    N N N 390 
TRP   CA   C N S 391 
TRP   C    C N N 392 
TRP   O    O N N 393 
TRP   CB   C N N 394 
TRP   CG   C Y N 395 
TRP   CD1  C Y N 396 
TRP   CD2  C Y N 397 
TRP   NE1  N Y N 398 
TRP   CE2  C Y N 399 
TRP   CE3  C Y N 400 
TRP   CZ2  C Y N 401 
TRP   CZ3  C Y N 402 
TRP   CH2  C Y N 403 
TRP   OXT  O N N 404 
TRP   H    H N N 405 
TRP   H2   H N N 406 
TRP   HA   H N N 407 
TRP   HB2  H N N 408 
TRP   HB3  H N N 409 
TRP   HD1  H N N 410 
TRP   HE1  H N N 411 
TRP   HE3  H N N 412 
TRP   HZ2  H N N 413 
TRP   HZ3  H N N 414 
TRP   HH2  H N N 415 
TRP   HXT  H N N 416 
TYR   N    N N N 417 
TYR   CA   C N S 418 
TYR   C    C N N 419 
TYR   O    O N N 420 
TYR   CB   C N N 421 
TYR   CG   C Y N 422 
TYR   CD1  C Y N 423 
TYR   CD2  C Y N 424 
TYR   CE1  C Y N 425 
TYR   CE2  C Y N 426 
TYR   CZ   C Y N 427 
TYR   OH   O N N 428 
TYR   OXT  O N N 429 
TYR   H    H N N 430 
TYR   H2   H N N 431 
TYR   HA   H N N 432 
TYR   HB2  H N N 433 
TYR   HB3  H N N 434 
TYR   HD1  H N N 435 
TYR   HD2  H N N 436 
TYR   HE1  H N N 437 
TYR   HE2  H N N 438 
TYR   HH   H N N 439 
TYR   HXT  H N N 440 
VAL   N    N N N 441 
VAL   CA   C N S 442 
VAL   C    C N N 443 
VAL   O    O N N 444 
VAL   CB   C N N 445 
VAL   CG1  C N N 446 
VAL   CG2  C N N 447 
VAL   OXT  O N N 448 
VAL   H    H N N 449 
VAL   H2   H N N 450 
VAL   HA   H N N 451 
VAL   HB   H N N 452 
VAL   HG11 H N N 453 
VAL   HG12 H N N 454 
VAL   HG13 H N N 455 
VAL   HG21 H N N 456 
VAL   HG22 H N N 457 
VAL   HG23 H N N 458 
VAL   HXT  H N N 459 
# 
loop_
_chem_comp_bond.comp_id 
_chem_comp_bond.atom_id_1 
_chem_comp_bond.atom_id_2 
_chem_comp_bond.value_order 
_chem_comp_bond.pdbx_aromatic_flag 
_chem_comp_bond.pdbx_stereo_config 
_chem_comp_bond.pdbx_ordinal 
A1D6J C1  C2   sing N N 1   
A1D6J C2  C3   doub N N 2   
A1D6J C2  C5   sing N N 3   
A1D6J C3  C4   sing N N 4   
A1D6J C4  N1   doub N N 5   
A1D6J C4  C7   sing N N 6   
A1D6J N1  N2   sing N N 7   
A1D6J N2  C5   sing N N 8   
A1D6J N2  C6   sing N N 9   
A1D6J C5  O1   doub N N 10  
A1D6J C7  N3   doub Y N 11  
A1D6J C7  N5   sing Y N 12  
A1D6J N3  C8   sing Y N 13  
A1D6J C8  C9   doub Y N 14  
A1D6J C8  C12  sing Y N 15  
A1D6J C9  N4   sing Y N 16  
A1D6J N4  C10  doub Y N 17  
A1D6J C10 C11  sing Y N 18  
A1D6J C10 C21  sing N N 19  
A1D6J C11 C12  doub Y N 20  
A1D6J C12 N5   sing Y N 21  
A1D6J N5  C13  sing N N 22  
A1D6J C13 C14  sing N N 23  
A1D6J C13 C15  sing N N 24  
A1D6J C15 C16  doub Y N 25  
A1D6J C15 C20  sing Y N 26  
A1D6J C16 C17  sing Y N 27  
A1D6J C17 C18  doub Y N 28  
A1D6J C18 C19  sing Y N 29  
A1D6J C19 C20  doub Y N 30  
A1D6J C21 C22  sing N N 31  
A1D6J C21 C25  sing N N 32  
A1D6J C22 C23  sing N N 33  
A1D6J C23 O2   sing N N 34  
A1D6J O2  C24  sing N N 35  
A1D6J C24 C25  sing N N 36  
A1D6J C6  H7   sing N N 37  
A1D6J C6  H6   sing N N 38  
A1D6J C6  H5   sing N N 39  
A1D6J C11 H9   sing N N 40  
A1D6J C13 H10  sing N N 41  
A1D6J C14 H13  sing N N 42  
A1D6J C14 H12  sing N N 43  
A1D6J C14 H11  sing N N 44  
A1D6J C16 H14  sing N N 45  
A1D6J C17 H15  sing N N 46  
A1D6J C1  H2   sing N N 47  
A1D6J C1  H1   sing N N 48  
A1D6J C1  H3   sing N N 49  
A1D6J C3  H4   sing N N 50  
A1D6J C9  H8   sing N N 51  
A1D6J C18 H16  sing N N 52  
A1D6J C19 H17  sing N N 53  
A1D6J C20 H18  sing N N 54  
A1D6J C21 H19  sing N N 55  
A1D6J C22 H20  sing N N 56  
A1D6J C22 H21  sing N N 57  
A1D6J C23 H23  sing N N 58  
A1D6J C23 H22  sing N N 59  
A1D6J C24 H25  sing N N 60  
A1D6J C24 H24  sing N N 61  
A1D6J C25 H26  sing N N 62  
A1D6J C25 H27  sing N N 63  
ALA   N   CA   sing N N 64  
ALA   N   H    sing N N 65  
ALA   N   H2   sing N N 66  
ALA   CA  C    sing N N 67  
ALA   CA  CB   sing N N 68  
ALA   CA  HA   sing N N 69  
ALA   C   O    doub N N 70  
ALA   C   OXT  sing N N 71  
ALA   CB  HB1  sing N N 72  
ALA   CB  HB2  sing N N 73  
ALA   CB  HB3  sing N N 74  
ALA   OXT HXT  sing N N 75  
ARG   N   CA   sing N N 76  
ARG   N   H    sing N N 77  
ARG   N   H2   sing N N 78  
ARG   CA  C    sing N N 79  
ARG   CA  CB   sing N N 80  
ARG   CA  HA   sing N N 81  
ARG   C   O    doub N N 82  
ARG   C   OXT  sing N N 83  
ARG   CB  CG   sing N N 84  
ARG   CB  HB2  sing N N 85  
ARG   CB  HB3  sing N N 86  
ARG   CG  CD   sing N N 87  
ARG   CG  HG2  sing N N 88  
ARG   CG  HG3  sing N N 89  
ARG   CD  NE   sing N N 90  
ARG   CD  HD2  sing N N 91  
ARG   CD  HD3  sing N N 92  
ARG   NE  CZ   sing N N 93  
ARG   NE  HE   sing N N 94  
ARG   CZ  NH1  sing N N 95  
ARG   CZ  NH2  doub N N 96  
ARG   NH1 HH11 sing N N 97  
ARG   NH1 HH12 sing N N 98  
ARG   NH2 HH21 sing N N 99  
ARG   NH2 HH22 sing N N 100 
ARG   OXT HXT  sing N N 101 
ASN   N   CA   sing N N 102 
ASN   N   H    sing N N 103 
ASN   N   H2   sing N N 104 
ASN   CA  C    sing N N 105 
ASN   CA  CB   sing N N 106 
ASN   CA  HA   sing N N 107 
ASN   C   O    doub N N 108 
ASN   C   OXT  sing N N 109 
ASN   CB  CG   sing N N 110 
ASN   CB  HB2  sing N N 111 
ASN   CB  HB3  sing N N 112 
ASN   CG  OD1  doub N N 113 
ASN   CG  ND2  sing N N 114 
ASN   ND2 HD21 sing N N 115 
ASN   ND2 HD22 sing N N 116 
ASN   OXT HXT  sing N N 117 
ASP   N   CA   sing N N 118 
ASP   N   H    sing N N 119 
ASP   N   H2   sing N N 120 
ASP   CA  C    sing N N 121 
ASP   CA  CB   sing N N 122 
ASP   CA  HA   sing N N 123 
ASP   C   O    doub N N 124 
ASP   C   OXT  sing N N 125 
ASP   CB  CG   sing N N 126 
ASP   CB  HB2  sing N N 127 
ASP   CB  HB3  sing N N 128 
ASP   CG  OD1  doub N N 129 
ASP   CG  OD2  sing N N 130 
ASP   OD2 HD2  sing N N 131 
ASP   OXT HXT  sing N N 132 
CYS   N   CA   sing N N 133 
CYS   N   H    sing N N 134 
CYS   N   H2   sing N N 135 
CYS   CA  C    sing N N 136 
CYS   CA  CB   sing N N 137 
CYS   CA  HA   sing N N 138 
CYS   C   O    doub N N 139 
CYS   C   OXT  sing N N 140 
CYS   CB  SG   sing N N 141 
CYS   CB  HB2  sing N N 142 
CYS   CB  HB3  sing N N 143 
CYS   SG  HG   sing N N 144 
CYS   OXT HXT  sing N N 145 
EDO   C1  O1   sing N N 146 
EDO   C1  C2   sing N N 147 
EDO   C1  H11  sing N N 148 
EDO   C1  H12  sing N N 149 
EDO   O1  HO1  sing N N 150 
EDO   C2  O2   sing N N 151 
EDO   C2  H21  sing N N 152 
EDO   C2  H22  sing N N 153 
EDO   O2  HO2  sing N N 154 
GLN   N   CA   sing N N 155 
GLN   N   H    sing N N 156 
GLN   N   H2   sing N N 157 
GLN   CA  C    sing N N 158 
GLN   CA  CB   sing N N 159 
GLN   CA  HA   sing N N 160 
GLN   C   O    doub N N 161 
GLN   C   OXT  sing N N 162 
GLN   CB  CG   sing N N 163 
GLN   CB  HB2  sing N N 164 
GLN   CB  HB3  sing N N 165 
GLN   CG  CD   sing N N 166 
GLN   CG  HG2  sing N N 167 
GLN   CG  HG3  sing N N 168 
GLN   CD  OE1  doub N N 169 
GLN   CD  NE2  sing N N 170 
GLN   NE2 HE21 sing N N 171 
GLN   NE2 HE22 sing N N 172 
GLN   OXT HXT  sing N N 173 
GLU   N   CA   sing N N 174 
GLU   N   H    sing N N 175 
GLU   N   H2   sing N N 176 
GLU   CA  C    sing N N 177 
GLU   CA  CB   sing N N 178 
GLU   CA  HA   sing N N 179 
GLU   C   O    doub N N 180 
GLU   C   OXT  sing N N 181 
GLU   CB  CG   sing N N 182 
GLU   CB  HB2  sing N N 183 
GLU   CB  HB3  sing N N 184 
GLU   CG  CD   sing N N 185 
GLU   CG  HG2  sing N N 186 
GLU   CG  HG3  sing N N 187 
GLU   CD  OE1  doub N N 188 
GLU   CD  OE2  sing N N 189 
GLU   OE2 HE2  sing N N 190 
GLU   OXT HXT  sing N N 191 
GLY   N   CA   sing N N 192 
GLY   N   H    sing N N 193 
GLY   N   H2   sing N N 194 
GLY   CA  C    sing N N 195 
GLY   CA  HA2  sing N N 196 
GLY   CA  HA3  sing N N 197 
GLY   C   O    doub N N 198 
GLY   C   OXT  sing N N 199 
GLY   OXT HXT  sing N N 200 
HIS   N   CA   sing N N 201 
HIS   N   H    sing N N 202 
HIS   N   H2   sing N N 203 
HIS   CA  C    sing N N 204 
HIS   CA  CB   sing N N 205 
HIS   CA  HA   sing N N 206 
HIS   C   O    doub N N 207 
HIS   C   OXT  sing N N 208 
HIS   CB  CG   sing N N 209 
HIS   CB  HB2  sing N N 210 
HIS   CB  HB3  sing N N 211 
HIS   CG  ND1  sing Y N 212 
HIS   CG  CD2  doub Y N 213 
HIS   ND1 CE1  doub Y N 214 
HIS   ND1 HD1  sing N N 215 
HIS   CD2 NE2  sing Y N 216 
HIS   CD2 HD2  sing N N 217 
HIS   CE1 NE2  sing Y N 218 
HIS   CE1 HE1  sing N N 219 
HIS   NE2 HE2  sing N N 220 
HIS   OXT HXT  sing N N 221 
HOH   O   H1   sing N N 222 
HOH   O   H2   sing N N 223 
ILE   N   CA   sing N N 224 
ILE   N   H    sing N N 225 
ILE   N   H2   sing N N 226 
ILE   CA  C    sing N N 227 
ILE   CA  CB   sing N N 228 
ILE   CA  HA   sing N N 229 
ILE   C   O    doub N N 230 
ILE   C   OXT  sing N N 231 
ILE   CB  CG1  sing N N 232 
ILE   CB  CG2  sing N N 233 
ILE   CB  HB   sing N N 234 
ILE   CG1 CD1  sing N N 235 
ILE   CG1 HG12 sing N N 236 
ILE   CG1 HG13 sing N N 237 
ILE   CG2 HG21 sing N N 238 
ILE   CG2 HG22 sing N N 239 
ILE   CG2 HG23 sing N N 240 
ILE   CD1 HD11 sing N N 241 
ILE   CD1 HD12 sing N N 242 
ILE   CD1 HD13 sing N N 243 
ILE   OXT HXT  sing N N 244 
LEU   N   CA   sing N N 245 
LEU   N   H    sing N N 246 
LEU   N   H2   sing N N 247 
LEU   CA  C    sing N N 248 
LEU   CA  CB   sing N N 249 
LEU   CA  HA   sing N N 250 
LEU   C   O    doub N N 251 
LEU   C   OXT  sing N N 252 
LEU   CB  CG   sing N N 253 
LEU   CB  HB2  sing N N 254 
LEU   CB  HB3  sing N N 255 
LEU   CG  CD1  sing N N 256 
LEU   CG  CD2  sing N N 257 
LEU   CG  HG   sing N N 258 
LEU   CD1 HD11 sing N N 259 
LEU   CD1 HD12 sing N N 260 
LEU   CD1 HD13 sing N N 261 
LEU   CD2 HD21 sing N N 262 
LEU   CD2 HD22 sing N N 263 
LEU   CD2 HD23 sing N N 264 
LEU   OXT HXT  sing N N 265 
LYS   N   CA   sing N N 266 
LYS   N   H    sing N N 267 
LYS   N   H2   sing N N 268 
LYS   CA  C    sing N N 269 
LYS   CA  CB   sing N N 270 
LYS   CA  HA   sing N N 271 
LYS   C   O    doub N N 272 
LYS   C   OXT  sing N N 273 
LYS   CB  CG   sing N N 274 
LYS   CB  HB2  sing N N 275 
LYS   CB  HB3  sing N N 276 
LYS   CG  CD   sing N N 277 
LYS   CG  HG2  sing N N 278 
LYS   CG  HG3  sing N N 279 
LYS   CD  CE   sing N N 280 
LYS   CD  HD2  sing N N 281 
LYS   CD  HD3  sing N N 282 
LYS   CE  NZ   sing N N 283 
LYS   CE  HE2  sing N N 284 
LYS   CE  HE3  sing N N 285 
LYS   NZ  HZ1  sing N N 286 
LYS   NZ  HZ2  sing N N 287 
LYS   NZ  HZ3  sing N N 288 
LYS   OXT HXT  sing N N 289 
MET   N   CA   sing N N 290 
MET   N   H    sing N N 291 
MET   N   H2   sing N N 292 
MET   CA  C    sing N N 293 
MET   CA  CB   sing N N 294 
MET   CA  HA   sing N N 295 
MET   C   O    doub N N 296 
MET   C   OXT  sing N N 297 
MET   CB  CG   sing N N 298 
MET   CB  HB2  sing N N 299 
MET   CB  HB3  sing N N 300 
MET   CG  SD   sing N N 301 
MET   CG  HG2  sing N N 302 
MET   CG  HG3  sing N N 303 
MET   SD  CE   sing N N 304 
MET   CE  HE1  sing N N 305 
MET   CE  HE2  sing N N 306 
MET   CE  HE3  sing N N 307 
MET   OXT HXT  sing N N 308 
PHE   N   CA   sing N N 309 
PHE   N   H    sing N N 310 
PHE   N   H2   sing N N 311 
PHE   CA  C    sing N N 312 
PHE   CA  CB   sing N N 313 
PHE   CA  HA   sing N N 314 
PHE   C   O    doub N N 315 
PHE   C   OXT  sing N N 316 
PHE   CB  CG   sing N N 317 
PHE   CB  HB2  sing N N 318 
PHE   CB  HB3  sing N N 319 
PHE   CG  CD1  doub Y N 320 
PHE   CG  CD2  sing Y N 321 
PHE   CD1 CE1  sing Y N 322 
PHE   CD1 HD1  sing N N 323 
PHE   CD2 CE2  doub Y N 324 
PHE   CD2 HD2  sing N N 325 
PHE   CE1 CZ   doub Y N 326 
PHE   CE1 HE1  sing N N 327 
PHE   CE2 CZ   sing Y N 328 
PHE   CE2 HE2  sing N N 329 
PHE   CZ  HZ   sing N N 330 
PHE   OXT HXT  sing N N 331 
PRO   N   CA   sing N N 332 
PRO   N   CD   sing N N 333 
PRO   N   H    sing N N 334 
PRO   CA  C    sing N N 335 
PRO   CA  CB   sing N N 336 
PRO   CA  HA   sing N N 337 
PRO   C   O    doub N N 338 
PRO   C   OXT  sing N N 339 
PRO   CB  CG   sing N N 340 
PRO   CB  HB2  sing N N 341 
PRO   CB  HB3  sing N N 342 
PRO   CG  CD   sing N N 343 
PRO   CG  HG2  sing N N 344 
PRO   CG  HG3  sing N N 345 
PRO   CD  HD2  sing N N 346 
PRO   CD  HD3  sing N N 347 
PRO   OXT HXT  sing N N 348 
SER   N   CA   sing N N 349 
SER   N   H    sing N N 350 
SER   N   H2   sing N N 351 
SER   CA  C    sing N N 352 
SER   CA  CB   sing N N 353 
SER   CA  HA   sing N N 354 
SER   C   O    doub N N 355 
SER   C   OXT  sing N N 356 
SER   CB  OG   sing N N 357 
SER   CB  HB2  sing N N 358 
SER   CB  HB3  sing N N 359 
SER   OG  HG   sing N N 360 
SER   OXT HXT  sing N N 361 
THR   N   CA   sing N N 362 
THR   N   H    sing N N 363 
THR   N   H2   sing N N 364 
THR   CA  C    sing N N 365 
THR   CA  CB   sing N N 366 
THR   CA  HA   sing N N 367 
THR   C   O    doub N N 368 
THR   C   OXT  sing N N 369 
THR   CB  OG1  sing N N 370 
THR   CB  CG2  sing N N 371 
THR   CB  HB   sing N N 372 
THR   OG1 HG1  sing N N 373 
THR   CG2 HG21 sing N N 374 
THR   CG2 HG22 sing N N 375 
THR   CG2 HG23 sing N N 376 
THR   OXT HXT  sing N N 377 
TRP   N   CA   sing N N 378 
TRP   N   H    sing N N 379 
TRP   N   H2   sing N N 380 
TRP   CA  C    sing N N 381 
TRP   CA  CB   sing N N 382 
TRP   CA  HA   sing N N 383 
TRP   C   O    doub N N 384 
TRP   C   OXT  sing N N 385 
TRP   CB  CG   sing N N 386 
TRP   CB  HB2  sing N N 387 
TRP   CB  HB3  sing N N 388 
TRP   CG  CD1  doub Y N 389 
TRP   CG  CD2  sing Y N 390 
TRP   CD1 NE1  sing Y N 391 
TRP   CD1 HD1  sing N N 392 
TRP   CD2 CE2  doub Y N 393 
TRP   CD2 CE3  sing Y N 394 
TRP   NE1 CE2  sing Y N 395 
TRP   NE1 HE1  sing N N 396 
TRP   CE2 CZ2  sing Y N 397 
TRP   CE3 CZ3  doub Y N 398 
TRP   CE3 HE3  sing N N 399 
TRP   CZ2 CH2  doub Y N 400 
TRP   CZ2 HZ2  sing N N 401 
TRP   CZ3 CH2  sing Y N 402 
TRP   CZ3 HZ3  sing N N 403 
TRP   CH2 HH2  sing N N 404 
TRP   OXT HXT  sing N N 405 
TYR   N   CA   sing N N 406 
TYR   N   H    sing N N 407 
TYR   N   H2   sing N N 408 
TYR   CA  C    sing N N 409 
TYR   CA  CB   sing N N 410 
TYR   CA  HA   sing N N 411 
TYR   C   O    doub N N 412 
TYR   C   OXT  sing N N 413 
TYR   CB  CG   sing N N 414 
TYR   CB  HB2  sing N N 415 
TYR   CB  HB3  sing N N 416 
TYR   CG  CD1  doub Y N 417 
TYR   CG  CD2  sing Y N 418 
TYR   CD1 CE1  sing Y N 419 
TYR   CD1 HD1  sing N N 420 
TYR   CD2 CE2  doub Y N 421 
TYR   CD2 HD2  sing N N 422 
TYR   CE1 CZ   doub Y N 423 
TYR   CE1 HE1  sing N N 424 
TYR   CE2 CZ   sing Y N 425 
TYR   CE2 HE2  sing N N 426 
TYR   CZ  OH   sing N N 427 
TYR   OH  HH   sing N N 428 
TYR   OXT HXT  sing N N 429 
VAL   N   CA   sing N N 430 
VAL   N   H    sing N N 431 
VAL   N   H2   sing N N 432 
VAL   CA  C    sing N N 433 
VAL   CA  CB   sing N N 434 
VAL   CA  HA   sing N N 435 
VAL   C   O    doub N N 436 
VAL   C   OXT  sing N N 437 
VAL   CB  CG1  sing N N 438 
VAL   CB  CG2  sing N N 439 
VAL   CB  HB   sing N N 440 
VAL   CG1 HG11 sing N N 441 
VAL   CG1 HG12 sing N N 442 
VAL   CG1 HG13 sing N N 443 
VAL   CG2 HG21 sing N N 444 
VAL   CG2 HG22 sing N N 445 
VAL   CG2 HG23 sing N N 446 
VAL   OXT HXT  sing N N 447 
# 
_pdbx_audit_support.funding_organization   'Not funded' 
_pdbx_audit_support.country                China 
_pdbx_audit_support.grant_number           ? 
_pdbx_audit_support.ordinal                1 
# 
_pdbx_initial_refinement_model.id               1 
_pdbx_initial_refinement_model.entity_id_list   ? 
_pdbx_initial_refinement_model.type             'experimental model' 
_pdbx_initial_refinement_model.source_name      PDB 
_pdbx_initial_refinement_model.accession_code   2RFJ 
_pdbx_initial_refinement_model.details          ? 
# 
_atom_sites.entry_id                    8YHS 
_atom_sites.Cartn_transf_matrix[1][1]   ? 
_atom_sites.Cartn_transf_matrix[1][2]   ? 
_atom_sites.Cartn_transf_matrix[1][3]   ? 
_atom_sites.Cartn_transf_matrix[2][1]   ? 
_atom_sites.Cartn_transf_matrix[2][2]   ? 
_atom_sites.Cartn_transf_matrix[2][3]   ? 
_atom_sites.Cartn_transf_matrix[3][1]   ? 
_atom_sites.Cartn_transf_matrix[3][2]   ? 
_atom_sites.Cartn_transf_matrix[3][3]   ? 
_atom_sites.Cartn_transf_vector[1]      ? 
_atom_sites.Cartn_transf_vector[2]      ? 
_atom_sites.Cartn_transf_vector[3]      ? 
_atom_sites.Cartn_transform_axes        ? 
_atom_sites.fract_transf_matrix[1][1]   -0.00185812 
_atom_sites.fract_transf_matrix[1][2]   -0.00239155 
_atom_sites.fract_transf_matrix[1][3]   0.02877004 
_atom_sites.fract_transf_matrix[2][1]   -0.00415827 
_atom_sites.fract_transf_matrix[2][2]   -0.02204609 
_atom_sites.fract_transf_matrix[2][3]   -0.00210117 
_atom_sites.fract_transf_matrix[3][1]   0.01359773 
_atom_sites.fract_transf_matrix[3][2]   -0.00262765 
_atom_sites.fract_transf_matrix[3][3]   0.00065978 
_atom_sites.fract_transf_vector[1]      -0.045606 
_atom_sites.fract_transf_vector[2]      -0.075876 
_atom_sites.fract_transf_vector[3]      0.076457 
_atom_sites.solution_primary            ? 
_atom_sites.solution_secondary          ? 
_atom_sites.solution_hydrogens          ? 
_atom_sites.special_details             ? 
# 
loop_
_atom_type.symbol 
_atom_type.pdbx_scat_Z 
_atom_type.pdbx_N_electrons 
_atom_type.scat_Cromer_Mann_a1 
_atom_type.scat_Cromer_Mann_b1 
_atom_type.scat_Cromer_Mann_a2 
_atom_type.scat_Cromer_Mann_b2 
_atom_type.scat_Cromer_Mann_a3 
_atom_type.scat_Cromer_Mann_b3 
_atom_type.scat_Cromer_Mann_a4 
_atom_type.scat_Cromer_Mann_b4 
_atom_type.scat_Cromer_Mann_c 
C 6  6  2.310  20.844 1.020 10.208 1.589 0.569  0.865 51.651 0.216   
H 1  1  0.493  10.511 0.323 26.126 0.140 3.142  0.041 57.800 0.003   
N 7  7  12.222 0.006  3.135 9.893  2.014 28.997 1.167 0.583  -11.538 
O 8  8  3.049  13.277 2.287 5.701  1.546 0.324  0.867 32.909 0.251   
S 16 16 6.905  1.468  5.203 22.215 1.438 0.254  1.586 56.172 1.056   
# 
loop_
_atom_site.group_PDB 
_atom_site.id 
_atom_site.type_symbol 
_atom_site.label_atom_id 
_atom_site.label_alt_id 
_atom_site.label_comp_id 
_atom_site.label_asym_id 
_atom_site.label_entity_id 
_atom_site.label_seq_id 
_atom_site.pdbx_PDB_ins_code 
_atom_site.Cartn_x 
_atom_site.Cartn_y 
_atom_site.Cartn_z 
_atom_site.occupancy 
_atom_site.B_iso_or_equiv 
_atom_site.pdbx_formal_charge 
_atom_site.auth_seq_id 
_atom_site.auth_comp_id 
_atom_site.auth_asym_id 
_atom_site.auth_atom_id 
_atom_site.pdbx_PDB_model_num 
_atom_site.calc_flag 
ATOM   1    N N   . THR   A 1 9   ? 17.117  6.812   9.422   1.000 49.038 0 29  THR   A N   1 ? 
ATOM   2    C CA  . THR   A 1 9   ? 16.343  5.707   8.816   1.000 47.295 0 29  THR   A CA  1 ? 
ATOM   3    C C   . THR   A 1 9   ? 15.469  5.049   9.899   1.000 44.026 0 29  THR   A C   1 ? 
ATOM   4    O O   . THR   A 1 9   ? 14.657  4.218   9.500   1.000 40.775 0 29  THR   A O   1 ? 
ATOM   5    C CB  . THR   A 1 9   ? 17.277  4.785   8.002   1.000 51.486 0 29  THR   A CB  1 ? 
ATOM   6    O OG1 . THR   A 1 9   ? 17.716  5.555   6.882   1.000 54.255 0 29  THR   A OG1 1 ? 
ATOM   7    C CG2 . THR   A 1 9   ? 16.654  3.518   7.450   1.000 47.577 0 29  THR   A CG2 1 ? 
ATOM   8    N N   . ASN   A 1 10  ? 15.557  5.465   11.180  1.000 40.734 0 30  ASN   A N   1 ? 
ATOM   9    C CA  . ASN   A 1 10  ? 14.599  5.123   12.273  1.000 35.114 0 30  ASN   A CA  1 ? 
ATOM   10   C C   . ASN   A 1 10  ? 13.185  4.873   11.697  1.000 27.209 0 30  ASN   A C   1 ? 
ATOM   11   O O   . ASN   A 1 10  ? 12.732  3.722   11.783  1.000 24.578 0 30  ASN   A O   1 ? 
ATOM   12   C CB  . ASN   A 1 10  ? 14.524  6.193   13.367  1.000 41.171 0 30  ASN   A CB  1 ? 
ATOM   13   C CG  . ASN   A 1 10  ? 13.773  5.747   14.607  1.000 43.630 0 30  ASN   A CG  1 ? 
ATOM   14   O OD1 . ASN   A 1 10  ? 13.770  4.572   14.961  1.000 52.525 0 30  ASN   A OD1 1 ? 
ATOM   15   N ND2 . ASN   A 1 10  ? 13.143  6.676   15.294  1.000 46.272 0 30  ASN   A ND2 1 ? 
ATOM   16   N N   . GLN   A 1 11  ? 12.481  5.890   11.191  1.000 25.604 0 31  GLN   A N   1 ? 
ATOM   17   C CA  . GLN   A 1 11  ? 11.032  5.696   10.842  1.000 20.575 0 31  GLN   A CA  1 ? 
ATOM   18   C C   . GLN   A 1 11  ? 10.921  4.844   9.571   1.000 21.634 0 31  GLN   A C   1 ? 
ATOM   19   O O   . GLN   A 1 11  ? 10.002  3.995   9.503   1.000 22.300 0 31  GLN   A O   1 ? 
ATOM   20   C CB  . GLN   A 1 11  ? 10.312  7.024   10.691  1.000 20.845 0 31  GLN   A CB  1 ? 
ATOM   21   C CG  . GLN   A 1 11  ? 10.066  7.731   12.009  1.000 21.542 0 31  GLN   A CG  1 ? 
ATOM   22   C CD  . GLN   A 1 11  ? 9.067   8.849   11.819  1.000 22.009 0 31  GLN   A CD  1 ? 
ATOM   23   O OE1 . GLN   A 1 11  ? 9.013   9.479   10.767  1.000 23.328 0 31  GLN   A OE1 1 ? 
ATOM   24   N NE2 . GLN   A 1 11  ? 8.333   9.157   12.873  1.000 24.435 0 31  GLN   A NE2 1 ? 
ATOM   25   N N   . LEU   A 1 12  ? 11.850  4.998   8.629   1.000 21.532 0 32  LEU   A N   1 ? 
ATOM   26   C CA  . LEU   A 1 12  ? 11.924  4.140   7.412   1.000 22.969 0 32  LEU   A CA  1 ? 
ATOM   27   C C   . LEU   A 1 12  ? 12.195  2.683   7.824   1.000 23.363 0 32  LEU   A C   1 ? 
ATOM   28   O O   . LEU   A 1 12  ? 11.653  1.803   7.151   1.000 23.588 0 32  LEU   A O   1 ? 
ATOM   29   C CB  . LEU   A 1 12  ? 12.966  4.674   6.423   1.000 23.707 0 32  LEU   A CB  1 ? 
ATOM   30   C CG  . LEU   A 1 12  ? 12.539  5.895   5.613   1.000 25.042 0 32  LEU   A CG  1 ? 
ATOM   31   C CD1 . LEU   A 1 12  ? 13.728  6.565   4.959   1.000 26.490 0 32  LEU   A CD1 1 ? 
ATOM   32   C CD2 . LEU   A 1 12  ? 11.493  5.527   4.579   1.000 24.149 0 32  LEU   A CD2 1 ? 
ATOM   33   N N   . GLN   A 1 13  ? 12.954  2.412   8.898   1.000 25.032 0 33  GLN   A N   1 ? 
ATOM   34   C CA  . GLN   A 1 13  ? 13.155  1.018   9.399   1.000 26.332 0 33  GLN   A CA  1 ? 
ATOM   35   C C   . GLN   A 1 13  ? 11.869  0.455   10.007  1.000 25.634 0 33  GLN   A C   1 ? 
ATOM   36   O O   . GLN   A 1 13  ? 11.606  -0.742  9.801   1.000 26.049 0 33  GLN   A O   1 ? 
ATOM   37   C CB  . GLN   A 1 13  ? 14.232  0.935   10.484  1.000 32.293 0 33  GLN   A CB  1 ? 
ATOM   38   C CG  . GLN   A 1 13  ? 15.638  1.102   9.942   1.000 39.141 0 33  GLN   A CG  1 ? 
ATOM   39   C CD  . GLN   A 1 13  ? 16.648  0.426   10.832  1.000 49.798 0 33  GLN   A CD  1 ? 
ATOM   40   O OE1 . GLN   A 1 13  ? 17.632  -0.138  10.353  1.000 59.995 0 33  GLN   A OE1 1 ? 
ATOM   41   N NE2 . GLN   A 1 13  ? 16.387  0.450   12.134  1.000 51.575 0 33  GLN   A NE2 1 ? 
ATOM   42   N N   . TYR   A 1 14  ? 11.120  1.261   10.766  1.000 21.294 0 34  TYR   A N   1 ? 
ATOM   43   C CA  . TYR   A 1 14  ? 9.821   0.853   11.352  1.000 23.114 0 34  TYR   A CA  1 ? 
ATOM   44   C C   . TYR   A 1 14  ? 8.841   0.599   10.195  1.000 20.688 0 34  TYR   A C   1 ? 
ATOM   45   O O   . TYR   A 1 14  ? 8.099   -0.381  10.254  1.000 19.805 0 34  TYR   A O   1 ? 
ATOM   46   C CB  . TYR   A 1 14  ? 9.305   1.867   12.375  1.000 22.874 0 34  TYR   A CB  1 ? 
ATOM   47   C CG  . TYR   A 1 14  ? 7.943   1.579   12.976  1.000 23.312 0 34  TYR   A CG  1 ? 
ATOM   48   C CD1 . TYR   A 1 14  ? 6.797   2.000   12.341  1.000 23.489 0 34  TYR   A CD1 1 ? 
ATOM   49   C CD2 . TYR   A 1 14  ? 7.798   0.922   14.196  1.000 25.466 0 34  TYR   A CD2 1 ? 
ATOM   50   C CE1 . TYR   A 1 14  ? 5.540   1.774   12.891  1.000 26.103 0 34  TYR   A CE1 1 ? 
ATOM   51   C CE2 . TYR   A 1 14  ? 6.551   0.691   14.767  1.000 25.392 0 34  TYR   A CE2 1 ? 
ATOM   52   C CZ  . TYR   A 1 14  ? 5.410   1.124   14.106  1.000 27.162 0 34  TYR   A CZ  1 ? 
ATOM   53   O OH  . TYR   A 1 14  ? 4.138   0.951   14.608  1.000 25.964 0 34  TYR   A OH  1 ? 
ATOM   54   N N   . LEU   A 1 15  ? 8.848   1.435   9.164   1.000 18.803 0 35  LEU   A N   1 ? 
ATOM   55   C CA  . LEU   A 1 15  ? 7.940   1.220   7.998   1.000 19.063 0 35  LEU   A CA  1 ? 
ATOM   56   C C   . LEU   A 1 15  ? 8.249   -0.133  7.344   1.000 18.570 0 35  LEU   A C   1 ? 
ATOM   57   O O   . LEU   A 1 15  ? 7.315   -0.817  6.894   1.000 17.997 0 35  LEU   A O   1 ? 
ATOM   58   C CB  . LEU   A 1 15  ? 8.049   2.376   7.008   1.000 18.106 0 35  LEU   A CB  1 ? 
ATOM   59   C CG  . LEU   A 1 15  ? 7.320   3.624   7.478   1.000 18.884 0 35  LEU   A CG  1 ? 
ATOM   60   C CD1 . LEU   A 1 15  ? 7.749   4.864   6.714   1.000 19.524 0 35  LEU   A CD1 1 ? 
ATOM   61   C CD2 . LEU   A 1 15  ? 5.803   3.413   7.394   1.000 19.775 0 35  LEU   A CD2 1 ? 
ATOM   62   N N   . GLN   A 1 16  ? 9.519   -0.487  7.234   1.000 19.424 0 36  GLN   A N   1 ? 
ATOM   63   C CA  . GLN   A 1 16  ? 9.895   -1.774  6.592   1.000 20.943 0 36  GLN   A CA  1 ? 
ATOM   64   C C   . GLN   A 1 16  ? 9.615   -2.940  7.545   1.000 22.814 0 36  GLN   A C   1 ? 
ATOM   65   O O   . GLN   A 1 16  ? 8.949   -3.901  7.134   1.000 21.635 0 36  GLN   A O   1 ? 
ATOM   66   C CB  . GLN   A 1 16  ? 11.356  -1.721  6.175   1.000 22.375 0 36  GLN   A CB  1 ? 
ATOM   67   C CG  . GLN   A 1 16  ? 11.787  -2.966  5.421   1.000 24.290 0 36  GLN   A CG  1 ? 
ATOM   68   C CD  . GLN   A 1 16  ? 13.284  -2.930  5.259   1.000 27.879 0 36  GLN   A CD  1 ? 
ATOM   69   O OE1 . GLN   A 1 16  ? 13.990  -2.624  6.215   1.000 30.274 0 36  GLN   A OE1 1 ? 
ATOM   70   N NE2 . GLN   A 1 16  ? 13.774  -3.253  4.075   1.000 28.223 0 36  GLN   A NE2 1 ? 
ATOM   71   N N   . LYS   A 1 17  ? 10.086  -2.876  8.789   1.000 23.038 0 37  LYS   A N   1 ? 
ATOM   72   C CA  . LYS   A 1 17  ? 10.187  -4.083  9.655   1.000 25.758 0 37  LYS   A CA  1 ? 
ATOM   73   C C   . LYS   A 1 17  ? 8.889   -4.321  10.425  1.000 23.971 0 37  LYS   A C   1 ? 
ATOM   74   O O   . LYS   A 1 17  ? 8.660   -5.486  10.836  1.000 25.012 0 37  LYS   A O   1 ? 
ATOM   75   C CB  . LYS   A 1 17  ? 11.413  -3.978  10.563  1.000 28.554 0 37  LYS   A CB  1 ? 
ATOM   76   C CG  . LYS   A 1 17  ? 12.729  -3.980  9.802   1.000 34.170 0 37  LYS   A CG  1 ? 
ATOM   77   C CD  . LYS   A 1 17  ? 13.917  -3.892  10.730  1.000 41.978 0 37  LYS   A CD  1 ? 
ATOM   78   C CE  . LYS   A 1 17  ? 15.245  -3.839  10.015  1.000 45.815 0 37  LYS   A CE  1 ? 
ATOM   79   N NZ  . LYS   A 1 17  ? 16.053  -2.710  10.536  1.000 52.075 0 37  LYS   A NZ  1 ? 
ATOM   80   N N   . VAL   A 1 18  ? 8.046   -3.300  10.579  1.000 20.731 0 38  VAL   A N   1 ? 
ATOM   81   C CA  . VAL   A 1 18  ? 6.783   -3.414  11.354  1.000 22.210 0 38  VAL   A CA  1 ? 
ATOM   82   C C   . VAL   A 1 18  ? 5.603   -3.171  10.429  1.000 22.476 0 38  VAL   A C   1 ? 
ATOM   83   O O   . VAL   A 1 18  ? 4.721   -4.059  10.341  1.000 24.437 0 38  VAL   A O   1 ? 
ATOM   84   C CB  . VAL   A 1 18  ? 6.757   -2.466  12.572  1.000 22.214 0 38  VAL   A CB  1 ? 
ATOM   85   C CG1 . VAL   A 1 18  ? 5.438   -2.571  13.308  1.000 22.683 0 38  VAL   A CG1 1 ? 
ATOM   86   C CG2 . VAL   A 1 18  ? 7.945   -2.695  13.507  1.000 24.071 0 38  VAL   A CG2 1 ? 
ATOM   87   N N   . VAL   A 1 19  ? 5.516   -1.989  9.808   1.000 18.951 0 39  VAL   A N   1 ? 
ATOM   88   C CA  . VAL   A 1 19  ? 4.272   -1.635  9.085   1.000 18.517 0 39  VAL   A CA  1 ? 
ATOM   89   C C   . VAL   A 1 19  ? 4.156   -2.558  7.868   1.000 18.268 0 39  VAL   A C   1 ? 
ATOM   90   O O   . VAL   A 1 19  ? 3.110   -3.181  7.664   1.000 18.991 0 39  VAL   A O   1 ? 
ATOM   91   C CB  . VAL   A 1 19  ? 4.252   -0.154  8.670   1.000 17.146 0 39  VAL   A CB  1 ? 
ATOM   92   C CG1 . VAL   A 1 19  ? 2.965   0.190   7.965   1.000 18.454 0 39  VAL   A CG1 1 ? 
ATOM   93   C CG2 . VAL   A 1 19  ? 4.467   0.750   9.878   1.000 18.815 0 39  VAL   A CG2 1 ? 
ATOM   94   N N   . LEU   A 1 20  ? 5.174   -2.587  7.017   1.000 18.151 0 40  LEU   A N   1 ? 
ATOM   95   C CA  . LEU   A 1 20  ? 5.057   -3.334  5.741   1.000 18.103 0 40  LEU   A CA  1 ? 
ATOM   96   C C   . LEU   A 1 20  ? 4.904   -4.821  6.068   1.000 18.570 0 40  LEU   A C   1 ? 
ATOM   97   O O   . LEU   A 1 20  ? 4.081   -5.482  5.453   1.000 17.402 0 40  LEU   A O   1 ? 
ATOM   98   C CB  . LEU   A 1 20  ? 6.288   -3.116  4.880   1.000 16.864 0 40  LEU   A CB  1 ? 
ATOM   99   C CG  . LEU   A 1 20  ? 6.302   -3.931  3.591   1.000 17.565 0 40  LEU   A CG  1 ? 
ATOM   100  C CD1 . LEU   A 1 20  ? 5.196   -3.482  2.668   1.000 17.728 0 40  LEU   A CD1 1 ? 
ATOM   101  C CD2 . LEU   A 1 20  ? 7.637   -3.758  2.886   1.000 18.914 0 40  LEU   A CD2 1 ? 
ATOM   102  N N   . LYS   A 1 21  ? 5.671   -5.311  7.035   1.000 19.178 0 41  LYS   A N   1 ? 
ATOM   103  C CA  . LYS   A 1 21  ? 5.630   -6.735  7.440   1.000 20.466 0 41  LYS   A CA  1 ? 
ATOM   104  C C   . LYS   A 1 21  ? 4.231   -7.092  7.923   1.000 19.991 0 41  LYS   A C   1 ? 
ATOM   105  O O   . LYS   A 1 21  ? 3.701   -8.120  7.486   1.000 19.202 0 41  LYS   A O   1 ? 
ATOM   106  C CB  . LYS   A 1 21  ? 6.671   -6.982  8.533   1.000 24.553 0 41  LYS   A CB  1 ? 
ATOM   107  C CG  . LYS   A 1 21  ? 6.686   -8.403  9.093   1.000 29.838 0 41  LYS   A CG  1 ? 
ATOM   108  C CD  . LYS   A 1 21  ? 8.054   -8.791  9.655   1.000 37.471 0 41  LYS   A CD  1 ? 
ATOM   109  C CE  . LYS   A 1 21  ? 7.983   -9.891  10.700  1.000 43.941 0 41  LYS   A CE  1 ? 
ATOM   110  N NZ  . LYS   A 1 21  ? 9.236   -10.013 11.494  1.000 45.422 0 41  LYS   A NZ  1 ? 
ATOM   111  N N   . ASP   A 1 22  ? 3.660   -6.297  8.826   1.000 19.466 0 42  ASP   A N   1 ? 
ATOM   112  C CA  . ASP   A 1 22  ? 2.355   -6.647  9.430   1.000 20.726 0 42  ASP   A CA  1 ? 
ATOM   113  C C   . ASP   A 1 22  ? 1.240   -6.512  8.392   1.000 19.617 0 42  ASP   A C   1 ? 
ATOM   114  O O   . ASP   A 1 22  ? 0.371   -7.357  8.420   1.000 18.353 0 42  ASP   A O   1 ? 
ATOM   115  C CB  . ASP   A 1 22  ? 2.057   -5.858  10.703  1.000 22.292 0 42  ASP   A CB  1 ? 
ATOM   116  C CG  . ASP   A 1 22  ? 3.015   -6.190  11.846  1.000 26.828 0 42  ASP   A CG  1 ? 
ATOM   117  O OD1 . ASP   A 1 22  ? 3.938   -7.036  11.662  1.000 30.968 0 42  ASP   A OD1 1 ? 
ATOM   118  O OD2 . ASP   A 1 22  ? 2.875   -5.546  12.886  1.000 28.882 0 42  ASP   A OD2 1 ? 
ATOM   119  N N   . LEU   A 1 23  ? 1.261   -5.533  7.477   1.000 17.242 0 43  LEU   A N   1 ? 
ATOM   120  C CA  . LEU   A 1 23  ? 0.260   -5.506  6.374   1.000 17.414 0 43  LEU   A CA  1 ? 
ATOM   121  C C   . LEU   A 1 23  ? 0.421   -6.760  5.496   1.000 16.493 0 43  LEU   A C   1 ? 
ATOM   122  O O   . LEU   A 1 23  ? -0.584  -7.358  5.117   1.000 16.005 0 43  LEU   A O   1 ? 
ATOM   123  C CB  . LEU   A 1 23  ? 0.397   -4.219  5.554   1.000 17.152 0 43  LEU   A CB  1 ? 
ATOM   124  C CG  . LEU   A 1 23  ? -0.547  -3.085  5.956   1.000 21.345 0 43  LEU   A CG  1 ? 
ATOM   125  C CD1 . LEU   A 1 23  ? -0.403  -2.751  7.401   1.000 22.205 0 43  LEU   A CD1 1 ? 
ATOM   126  C CD2 . LEU   A 1 23  ? -0.318  -1.847  5.092   1.000 20.474 0 43  LEU   A CD2 1 ? 
ATOM   127  N N   . TRP   A 1 24  ? 1.645   -7.106  5.121   1.000 16.109 0 44  TRP   A N   1 ? 
ATOM   128  C CA  . TRP   A 1 24  ? 1.920   -8.237  4.200   1.000 17.279 0 44  TRP   A CA  1 ? 
ATOM   129  C C   . TRP   A 1 24  ? 1.329   -9.511  4.824   1.000 17.658 0 44  TRP   A C   1 ? 
ATOM   130  O O   . TRP   A 1 24  ? 0.745   -10.317 4.096   1.000 17.127 0 44  TRP   A O   1 ? 
ATOM   131  C CB  . TRP   A 1 24  ? 3.418   -8.362  3.925   1.000 16.638 0 44  TRP   A CB  1 ? 
ATOM   132  C CG  . TRP   A 1 24  ? 3.756   -9.162  2.709   1.000 18.472 0 44  TRP   A CG  1 ? 
ATOM   133  C CD1 . TRP   A 1 24  ? 3.635   -10.528 2.568   1.000 20.555 0 44  TRP   A CD1 1 ? 
ATOM   134  C CD2 . TRP   A 1 24  ? 4.219   -8.666  1.440   1.000 18.238 0 44  TRP   A CD2 1 ? 
ATOM   135  N NE1 . TRP   A 1 24  ? 3.966   -10.901 1.292   1.000 20.612 0 44  TRP   A NE1 1 ? 
ATOM   136  C CE2 . TRP   A 1 24  ? 4.363   -9.788  0.588   1.000 19.481 0 44  TRP   A CE2 1 ? 
ATOM   137  C CE3 . TRP   A 1 24  ? 4.529   -7.398  0.931   1.000 18.777 0 44  TRP   A CE3 1 ? 
ATOM   138  C CZ2 . TRP   A 1 24  ? 4.798   -9.662  -0.737  1.000 20.932 0 44  TRP   A CZ2 1 ? 
ATOM   139  C CZ3 . TRP   A 1 24  ? 4.939   -7.278  -0.377  1.000 18.841 0 44  TRP   A CZ3 1 ? 
ATOM   140  C CH2 . TRP   A 1 24  ? 5.100   -8.397  -1.195  1.000 19.722 0 44  TRP   A CH2 1 ? 
ATOM   141  N N   . LYS   A 1 25  ? 1.420   -9.654  6.151   1.000 18.266 0 45  LYS   A N   1 ? 
ATOM   142  C CA  . LYS   A 1 25  ? 1.008   -10.902 6.839   1.000 18.289 0 45  LYS   A CA  1 ? 
ATOM   143  C C   . LYS   A 1 25  ? -0.503  -10.950 7.016   1.000 18.182 0 45  LYS   A C   1 ? 
ATOM   144  O O   . LYS   A 1 25  ? -1.028  -12.057 7.298   1.000 20.483 0 45  LYS   A O   1 ? 
ATOM   145  C CB  . LYS   A 1 25  ? 1.693   -11.031 8.187   1.000 20.302 0 45  LYS   A CB  1 ? 
ATOM   146  C CG  . LYS   A 1 25  ? 3.175   -11.360 8.097   1.000 25.027 0 45  LYS   A CG  1 ? 
ATOM   147  C CD  . LYS   A 1 25  ? 3.863   -11.371 9.446   1.000 29.265 0 45  LYS   A CD  1 ? 
ATOM   148  C CE  . LYS   A 1 25  ? 5.156   -12.153 9.366   1.000 35.764 0 45  LYS   A CE  1 ? 
ATOM   149  N NZ  . LYS   A 1 25  ? 5.868   -12.209 10.666  1.000 42.949 0 45  LYS   A NZ  1 ? 
ATOM   150  N N   . HIS   A 1 26  ? -1.180  -9.826  6.886   1.000 14.467 0 46  HIS   A N   1 ? 
ATOM   151  C CA  . HIS   A 1 26  ? -2.653  -9.784  6.965   1.000 14.204 0 46  HIS   A CA  1 ? 
ATOM   152  C C   . HIS   A 1 26  ? -3.236  -10.667 5.849   1.000 14.817 0 46  HIS   A C   1 ? 
ATOM   153  O O   . HIS   A 1 26  ? -2.731  -10.572 4.696   1.000 13.393 0 46  HIS   A O   1 ? 
ATOM   154  C CB  . HIS   A 1 26  ? -3.129  -8.359  6.866   1.000 14.165 0 46  HIS   A CB  1 ? 
ATOM   155  C CG  . HIS   A 1 26  ? -4.571  -8.180  7.158   1.000 15.296 0 46  HIS   A CG  1 ? 
ATOM   156  N ND1 . HIS   A 1 26  ? -5.539  -8.463  6.231   1.000 16.195 0 46  HIS   A ND1 1 ? 
ATOM   157  C CD2 . HIS   A 1 26  ? -5.202  -7.756  8.266   1.000 15.784 0 46  HIS   A CD2 1 ? 
ATOM   158  C CE1 . HIS   A 1 26  ? -6.723  -8.215  6.756   1.000 17.371 0 46  HIS   A CE1 1 ? 
ATOM   159  N NE2 . HIS   A 1 26  ? -6.547  -7.751  8.012   1.000 16.749 0 46  HIS   A NE2 1 ? 
ATOM   160  N N   . SER   A 1 27  ? -4.323  -11.397 6.129   1.000 16.132 0 47  SER   A N   1 ? 
ATOM   161  C CA  . SER   A 1 27  ? -4.896  -12.416 5.203   1.000 17.104 0 47  SER   A CA  1 ? 
ATOM   162  C C   . SER   A 1 27  ? -5.446  -11.763 3.932   1.000 19.043 0 47  SER   A C   1 ? 
ATOM   163  O O   . SER   A 1 27  ? -5.497  -12.471 2.886   1.000 20.016 0 47  SER   A O   1 ? 
ATOM   164  C CB  . SER   A 1 27  ? -5.970  -13.203 5.875   1.000 18.935 0 47  SER   A CB  1 ? 
ATOM   165  O OG  . SER   A 1 27  ? -5.396  -13.973 6.913   1.000 21.456 0 47  SER   A OG  1 ? 
ATOM   166  N N   . PHE   A 1 28  ? -5.737  -10.459 3.970   1.000 16.389 0 48  PHE   A N   1 ? 
ATOM   167  C CA  . PHE   A 1 28  ? -6.330  -9.712  2.839   1.000 16.078 0 48  PHE   A CA  1 ? 
ATOM   168  C C   . PHE   A 1 28  ? -5.291  -8.916  2.048   1.000 15.514 0 48  PHE   A C   1 ? 
ATOM   169  O O   . PHE   A 1 28  ? -5.669  -8.124  1.217   1.000 16.538 0 48  PHE   A O   1 ? 
ATOM   170  C CB  . PHE   A 1 28  ? -7.406  -8.774  3.361   1.000 18.453 0 48  PHE   A CB  1 ? 
ATOM   171  C CG  . PHE   A 1 28  ? -8.673  -9.427  3.842   1.000 20.518 0 48  PHE   A CG  1 ? 
ATOM   172  C CD1 . PHE   A 1 28  ? -8.937  -10.772 3.616   1.000 21.131 0 48  PHE   A CD1 1 ? 
ATOM   173  C CD2 . PHE   A 1 28  ? -9.631  -8.660  4.486   1.000 20.651 0 48  PHE   A CD2 1 ? 
ATOM   174  C CE1 . PHE   A 1 28  ? -10.150 -11.319 4.007   1.000 20.666 0 48  PHE   A CE1 1 ? 
ATOM   175  C CE2 . PHE   A 1 28  ? -10.841 -9.211  4.882   1.000 23.147 0 48  PHE   A CE2 1 ? 
ATOM   176  C CZ  . PHE   A 1 28  ? -11.087 -10.545 4.647   1.000 23.874 0 48  PHE   A CZ  1 ? 
ATOM   177  N N   . SER   A 1 29  ? -3.996  -9.091  2.271   1.000 14.447 0 49  SER   A N   1 ? 
ATOM   178  C CA  . SER   A 1 29  ? -2.984  -8.259  1.591   1.000 15.146 0 49  SER   A CA  1 ? 
ATOM   179  C C   . SER   A 1 29  ? -2.691  -8.746  0.174   1.000 14.076 0 49  SER   A C   1 ? 
ATOM   180  O O   . SER   A 1 29  ? -2.164  -7.971  -0.601  1.000 14.930 0 49  SER   A O   1 ? 
ATOM   181  C CB  . SER   A 1 29  ? -1.712  -8.183  2.349   1.000 15.337 0 49  SER   A CB  1 ? 
ATOM   182  O OG  . SER   A 1 29  ? -1.009  -9.399  2.290   1.000 18.628 0 49  SER   A OG  1 ? 
ATOM   183  N N   . TRP   A 1 30  ? -3.017  -9.987  -0.147  1.000 14.666 0 50  TRP   A N   1 ? 
ATOM   184  C CA  . TRP   A 1 30  ? -2.562  -10.629 -1.399  1.000 15.007 0 50  TRP   A CA  1 ? 
ATOM   185  C C   . TRP   A 1 30  ? -2.881  -9.785  -2.633  1.000 13.353 0 50  TRP   A C   1 ? 
ATOM   186  O O   . TRP   A 1 30  ? -2.039  -9.753  -3.511  1.000 14.715 0 50  TRP   A O   1 ? 
ATOM   187  C CB  . TRP   A 1 30  ? -3.010  -12.096 -1.518  1.000 14.085 0 50  TRP   A CB  1 ? 
ATOM   188  C CG  . TRP   A 1 30  ? -4.483  -12.283 -1.548  1.000 14.533 0 50  TRP   A CG  1 ? 
ATOM   189  C CD1 . TRP   A 1 30  ? -5.294  -12.549 -0.491  1.000 13.020 0 50  TRP   A CD1 1 ? 
ATOM   190  C CD2 . TRP   A 1 30  ? -5.329  -12.204 -2.710  1.000 14.581 0 50  TRP   A CD2 1 ? 
ATOM   191  N NE1 . TRP   A 1 30  ? -6.601  -12.567 -0.904  1.000 14.263 0 50  TRP   A NE1 1 ? 
ATOM   192  C CE2 . TRP   A 1 30  ? -6.651  -12.380 -2.267  1.000 13.836 0 50  TRP   A CE2 1 ? 
ATOM   193  C CE3 . TRP   A 1 30  ? -5.098  -11.961 -4.071  1.000 15.349 0 50  TRP   A CE3 1 ? 
ATOM   194  C CZ2 . TRP   A 1 30  ? -7.746  -12.333 -3.121  1.000 14.378 0 50  TRP   A CZ2 1 ? 
ATOM   195  C CZ3 . TRP   A 1 30  ? -6.182  -11.911 -4.912  1.000 15.387 0 50  TRP   A CZ3 1 ? 
ATOM   196  C CH2 . TRP   A 1 30  ? -7.484  -12.098 -4.454  1.000 15.244 0 50  TRP   A CH2 1 ? 
ATOM   197  N N   . PRO   A 1 31  ? -4.041  -9.099  -2.788  1.000 13.301 0 51  PRO   A N   1 ? 
ATOM   198  C CA  . PRO   A 1 31  ? -4.264  -8.342  -4.024  1.000 13.870 0 51  PRO   A CA  1 ? 
ATOM   199  C C   . PRO   A 1 31  ? -3.316  -7.150  -4.175  1.000 13.709 0 51  PRO   A C   1 ? 
ATOM   200  O O   . PRO   A 1 31  ? -3.243  -6.569  -5.244  1.000 13.142 0 51  PRO   A O   1 ? 
ATOM   201  C CB  . PRO   A 1 31  ? -5.690  -7.849  -3.891  1.000 14.214 0 51  PRO   A CB  1 ? 
ATOM   202  C CG  . PRO   A 1 31  ? -6.311  -8.768  -2.814  1.000 14.887 0 51  PRO   A CG  1 ? 
ATOM   203  C CD  . PRO   A 1 31  ? -5.172  -9.011  -1.867  1.000 13.845 0 51  PRO   A CD  1 ? 
ATOM   204  N N   . PHE   A 1 32  ? -2.620  -6.780  -3.099  1.000 13.219 0 52  PHE   A N   1 ? 
ATOM   205  C CA  . PHE   A 1 32  ? -1.783  -5.560  -3.037  1.000 12.746 0 52  PHE   A CA  1 ? 
ATOM   206  C C   . PHE   A 1 32  ? -0.318  -5.960  -3.074  1.000 12.737 0 52  PHE   A C   1 ? 
ATOM   207  O O   . PHE   A 1 32  ? 0.534   -5.067  -3.139  1.000 13.952 0 52  PHE   A O   1 ? 
ATOM   208  C CB  . PHE   A 1 32  ? -2.112  -4.770  -1.758  1.000 12.637 0 52  PHE   A CB  1 ? 
ATOM   209  C CG  . PHE   A 1 32  ? -3.583  -4.448  -1.650  1.000 13.962 0 52  PHE   A CG  1 ? 
ATOM   210  C CD1 . PHE   A 1 32  ? -4.128  -3.400  -2.357  1.000 14.126 0 52  PHE   A CD1 1 ? 
ATOM   211  C CD2 . PHE   A 1 32  ? -4.416  -5.220  -0.868  1.000 13.899 0 52  PHE   A CD2 1 ? 
ATOM   212  C CE1 . PHE   A 1 32  ? -5.482  -3.122  -2.288  1.000 13.863 0 52  PHE   A CE1 1 ? 
ATOM   213  C CE2 . PHE   A 1 32  ? -5.782  -4.952  -0.821  1.000 14.213 0 52  PHE   A CE2 1 ? 
ATOM   214  C CZ  . PHE   A 1 32  ? -6.302  -3.895  -1.521  1.000 14.949 0 52  PHE   A CZ  1 ? 
ATOM   215  N N   . GLN   A 1 33  ? -0.018  -7.244  -3.177  1.000 13.760 0 53  GLN   A N   1 ? 
ATOM   216  C CA  . GLN   A 1 33  ? 1.379   -7.736  -3.130  1.000 15.610 0 53  GLN   A CA  1 ? 
ATOM   217  C C   . GLN   A 1 33  ? 2.115   -7.623  -4.461  1.000 19.614 0 53  GLN   A C   1 ? 
ATOM   218  O O   . GLN   A 1 33  ? 3.319   -7.900  -4.491  1.000 20.866 0 53  GLN   A O   1 ? 
ATOM   219  C CB  . GLN   A 1 33  ? 1.381   -9.181  -2.638  1.000 17.314 0 53  GLN   A CB  1 ? 
ATOM   220  C CG  . GLN   A 1 33  ? 1.074   -9.257  -1.153  1.000 17.355 0 53  GLN   A CG  1 ? 
ATOM   221  C CD  . GLN   A 1 33  ? 1.066   -10.698 -0.697  1.000 21.941 0 53  GLN   A CD  1 ? 
ATOM   222  O OE1 . GLN   A 1 33  ? 1.609   -11.572 -1.360  1.000 22.904 0 53  GLN   A OE1 1 ? 
ATOM   223  N NE2 . GLN   A 1 33  ? 0.432   -10.966 0.427   1.000 25.179 0 53  GLN   A NE2 1 ? 
ATOM   224  N N   . ARG   A 1 34  ? 1.431   -7.242  -5.529  1.000 17.787 0 54  ARG   A N   1 ? 
ATOM   225  C CA  . ARG   A 1 34  ? 2.027   -7.061  -6.864  1.000 18.430 0 54  ARG   A CA  1 ? 
ATOM   226  C C   . ARG   A 1 34  ? 1.220   -5.982  -7.536  1.000 16.261 0 54  ARG   A C   1 ? 
ATOM   227  O O   . ARG   A 1 34  ? 0.039   -5.870  -7.242  1.000 14.414 0 54  ARG   A O   1 ? 
ATOM   228  C CB  . ARG   A 1 34  ? 1.914   -8.353  -7.681  1.000 23.321 0 54  ARG   A CB  1 ? 
ATOM   229  C CG  . ARG   A 1 34  ? 2.957   -9.387  -7.287  1.000 29.854 0 54  ARG   A CG  1 ? 
ATOM   230  C CD  . ARG   A 1 34  ? 3.118   -10.491 -8.311  1.000 36.968 0 54  ARG   A CD  1 ? 
ATOM   231  N NE  . ARG   A 1 34  ? 1.869   -11.209 -8.453  1.000 48.064 0 54  ARG   A NE  1 ? 
ATOM   232  C CZ  . ARG   A 1 34  ? 1.596   -12.105 -9.399  1.000 55.153 0 54  ARG   A CZ  1 ? 
ATOM   233  N NH1 . ARG   A 1 34  ? 2.492   -12.404 -10.328 1.000 57.414 0 54  ARG   A NH1 1 ? 
ATOM   234  N NH2 . ARG   A 1 34  ? 0.406   -12.687 -9.419  1.000 58.753 0 54  ARG   A NH2 1 ? 
ATOM   235  N N   . PRO   A 1 35  ? 1.800   -5.294  -8.537  1.000 15.671 0 55  PRO   A N   1 ? 
ATOM   236  C CA  . PRO   A 1 35  ? 1.047   -4.367  -9.371  1.000 15.878 0 55  PRO   A CA  1 ? 
ATOM   237  C C   . PRO   A 1 35  ? -0.135  -5.105  -10.016 1.000 14.956 0 55  PRO   A C   1 ? 
ATOM   238  O O   . PRO   A 1 35  ? -0.026  -6.297  -10.388 1.000 13.985 0 55  PRO   A O   1 ? 
ATOM   239  C CB  . PRO   A 1 35  ? 2.066   -3.933  -10.438 1.000 17.270 0 55  PRO   A CB  1 ? 
ATOM   240  C CG  . PRO   A 1 35  ? 3.393   -4.205  -9.830  1.000 16.881 0 55  PRO   A CG  1 ? 
ATOM   241  C CD  . PRO   A 1 35  ? 3.220   -5.404  -8.939  1.000 16.421 0 55  PRO   A CD  1 ? 
ATOM   242  N N   . VAL   A 1 36  ? -1.244  -4.399  -10.193 1.000 15.638 0 56  VAL   A N   1 ? 
ATOM   243  C CA  . VAL   A 1 36  ? -2.416  -4.973  -10.899 1.000 17.202 0 56  VAL   A CA  1 ? 
ATOM   244  C C   . VAL   A 1 36  ? -1.951  -5.531  -12.265 1.000 17.886 0 56  VAL   A C   1 ? 
ATOM   245  O O   . VAL   A 1 36  ? -1.272  -4.816  -13.041 1.000 15.381 0 56  VAL   A O   1 ? 
ATOM   246  C CB  . VAL   A 1 36  ? -3.541  -3.925  -11.000 1.000 20.025 0 56  VAL   A CB  1 ? 
ATOM   247  C CG1 . VAL   A 1 36  ? -4.612  -4.341  -11.979 1.000 22.492 0 56  VAL   A CG1 1 ? 
ATOM   248  C CG2 . VAL   A 1 36  ? -4.143  -3.607  -9.648  1.000 20.538 0 56  VAL   A CG2 1 ? 
ATOM   249  N N   . ASP   A 1 37  ? -2.196  -6.817  -12.525 1.000 18.153 0 57  ASP   A N   1 ? 
ATOM   250  C CA  . ASP   A 1 37  ? -1.874  -7.435  -13.835 1.000 20.427 0 57  ASP   A CA  1 ? 
ATOM   251  C C   . ASP   A 1 37  ? -3.061  -7.163  -14.741 1.000 20.657 0 57  ASP   A C   1 ? 
ATOM   252  O O   . ASP   A 1 37  ? -4.001  -7.967  -14.750 1.000 18.767 0 57  ASP   A O   1 ? 
ATOM   253  C CB  . ASP   A 1 37  ? -1.542  -8.934  -13.739 1.000 25.726 0 57  ASP   A CB  1 ? 
ATOM   254  C CG  . ASP   A 1 37  ? -0.984  -9.534  -15.029 1.000 29.940 0 57  ASP   A CG  1 ? 
ATOM   255  O OD1 . ASP   A 1 37  ? -1.332  -9.039  -16.127 1.000 27.478 0 57  ASP   A OD1 1 ? 
ATOM   256  O OD2 . ASP   A 1 37  ? -0.136  -10.470 -14.929 1.000 33.906 0 57  ASP   A OD2 1 ? 
ATOM   257  N N   . ALA   A 1 38  ? -3.014  -6.046  -15.486 1.000 19.733 0 58  ALA   A N   1 ? 
ATOM   258  C CA  . ALA   A 1 38  ? -4.133  -5.622  -16.354 1.000 19.362 0 58  ALA   A CA  1 ? 
ATOM   259  C C   . ALA   A 1 38  ? -4.391  -6.644  -17.471 1.000 18.905 0 58  ALA   A C   1 ? 
ATOM   260  O O   . ALA   A 1 38  ? -5.533  -6.687  -17.928 1.000 19.750 0 58  ALA   A O   1 ? 
ATOM   261  C CB  . ALA   A 1 38  ? -3.869  -4.250  -16.929 1.000 20.933 0 58  ALA   A CB  1 ? 
ATOM   262  N N   . VAL   A 1 39  ? -3.386  -7.403  -17.888 1.000 20.200 0 59  VAL   A N   1 ? 
ATOM   263  C CA  . VAL   A 1 39  ? -3.484  -8.406  -18.989 1.000 24.720 0 59  VAL   A CA  1 ? 
ATOM   264  C C   . VAL   A 1 39  ? -4.244  -9.630  -18.474 1.000 25.612 0 59  VAL   A C   1 ? 
ATOM   265  O O   . VAL   A 1 39  ? -5.356  -9.910  -18.971 1.000 22.656 0 59  VAL   A O   1 ? 
ATOM   266  C CB  . VAL   A 1 39  ? -2.086  -8.787  -19.505 1.000 30.868 0 59  VAL   A CB  1 ? 
ATOM   267  C CG1 . VAL   A 1 39  ? -2.128  -9.956  -20.489 1.000 32.157 0 59  VAL   A CG1 1 ? 
ATOM   268  C CG2 . VAL   A 1 39  ? -1.392  -7.567  -20.116 1.000 32.203 0 59  VAL   A CG2 1 ? 
ATOM   269  N N   . LYS   A 1 40  ? -3.715  -10.292 -17.441 1.000 23.280 0 60  LYS   A N   1 ? 
ATOM   270  C CA  . LYS   A 1 40  ? -4.367  -11.522 -16.900 1.000 24.141 0 60  LYS   A CA  1 ? 
ATOM   271  C C   . LYS   A 1 40  ? -5.730  -11.207 -16.306 1.000 21.085 0 60  LYS   A C   1 ? 
ATOM   272  O O   . LYS   A 1 40  ? -6.572  -12.083 -16.341 1.000 22.711 0 60  LYS   A O   1 ? 
ATOM   273  C CB  . LYS   A 1 40  ? -3.516  -12.216 -15.837 1.000 26.186 0 60  LYS   A CB  1 ? 
ATOM   274  C CG  . LYS   A 1 40  ? -2.297  -12.942 -16.361 1.000 31.764 0 60  LYS   A CG  1 ? 
ATOM   275  C CD  . LYS   A 1 40  ? -1.609  -13.753 -15.268 1.000 36.231 0 60  LYS   A CD  1 ? 
ATOM   276  C CE  . LYS   A 1 40  ? -0.292  -14.310 -15.755 1.000 43.291 0 60  LYS   A CE  1 ? 
ATOM   277  N NZ  . LYS   A 1 40  ? 0.476   -14.959 -14.668 1.000 49.521 0 60  LYS   A NZ  1 ? 
ATOM   278  N N   . LEU   A 1 41  ? -5.953  -10.016 -15.734 1.000 17.807 0 61  LEU   A N   1 ? 
ATOM   279  C CA  . LEU   A 1 41  ? -7.246  -9.680  -15.126 1.000 16.269 0 61  LEU   A CA  1 ? 
ATOM   280  C C   . LEU   A 1 41  ? -8.175  -9.021  -16.146 1.000 16.977 0 61  LEU   A C   1 ? 
ATOM   281  O O   . LEU   A 1 41  ? -9.325  -8.785  -15.787 1.000 18.736 0 61  LEU   A O   1 ? 
ATOM   282  C CB  . LEU   A 1 41  ? -7.020  -8.824  -13.871 1.000 18.693 0 61  LEU   A CB  1 ? 
ATOM   283  C CG  . LEU   A 1 41  ? -6.167  -9.473  -12.782 1.000 18.393 0 61  LEU   A CG  1 ? 
ATOM   284  C CD1 . LEU   A 1 41  ? -5.856  -8.450  -11.701 1.000 17.768 0 61  LEU   A CD1 1 ? 
ATOM   285  C CD2 . LEU   A 1 41  ? -6.874  -10.692 -12.188 1.000 19.359 0 61  LEU   A CD2 1 ? 
ATOM   286  N N   . GLN   A 1 42  ? -7.693  -8.744  -17.354 1.000 19.727 0 62  GLN   A N   1 ? 
ATOM   287  C CA  . GLN   A 1 42  ? -8.453  -7.986  -18.403 1.000 21.773 0 62  GLN   A CA  1 ? 
ATOM   288  C C   . GLN   A 1 42  ? -9.108  -6.750  -17.763 1.000 19.259 0 62  GLN   A C   1 ? 
ATOM   289  O O   . GLN   A 1 42  ? -10.331 -6.528  -17.798 1.000 17.982 0 62  GLN   A O   1 ? 
ATOM   290  C CB  . GLN   A 1 42  ? -9.385  -8.921  -19.182 1.000 25.732 0 62  GLN   A CB  1 ? 
ATOM   291  C CG  . GLN   A 1 42  ? -10.007 -8.296  -20.442 1.000 27.511 0 62  GLN   A CG  1 ? 
ATOM   292  C CD  . GLN   A 1 42  ? -9.007  -7.651  -21.380 1.000 31.819 0 62  GLN   A CD  1 ? 
ATOM   293  O OE1 . GLN   A 1 42  ? -7.837  -8.032  -21.415 1.000 34.415 0 62  GLN   A OE1 1 ? 
ATOM   294  N NE2 . GLN   A 1 42  ? -9.475  -6.688  -22.177 1.000 30.395 0 62  GLN   A NE2 1 ? 
ATOM   295  N N   . LEU   A 1 43  ? -8.257  -5.843  -17.311 1.000 15.164 0 63  LEU   A N   1 ? 
ATOM   296  C CA  . LEU   A 1 43  ? -8.669  -4.520  -16.792 1.000 14.906 0 63  LEU   A CA  1 ? 
ATOM   297  C C   . LEU   A 1 43  ? -7.966  -3.452  -17.627 1.000 15.915 0 63  LEU   A C   1 ? 
ATOM   298  O O   . LEU   A 1 43  ? -6.998  -2.841  -17.164 1.000 12.965 0 63  LEU   A O   1 ? 
ATOM   299  C CB  . LEU   A 1 43  ? -8.233  -4.432  -15.330 1.000 15.138 0 63  LEU   A CB  1 ? 
ATOM   300  C CG  . LEU   A 1 43  ? -8.912  -5.438  -14.401 1.000 16.274 0 63  LEU   A CG  1 ? 
ATOM   301  C CD1 . LEU   A 1 43  ? -8.396  -5.264  -12.991 1.000 16.549 0 63  LEU   A CD1 1 ? 
ATOM   302  C CD2 . LEU   A 1 43  ? -10.430 -5.279  -14.457 1.000 17.186 0 63  LEU   A CD2 1 ? 
ATOM   303  N N   . PRO   A 1 44  ? -8.358  -3.293  -18.920 1.000 14.868 0 64  PRO   A N   1 ? 
ATOM   304  C CA  . PRO   A 1 44  ? -7.614  -2.407  -19.819 1.000 15.534 0 64  PRO   A CA  1 ? 
ATOM   305  C C   . PRO   A 1 44  ? -7.750  -0.914  -19.498 1.000 14.035 0 64  PRO   A C   1 ? 
ATOM   306  O O   . PRO   A 1 44  ? -6.984  -0.136  -20.056 1.000 14.107 0 64  PRO   A O   1 ? 
ATOM   307  C CB  . PRO   A 1 44  ? -8.197  -2.739  -21.207 1.000 16.262 0 64  PRO   A CB  1 ? 
ATOM   308  C CG  . PRO   A 1 44  ? -9.620  -3.180  -20.896 1.000 16.843 0 64  PRO   A CG  1 ? 
ATOM   309  C CD  . PRO   A 1 44  ? -9.498  -3.961  -19.594 1.000 16.442 0 64  PRO   A CD  1 ? 
ATOM   310  N N   . ASP   A 1 45  ? -8.672  -0.533  -18.610 1.000 13.328 0 65  ASP   A N   1 ? 
ATOM   311  C CA  . ASP   A 1 45  ? -8.835  0.882   -18.200 1.000 13.547 0 65  ASP   A CA  1 ? 
ATOM   312  C C   . ASP   A 1 45  ? -8.077  1.147   -16.892 1.000 12.933 0 65  ASP   A C   1 ? 
ATOM   313  O O   . ASP   A 1 45  ? -7.964  2.312   -16.534 1.000 12.821 0 65  ASP   A O   1 ? 
ATOM   314  C CB  . ASP   A 1 45  ? -10.306 1.301   -18.082 1.000 15.700 0 65  ASP   A CB  1 ? 
ATOM   315  C CG  . ASP   A 1 45  ? -11.075 0.541   -17.021 1.000 19.538 0 65  ASP   A CG  1 ? 
ATOM   316  O OD1 . ASP   A 1 45  ? -10.583 -0.563  -16.536 1.000 20.921 0 65  ASP   A OD1 1 ? 
ATOM   317  O OD2 . ASP   A 1 45  ? -12.188 1.011   -16.706 1.000 25.653 0 65  ASP   A OD2 1 ? 
ATOM   318  N N   . TYR   A 1 46  ? -7.549  0.136   -16.207 1.000 11.412 0 66  TYR   A N   1 ? 
ATOM   319  C CA  . TYR   A 1 46  ? -7.011  0.335   -14.849 1.000 10.843 0 66  TYR   A CA  1 ? 
ATOM   320  C C   . TYR   A 1 46  ? -5.920  1.415   -14.879 1.000 11.444 0 66  TYR   A C   1 ? 
ATOM   321  O O   . TYR   A 1 46  ? -5.947  2.379   -14.082 1.000 10.920 0 66  TYR   A O   1 ? 
ATOM   322  C CB  . TYR   A 1 46  ? -6.451  -0.965  -14.273 1.000 11.762 0 66  TYR   A CB  1 ? 
ATOM   323  C CG  . TYR   A 1 46  ? -5.943  -0.751  -12.880 1.000 11.391 0 66  TYR   A CG  1 ? 
ATOM   324  C CD1 . TYR   A 1 46  ? -6.801  -0.775  -11.804 1.000 10.819 0 66  TYR   A CD1 1 ? 
ATOM   325  C CD2 . TYR   A 1 46  ? -4.595  -0.468  -12.651 1.000 11.444 0 66  TYR   A CD2 1 ? 
ATOM   326  C CE1 . TYR   A 1 46  ? -6.346  -0.490  -10.524 1.000 10.856 0 66  TYR   A CE1 1 ? 
ATOM   327  C CE2 . TYR   A 1 46  ? -4.131  -0.171  -11.385 1.000 12.044 0 66  TYR   A CE2 1 ? 
ATOM   328  C CZ  . TYR   A 1 46  ? -4.994  -0.266  -10.311 1.000 12.467 0 66  TYR   A CZ  1 ? 
ATOM   329  O OH  . TYR   A 1 46  ? -4.537  0.031   -9.061  1.000 13.735 0 66  TYR   A OH  1 ? 
ATOM   330  N N   . TYR   A 1 47  ? -4.943  1.274   -15.784 1.000 11.465 0 67  TYR   A N   1 ? 
ATOM   331  C CA  . TYR   A 1 47  ? -3.777  2.178   -15.819 1.000 11.945 0 67  TYR   A CA  1 ? 
ATOM   332  C C   . TYR   A 1 47  ? -4.105  3.481   -16.564 1.000 12.155 0 67  TYR   A C   1 ? 
ATOM   333  O O   . TYR   A 1 47  ? -3.249  4.377   -16.592 1.000 13.354 0 67  TYR   A O   1 ? 
ATOM   334  C CB  . TYR   A 1 47  ? -2.545  1.444   -16.336 1.000 12.782 0 67  TYR   A CB  1 ? 
ATOM   335  C CG  . TYR   A 1 47  ? -1.978  0.441   -15.381 1.000 13.397 0 67  TYR   A CG  1 ? 
ATOM   336  C CD1 . TYR   A 1 47  ? -1.365  0.838   -14.210 1.000 12.792 0 67  TYR   A CD1 1 ? 
ATOM   337  C CD2 . TYR   A 1 47  ? -2.053  -0.912  -15.635 1.000 12.909 0 67  TYR   A CD2 1 ? 
ATOM   338  C CE1 . TYR   A 1 47  ? -0.874  -0.066  -13.296 1.000 13.471 0 67  TYR   A CE1 1 ? 
ATOM   339  C CE2 . TYR   A 1 47  ? -1.565  -1.834  -14.737 1.000 12.645 0 67  TYR   A CE2 1 ? 
ATOM   340  C CZ  . TYR   A 1 47  ? -0.975  -1.420  -13.562 1.000 13.012 0 67  TYR   A CZ  1 ? 
ATOM   341  O OH  . TYR   A 1 47  ? -0.476  -2.313  -12.665 1.000 13.385 0 67  TYR   A OH  1 ? 
ATOM   342  N N   . THR   A 1 48  ? -5.311  3.647   -17.074 1.000 12.246 0 68  THR   A N   1 ? 
ATOM   343  C CA  . THR   A 1 48  ? -5.796  4.944   -17.591 1.000 13.535 0 68  THR   A CA  1 ? 
ATOM   344  C C   . THR   A 1 48  ? -6.439  5.765   -16.477 1.000 13.002 0 68  THR   A C   1 ? 
ATOM   345  O O   . THR   A 1 48  ? -6.189  6.967   -16.381 1.000 13.792 0 68  THR   A O   1 ? 
ATOM   346  C CB  . THR   A 1 48  ? -6.800  4.731   -18.733 1.000 15.977 0 68  THR   A CB  1 ? 
ATOM   347  O OG1 . THR   A 1 48  ? -6.271  3.823   -19.693 1.000 14.357 0 68  THR   A OG1 1 ? 
ATOM   348  C CG2 . THR   A 1 48  ? -7.151  6.034   -19.400 1.000 16.504 0 68  THR   A CG2 1 ? 
ATOM   349  N N   . ILE   A 1 49  ? -7.211  5.105   -15.617 1.000 12.214 0 69  ILE   A N   1 ? 
ATOM   350  C CA  . ILE   A 1 49  ? -7.877  5.741   -14.459 1.000 11.918 0 69  ILE   A CA  1 ? 
ATOM   351  C C   . ILE   A 1 49  ? -6.882  5.968   -13.332 1.000 11.028 0 69  ILE   A C   1 ? 
ATOM   352  O O   . ILE   A 1 49  ? -6.957  7.015   -12.654 1.000 10.225 0 69  ILE   A O   1 ? 
ATOM   353  C CB  . ILE   A 1 49  ? -9.069  4.882   -14.005 1.000 13.024 0 69  ILE   A CB  1 ? 
ATOM   354  C CG1 . ILE   A 1 49  ? -10.127 4.804   -15.093 1.000 14.810 0 69  ILE   A CG1 1 ? 
ATOM   355  C CG2 . ILE   A 1 49  ? -9.626  5.391   -12.680 1.000 13.294 0 69  ILE   A CG2 1 ? 
ATOM   356  C CD1 . ILE   A 1 49  ? -11.057 3.644   -14.936 1.000 17.211 0 69  ILE   A CD1 1 ? 
ATOM   357  N N   . ILE   A 1 50  ? -6.006  4.981   -13.104 1.000 11.431 0 70  ILE   A N   1 ? 
ATOM   358  C CA  . ILE   A 1 50  ? -4.966  5.016   -12.061 1.000 11.767 0 70  ILE   A CA  1 ? 
ATOM   359  C C   . ILE   A 1 50  ? -3.649  5.393   -12.735 1.000 12.196 0 70  ILE   A C   1 ? 
ATOM   360  O O   . ILE   A 1 50  ? -2.930  4.508   -13.185 1.000 13.238 0 70  ILE   A O   1 ? 
ATOM   361  C CB  . ILE   A 1 50  ? -4.930  3.665   -11.318 1.000 12.263 0 70  ILE   A CB  1 ? 
ATOM   362  C CG1 . ILE   A 1 50  ? -6.313  3.357   -10.742 1.000 12.017 0 70  ILE   A CG1 1 ? 
ATOM   363  C CG2 . ILE   A 1 50  ? -3.867  3.651   -10.253 1.000 12.630 0 70  ILE   A CG2 1 ? 
ATOM   364  C CD1 . ILE   A 1 50  ? -6.863  4.423   -9.825  1.000 12.742 0 70  ILE   A CD1 1 ? 
ATOM   365  N N   . LYS   A 1 51  ? -3.363  6.698   -12.770 1.000 13.606 0 71  LYS   A N   1 ? 
ATOM   366  C CA  . LYS   A 1 51  ? -2.172  7.247   -13.427 1.000 14.445 0 71  LYS   A CA  1 ? 
ATOM   367  C C   . LYS   A 1 51  ? -0.954  6.985   -12.545 1.000 13.387 0 71  LYS   A C   1 ? 
ATOM   368  O O   . LYS   A 1 51  ? 0.129   6.869   -13.100 1.000 16.832 0 71  LYS   A O   1 ? 
ATOM   369  C CB  . LYS   A 1 51  ? -2.352  8.750   -13.640 1.000 17.926 0 71  LYS   A CB  1 ? 
ATOM   370  C CG  . LYS   A 1 51  ? -1.222  9.427   -14.376 1.000 20.196 0 71  LYS   A CG  1 ? 
ATOM   371  C CD  . LYS   A 1 51  ? -1.482  10.903  -14.576 1.000 22.275 0 71  LYS   A CD  1 ? 
ATOM   372  C CE  . LYS   A 1 51  ? -0.220  11.656  -14.908 1.000 22.601 0 71  LYS   A CE  1 ? 
ATOM   373  N NZ  . LYS   A 1 51  ? 0.797   11.529  -13.832 1.000 25.296 0 71  LYS   A NZ  1 ? 
ATOM   374  N N   . ASN   A 1 52  ? -1.112  6.905   -11.216 1.000 12.985 0 72  ASN   A N   1 ? 
ATOM   375  C CA  . ASN   A 1 52  ? 0.022   6.772   -10.261 1.000 13.781 0 72  ASN   A CA  1 ? 
ATOM   376  C C   . ASN   A 1 52  ? -0.192  5.495   -9.456  1.000 13.048 0 72  ASN   A C   1 ? 
ATOM   377  O O   . ASN   A 1 52  ? -0.580  5.548   -8.273  1.000 11.676 0 72  ASN   A O   1 ? 
ATOM   378  C CB  . ASN   A 1 52  ? 0.097   8.012   -9.366  1.000 16.010 0 72  ASN   A CB  1 ? 
ATOM   379  C CG  . ASN   A 1 52  ? 0.181   9.298   -10.156 1.000 18.563 0 72  ASN   A CG  1 ? 
ATOM   380  O OD1 . ASN   A 1 52  ? -0.658  10.198  -10.030 1.000 27.691 0 72  ASN   A OD1 1 ? 
ATOM   381  N ND2 . ASN   A 1 52  ? 1.079   9.333   -11.104 1.000 19.390 0 72  ASN   A ND2 1 ? 
ATOM   382  N N   . PRO   A 1 53  ? -0.048  4.311   -10.094 1.000 12.103 0 73  PRO   A N   1 ? 
ATOM   383  C CA  . PRO   A 1 53  ? -0.287  3.044   -9.399  1.000 13.249 0 73  PRO   A CA  1 ? 
ATOM   384  C C   . PRO   A 1 53  ? 0.772   2.815   -8.318  1.000 12.090 0 73  PRO   A C   1 ? 
ATOM   385  O O   . PRO   A 1 53  ? 1.901   3.333   -8.364  1.000 13.949 0 73  PRO   A O   1 ? 
ATOM   386  C CB  . PRO   A 1 53  ? -0.133  1.966   -10.491 1.000 14.074 0 73  PRO   A CB  1 ? 
ATOM   387  C CG  . PRO   A 1 53  ? 0.813   2.632   -11.490 1.000 14.782 0 73  PRO   A CG  1 ? 
ATOM   388  C CD  . PRO   A 1 53  ? 0.367   4.085   -11.495 1.000 13.757 0 73  PRO   A CD  1 ? 
ATOM   389  N N   . MET   A 1 54  ? 0.375   2.015   -7.338  1.000 12.941 0 74  MET   A N   1 ? 
ATOM   390  C CA  . MET   A 1 54  ? 1.258   1.648   -6.238  1.000 12.128 0 74  MET   A CA  1 ? 
ATOM   391  C C   . MET   A 1 54  ? 0.781   0.335   -5.616  1.000 13.224 0 74  MET   A C   1 ? 
ATOM   392  O O   . MET   A 1 54  ? -0.412  0.030   -5.625  1.000 11.753 0 74  MET   A O   1 ? 
ATOM   393  C CB  . MET   A 1 54  ? 1.297   2.758   -5.195  1.000 13.306 0 74  MET   A CB  1 ? 
ATOM   394  C CG  . MET   A 1 54  ? 2.315   2.505   -4.152  1.000 12.216 0 74  MET   A CG  1 ? 
ATOM   395  S SD  . MET   A 1 54  ? 4.028   2.246   -4.693  1.000 14.585 0 74  MET   A SD  1 ? 
ATOM   396  C CE  . MET   A 1 54  ? 4.291   3.644   -5.775  1.000 14.818 0 74  MET   A CE  1 ? 
ATOM   397  N N   . ASP   A 1 55  ? 1.736   -0.425  -5.101  1.000 12.381 0 75  ASP   A N   1 ? 
ATOM   398  C CA  . ASP   A 1 55  ? 1.472   -1.741  -4.501  1.000 13.121 0 75  ASP   A CA  1 ? 
ATOM   399  C C   . ASP   A 1 55  ? 2.571   -2.026  -3.481  1.000 12.951 0 75  ASP   A C   1 ? 
ATOM   400  O O   . ASP   A 1 55  ? 3.583   -1.302  -3.481  1.000 13.008 0 75  ASP   A O   1 ? 
ATOM   401  C CB  . ASP   A 1 55  ? 1.469   -2.803  -5.594  1.000 13.164 0 75  ASP   A CB  1 ? 
ATOM   402  C CG  . ASP   A 1 55  ? 2.820   -2.952  -6.222  1.000 14.717 0 75  ASP   A CG  1 ? 
ATOM   403  O OD1 . ASP   A 1 55  ? 3.127   -2.131  -7.152  1.000 15.904 0 75  ASP   A OD1 1 ? 
ATOM   404  O OD2 . ASP   A 1 55  ? 3.634   -3.797  -5.687  1.000 16.937 0 75  ASP   A OD2 1 ? 
ATOM   405  N N   . LEU   A 1 56  ? 2.349   -3.032  -2.632  1.000 13.374 0 76  LEU   A N   1 ? 
ATOM   406  C CA  . LEU   A 1 56  ? 3.244   -3.330  -1.499  1.000 12.297 0 76  LEU   A CA  1 ? 
ATOM   407  C C   . LEU   A 1 56  ? 4.585   -3.823  -2.021  1.000 13.679 0 76  LEU   A C   1 ? 
ATOM   408  O O   . LEU   A 1 56  ? 5.575   -3.637  -1.336  1.000 14.286 0 76  LEU   A O   1 ? 
ATOM   409  C CB  . LEU   A 1 56  ? 2.608   -4.380  -0.579  1.000 12.635 0 76  LEU   A CB  1 ? 
ATOM   410  C CG  . LEU   A 1 56  ? 1.338   -3.964  0.153   1.000 13.286 0 76  LEU   A CG  1 ? 
ATOM   411  C CD1 . LEU   A 1 56  ? 0.769   -5.160  0.897   1.000 14.096 0 76  LEU   A CD1 1 ? 
ATOM   412  C CD2 . LEU   A 1 56  ? 1.638   -2.819  1.120   1.000 14.768 0 76  LEU   A CD2 1 ? 
ATOM   413  N N   . ASN   A 1 57  ? 4.620   -4.496  -3.160  1.000 14.399 0 77  ASN   A N   1 ? 
ATOM   414  C CA  . ASN   A 1 57  ? 5.934   -5.016  -3.631  1.000 15.828 0 77  ASN   A CA  1 ? 
ATOM   415  C C   . ASN   A 1 57  ? 6.775   -3.828  -4.082  1.000 14.945 0 77  ASN   A C   1 ? 
ATOM   416  O O   . ASN   A 1 57  ? 7.994   -3.813  -3.810  1.000 16.079 0 77  ASN   A O   1 ? 
ATOM   417  C CB  . ASN   A 1 57  ? 5.787   -6.047  -4.754  1.000 16.815 0 77  ASN   A CB  1 ? 
ATOM   418  C CG  . ASN   A 1 57  ? 7.055   -6.859  -4.961  1.000 21.910 0 77  ASN   A CG  1 ? 
ATOM   419  O OD1 . ASN   A 1 57  ? 7.686   -7.286  -4.003  1.000 22.664 0 77  ASN   A OD1 1 ? 
ATOM   420  N ND2 . ASN   A 1 57  ? 7.422   -7.071  -6.202  1.000 26.352 0 77  ASN   A ND2 1 ? 
ATOM   421  N N   . THR   A 1 58  ? 6.168   -2.827  -4.721  1.000 14.567 0 78  THR   A N   1 ? 
ATOM   422  C CA  . THR   A 1 58  ? 6.913   -1.615  -5.124  1.000 16.842 0 78  THR   A CA  1 ? 
ATOM   423  C C   . THR   A 1 58  ? 7.446   -0.904  -3.874  1.000 16.095 0 78  THR   A C   1 ? 
ATOM   424  O O   . THR   A 1 58  ? 8.650   -0.513  -3.844  1.000 18.690 0 78  THR   A O   1 ? 
ATOM   425  C CB  . THR   A 1 58  ? 6.058   -0.734  -6.035  1.000 18.317 0 78  THR   A CB  1 ? 
ATOM   426  O OG1 . THR   A 1 58  ? 5.782   -1.503  -7.206  1.000 18.494 0 78  THR   A OG1 1 ? 
ATOM   427  C CG2 . THR   A 1 58  ? 6.756   0.554   -6.415  1.000 18.248 0 78  THR   A CG2 1 ? 
ATOM   428  N N   . ILE   A 1 59  ? 6.630   -0.785  -2.836  1.000 14.236 0 79  ILE   A N   1 ? 
ATOM   429  C CA  . ILE   A 1 59  ? 7.048   -0.179  -1.540  1.000 14.290 0 79  ILE   A CA  1 ? 
ATOM   430  C C   . ILE   A 1 59  ? 8.192   -1.021  -0.943  1.000 16.034 0 79  ILE   A C   1 ? 
ATOM   431  O O   . ILE   A 1 59  ? 9.246   -0.424  -0.547  1.000 17.841 0 79  ILE   A O   1 ? 
ATOM   432  C CB  . ILE   A 1 59  ? 5.839   -0.036  -0.602  1.000 14.242 0 79  ILE   A CB  1 ? 
ATOM   433  C CG1 . ILE   A 1 59  ? 4.861   0.988   -1.182  1.000 13.849 0 79  ILE   A CG1 1 ? 
ATOM   434  C CG2 . ILE   A 1 59  ? 6.281   0.326   0.820   1.000 14.958 0 79  ILE   A CG2 1 ? 
ATOM   435  C CD1 . ILE   A 1 59  ? 3.532   1.041   -0.479  1.000 13.293 0 79  ILE   A CD1 1 ? 
ATOM   436  N N   . LYS   A 1 60  ? 8.042   -2.349  -0.928  1.000 16.628 0 80  LYS   A N   1 ? 
ATOM   437  C CA  . LYS   A 1 60  ? 9.088   -3.285  -0.414  1.000 17.864 0 80  LYS   A CA  1 ? 
ATOM   438  C C   . LYS   A 1 60  ? 10.407  -3.029  -1.146  1.000 18.587 0 80  LYS   A C   1 ? 
ATOM   439  O O   . LYS   A 1 60  ? 11.456  -2.844  -0.437  1.000 19.488 0 80  LYS   A O   1 ? 
ATOM   440  C CB  . LYS   A 1 60  ? 8.577   -4.727  -0.528  1.000 19.853 0 80  LYS   A CB  1 ? 
ATOM   441  C CG  . LYS   A 1 60  ? 9.509   -5.773  0.057   1.000 23.009 0 80  LYS   A CG  1 ? 
ATOM   442  C CD  . LYS   A 1 60  ? 8.824   -7.110  0.266   1.000 26.452 0 80  LYS   A CD  1 ? 
ATOM   443  C CE  . LYS   A 1 60  ? 9.173   -8.098  -0.812  1.000 30.039 0 80  LYS   A CE  1 ? 
ATOM   444  N NZ  . LYS   A 1 60  ? 10.523  -8.669  -0.587  1.000 31.638 0 80  LYS   A NZ  1 ? 
ATOM   445  N N   . LYS   A 1 61  ? 10.395  -2.927  -2.475  1.000 19.423 0 81  LYS   A N   1 ? 
ATOM   446  C CA  . LYS   A 1 61  ? 11.631  -2.719  -3.292  1.000 22.961 0 81  LYS   A CA  1 ? 
ATOM   447  C C   . LYS   A 1 61  ? 12.259  -1.345  -3.020  1.000 23.592 0 81  LYS   A C   1 ? 
ATOM   448  O O   . LYS   A 1 61  ? 13.506  -1.277  -2.852  1.000 22.434 0 81  LYS   A O   1 ? 
ATOM   449  C CB  . LYS   A 1 61  ? 11.341  -2.917  -4.781  1.000 26.048 0 81  LYS   A CB  1 ? 
ATOM   450  C CG  . LYS   A 1 61  ? 11.117  -4.371  -5.162  1.000 30.897 0 81  LYS   A CG  1 ? 
ATOM   451  C CD  . LYS   A 1 61  ? 11.108  -4.590  -6.662  1.000 34.481 0 81  LYS   A CD  1 ? 
ATOM   452  C CE  . LYS   A 1 61  ? 9.815   -4.186  -7.341  1.000 35.125 0 81  LYS   A CE  1 ? 
ATOM   453  N NZ  . LYS   A 1 61  ? 9.594   -4.949  -8.597  1.000 35.792 0 81  LYS   A NZ  1 ? 
ATOM   454  N N   . ARG   A 1 62  ? 11.437  -0.302  -2.911  1.000 20.536 0 82  ARG   A N   1 ? 
ATOM   455  C CA  . ARG   A 1 62  ? 11.890  1.078   -2.606  1.000 20.554 0 82  ARG   A CA  1 ? 
ATOM   456  C C   . ARG   A 1 62  ? 12.534  1.105   -1.208  1.000 20.486 0 82  ARG   A C   1 ? 
ATOM   457  O O   . ARG   A 1 62  ? 13.604  1.708   -1.119  1.000 24.762 0 82  ARG   A O   1 ? 
ATOM   458  C CB  . ARG   A 1 62  ? 10.751  2.091   -2.760  1.000 20.403 0 82  ARG   A CB  1 ? 
ATOM   459  C CG  . ARG   A 1 62  ? 10.341  2.353   -4.203  1.000 20.004 0 82  ARG   A CG  1 ? 
ATOM   460  C CD  . ARG   A 1 62  ? 9.111   3.242   -4.320  1.000 21.525 0 82  ARG   A CD  1 ? 
ATOM   461  N NE  . ARG   A 1 62  ? 8.857   3.578   -5.701  1.000 21.401 0 82  ARG   A NE  1 ? 
ATOM   462  C CZ  . ARG   A 1 62  ? 8.078   4.560   -6.137  1.000 22.940 0 82  ARG   A CZ  1 ? 
ATOM   463  N NH1 . ARG   A 1 62  ? 8.007   4.806   -7.441  1.000 23.773 0 82  ARG   A NH1 1 ? 
ATOM   464  N NH2 . ARG   A 1 62  ? 7.408   5.318   -5.291  1.000 21.533 0 82  ARG   A NH2 1 ? 
ATOM   465  N N   . LEU   A 1 63  ? 11.990  0.420   -0.187  1.000 19.074 0 83  LEU   A N   1 ? 
ATOM   466  C CA  . LEU   A 1 63  ? 12.611  0.343   1.165   1.000 19.691 0 83  LEU   A CA  1 ? 
ATOM   467  C C   . LEU   A 1 63  ? 13.912  -0.478  1.115   1.000 24.546 0 83  LEU   A C   1 ? 
ATOM   468  O O   . LEU   A 1 63  ? 14.870  -0.082  1.778   1.000 25.174 0 83  LEU   A O   1 ? 
ATOM   469  C CB  . LEU   A 1 63  ? 11.647  -0.247  2.193   1.000 20.264 0 83  LEU   A CB  1 ? 
ATOM   470  C CG  . LEU   A 1 63  ? 10.447  0.652   2.528   1.000 17.654 0 83  LEU   A CG  1 ? 
ATOM   471  C CD1 . LEU   A 1 63  ? 9.359   -0.146  3.169   1.000 18.670 0 83  LEU   A CD1 1 ? 
ATOM   472  C CD2 . LEU   A 1 63  ? 10.823  1.817   3.429   1.000 19.724 0 83  LEU   A CD2 1 ? 
ATOM   473  N N   . GLU   A 1 64  ? 13.926  -1.606  0.412   1.000 25.392 0 84  GLU   A N   1 ? 
ATOM   474  C CA  . GLU   A 1 64  ? 15.149  -2.451  0.268   1.000 26.838 0 84  GLU   A CA  1 ? 
ATOM   475  C C   . GLU   A 1 64  ? 16.245  -1.672  -0.471  1.000 27.060 0 84  GLU   A C   1 ? 
ATOM   476  O O   . GLU   A 1 64  ? 17.427  -1.877  -0.127  1.000 31.895 0 84  GLU   A O   1 ? 
ATOM   477  C CB  . GLU   A 1 64  ? 14.840  -3.750  -0.463  1.000 26.409 0 84  GLU   A CB  1 ? 
ATOM   478  C CG  . GLU   A 1 64  ? 14.077  -4.752  0.389   1.000 30.428 0 84  GLU   A CG  1 ? 
ATOM   479  C CD  . GLU   A 1 64  ? 13.521  -5.931  -0.399  1.000 32.288 0 84  GLU   A CD  1 ? 
ATOM   480  O OE1 . GLU   A 1 64  ? 13.852  -6.040  -1.587  1.000 34.639 0 84  GLU   A OE1 1 ? 
ATOM   481  O OE2 . GLU   A 1 64  ? 12.744  -6.712  0.175   1.000 36.063 0 84  GLU   A OE2 1 ? 
ATOM   482  N N   . ASN   A 1 65  ? 15.887  -0.836  -1.443  1.000 25.621 0 85  ASN   A N   1 ? 
ATOM   483  C CA  . ASN   A 1 65  ? 16.850  -0.158  -2.345  1.000 28.867 0 85  ASN   A CA  1 ? 
ATOM   484  C C   . ASN   A 1 65  ? 17.177  1.252   -1.817  1.000 30.533 0 85  ASN   A C   1 ? 
ATOM   485  O O   . ASN   A 1 65  ? 17.896  1.981   -2.520  1.000 30.434 0 85  ASN   A O   1 ? 
ATOM   486  C CB  . ASN   A 1 65  ? 16.339  -0.064  -3.782  1.000 34.046 0 85  ASN   A CB  1 ? 
ATOM   487  C CG  . ASN   A 1 65  ? 15.772  -1.351  -4.353  1.000 39.977 0 85  ASN   A CG  1 ? 
ATOM   488  O OD1 . ASN   A 1 65  ? 16.019  -2.456  -3.853  1.000 44.852 0 85  ASN   A OD1 1 ? 
ATOM   489  N ND2 . ASN   A 1 65  ? 14.970  -1.214  -5.399  1.000 39.530 0 85  ASN   A ND2 1 ? 
ATOM   490  N N   . LYS   A 1 66  ? 16.634  1.627   -0.654  1.000 29.200 0 86  LYS   A N   1 ? 
ATOM   491  C CA  . LYS   A 1 66  ? 16.807  2.966   -0.025  1.000 34.629 0 86  LYS   A CA  1 ? 
ATOM   492  C C   . LYS   A 1 66  ? 16.470  4.043   -1.065  1.000 31.532 0 86  LYS   A C   1 ? 
ATOM   493  O O   . LYS   A 1 66  ? 17.243  4.973   -1.240  1.000 36.559 0 86  LYS   A O   1 ? 
ATOM   494  C CB  . LYS   A 1 66  ? 18.201  3.053   0.616   1.000 37.623 0 86  LYS   A CB  1 ? 
ATOM   495  C CG  . LYS   A 1 66  ? 18.368  2.088   1.788   1.000 43.238 0 86  LYS   A CG  1 ? 
ATOM   496  C CD  . LYS   A 1 66  ? 19.657  2.199   2.575   1.000 47.926 0 86  LYS   A CD  1 ? 
ATOM   497  C CE  . LYS   A 1 66  ? 19.555  1.473   3.900   1.000 50.291 0 86  LYS   A CE  1 ? 
ATOM   498  N NZ  . LYS   A 1 66  ? 20.892  1.164   4.462   1.000 58.798 0 86  LYS   A NZ  1 ? 
ATOM   499  N N   . TYR   A 1 67  ? 15.304  3.945   -1.701  1.000 27.574 0 87  TYR   A N   1 ? 
ATOM   500  C CA  . TYR   A 1 67  ? 14.815  4.909   -2.719  1.000 28.401 0 87  TYR   A CA  1 ? 
ATOM   501  C C   . TYR   A 1 67  ? 14.230  6.159   -2.028  1.000 25.973 0 87  TYR   A C   1 ? 
ATOM   502  O O   . TYR   A 1 67  ? 14.157  7.224   -2.657  1.000 29.006 0 87  TYR   A O   1 ? 
ATOM   503  C CB  . TYR   A 1 67  ? 13.809  4.187   -3.622  1.000 31.098 0 87  TYR   A CB  1 ? 
ATOM   504  C CG  . TYR   A 1 67  ? 12.867  5.066   -4.404  1.000 34.592 0 87  TYR   A CG  1 ? 
ATOM   505  C CD1 . TYR   A 1 67  ? 11.780  5.647   -3.782  1.000 34.950 0 87  TYR   A CD1 1 ? 
ATOM   506  C CD2 . TYR   A 1 67  ? 13.037  5.296   -5.767  1.000 39.367 0 87  TYR   A CD2 1 ? 
ATOM   507  C CE1 . TYR   A 1 67  ? 10.901  6.465   -4.470  1.000 36.672 0 87  TYR   A CE1 1 ? 
ATOM   508  C CE2 . TYR   A 1 67  ? 12.150  6.094   -6.480  1.000 40.541 0 87  TYR   A CE2 1 ? 
ATOM   509  C CZ  . TYR   A 1 67  ? 11.078  6.686   -5.824  1.000 40.582 0 87  TYR   A CZ  1 ? 
ATOM   510  O OH  . TYR   A 1 67  ? 10.170  7.481   -6.470  1.000 43.559 0 87  TYR   A OH  1 ? 
ATOM   511  N N   . TYR   A 1 68  ? 13.707  6.005   -0.813  1.000 25.233 0 88  TYR   A N   1 ? 
ATOM   512  C CA  . TYR   A 1 68  ? 13.031  7.111   -0.087  1.000 24.864 0 88  TYR   A CA  1 ? 
ATOM   513  C C   . TYR   A 1 68  ? 14.046  8.040   0.618   1.000 25.381 0 88  TYR   A C   1 ? 
ATOM   514  O O   . TYR   A 1 68  ? 14.794  7.554   1.518   1.000 25.192 0 88  TYR   A O   1 ? 
ATOM   515  C CB  . TYR   A 1 68  ? 12.052  6.548   0.935   1.000 21.123 0 88  TYR   A CB  1 ? 
ATOM   516  C CG  . TYR   A 1 68  ? 10.903  5.755   0.365   1.000 19.325 0 88  TYR   A CG  1 ? 
ATOM   517  C CD1 . TYR   A 1 68  ? 9.979   6.347   -0.469  1.000 17.779 0 88  TYR   A CD1 1 ? 
ATOM   518  C CD2 . TYR   A 1 68  ? 10.732  4.426   0.710   1.000 19.300 0 88  TYR   A CD2 1 ? 
ATOM   519  C CE1 . TYR   A 1 68  ? 8.907   5.623   -0.971  1.000 18.807 0 88  TYR   A CE1 1 ? 
ATOM   520  C CE2 . TYR   A 1 68  ? 9.659   3.699   0.237   1.000 18.574 0 88  TYR   A CE2 1 ? 
ATOM   521  C CZ  . TYR   A 1 68  ? 8.745   4.299   -0.598  1.000 18.090 0 88  TYR   A CZ  1 ? 
ATOM   522  O OH  . TYR   A 1 68  ? 7.674   3.564   -1.023  1.000 18.546 0 88  TYR   A OH  1 ? 
ATOM   523  N N   . ALA   A 1 69  ? 13.924  9.336   0.329   1.000 26.373 0 89  ALA   A N   1 ? 
ATOM   524  C CA  . ALA   A 1 69  ? 14.570  10.482  1.023   1.000 30.081 0 89  ALA   A CA  1 ? 
ATOM   525  C C   . ALA   A 1 69  ? 14.027  10.644  2.447   1.000 30.788 0 89  ALA   A C   1 ? 
ATOM   526  O O   . ALA   A 1 69  ? 14.804  11.019  3.309   1.000 33.432 0 89  ALA   A O   1 ? 
ATOM   527  C CB  . ALA   A 1 69  ? 14.371  11.753  0.226   1.000 32.283 0 89  ALA   A CB  1 ? 
ATOM   528  N N   . LYS   A 1 70  ? 12.732  10.386  2.697   1.000 26.316 0 90  LYS   A N   1 ? 
ATOM   529  C CA  . LYS   A 1 70  ? 12.123  10.564  4.042   1.000 25.463 0 90  LYS   A CA  1 ? 
ATOM   530  C C   . LYS   A 1 70  ? 10.924  9.628   4.188   1.000 22.363 0 90  LYS   A C   1 ? 
ATOM   531  O O   . LYS   A 1 70  ? 10.365  9.223   3.155   1.000 21.661 0 90  LYS   A O   1 ? 
ATOM   532  C CB  . LYS   A 1 70  ? 11.703  12.019  4.283   1.000 30.351 0 90  LYS   A CB  1 ? 
ATOM   533  C CG  . LYS   A 1 70  ? 11.421  12.820  3.028   1.000 35.254 0 90  LYS   A CG  1 ? 
ATOM   534  C CD  . LYS   A 1 70  ? 10.830  14.197  3.254   1.000 38.134 0 90  LYS   A CD  1 ? 
ATOM   535  C CE  . LYS   A 1 70  ? 10.606  14.910  1.935   1.000 40.111 0 90  LYS   A CE  1 ? 
ATOM   536  N NZ  . LYS   A 1 70  ? 9.595   15.989  2.068   1.000 44.104 0 90  LYS   A NZ  1 ? 
ATOM   537  N N   . ALA   A 1 71  ? 10.602  9.327   5.429   1.000 19.025 0 91  ALA   A N   1 ? 
ATOM   538  C CA  . ALA   A 1 71  ? 9.515   8.431   5.853   1.000 20.442 0 91  ALA   A CA  1 ? 
ATOM   539  C C   . ALA   A 1 71  ? 8.212   8.893   5.200   1.000 16.553 0 91  ALA   A C   1 ? 
ATOM   540  O O   . ALA   A 1 71  ? 7.435   8.027   4.760   1.000 16.093 0 91  ALA   A O   1 ? 
ATOM   541  C CB  . ALA   A 1 71  ? 9.416   8.391   7.339   1.000 21.099 0 91  ALA   A CB  1 ? 
ATOM   542  N N   . SER   A 1 72  ? 7.985   10.199  5.118   1.000 17.384 0 92  SER   A N   1 ? 
ATOM   543  C CA  . SER   A 1 72  ? 6.691   10.750  4.605   1.000 16.090 0 92  SER   A CA  1 ? 
ATOM   544  C C   . SER   A 1 72  ? 6.508   10.326  3.134   1.000 15.738 0 92  SER   A C   1 ? 
ATOM   545  O O   . SER   A 1 72  ? 5.379   10.147  2.707   1.000 14.207 0 92  SER   A O   1 ? 
ATOM   546  C CB  . SER   A 1 72  ? 6.614   12.242  4.822   1.000 17.945 0 92  SER   A CB  1 ? 
ATOM   547  O OG  . SER   A 1 72  ? 7.662   12.910  4.169   1.000 18.170 0 92  SER   A OG  1 ? 
ATOM   548  N N   . GLU   A 1 73  ? 7.589   10.119  2.379   1.000 14.179 0 93  GLU   A N   1 ? 
ATOM   549  C CA  . GLU   A 1 73  ? 7.505   9.686   0.963   1.000 16.889 0 93  GLU   A CA  1 ? 
ATOM   550  C C   . GLU   A 1 73  ? 6.975   8.246   0.899   1.000 14.668 0 93  GLU   A C   1 ? 
ATOM   551  O O   . GLU   A 1 73  ? 6.158   7.919   0.016   1.000 14.837 0 93  GLU   A O   1 ? 
ATOM   552  C CB  . GLU   A 1 73  ? 8.874   9.762   0.302   1.000 21.211 0 93  GLU   A CB  1 ? 
ATOM   553  C CG  . GLU   A 1 73  ? 9.309   11.189  0.097   1.000 25.248 0 93  GLU   A CG  1 ? 
ATOM   554  C CD  . GLU   A 1 73  ? 10.743  11.318  -0.388  1.000 34.716 0 93  GLU   A CD  1 ? 
ATOM   555  O OE1 . GLU   A 1 73  ? 11.458  10.299  -0.403  1.000 34.100 0 93  GLU   A OE1 1 ? 
ATOM   556  O OE2 . GLU   A 1 73  ? 11.131  12.439  -0.729  1.000 37.933 0 93  GLU   A OE2 1 ? 
ATOM   557  N N   . CYS   A 1 74  ? 7.354   7.422   1.853   1.000 13.660 0 94  CYS   A N   1 ? 
ATOM   558  C CA  . CYS   A 1 74  ? 6.885   6.023   1.924   1.000 15.078 0 94  CYS   A CA  1 ? 
ATOM   559  C C   . CYS   A 1 74  ? 5.410   6.016   2.359   1.000 13.465 0 94  CYS   A C   1 ? 
ATOM   560  O O   . CYS   A 1 74  ? 4.584   5.314   1.744   1.000 14.683 0 94  CYS   A O   1 ? 
ATOM   561  C CB  . CYS   A 1 74  ? 7.763   5.236   2.874   1.000 16.212 0 94  CYS   A CB  1 ? 
ATOM   562  S SG  . CYS   A 1 74  ? 7.202   3.540   3.102   1.000 17.954 0 94  CYS   A SG  1 ? 
ATOM   563  N N   . ILE   A 1 75  ? 5.058   6.835   3.352   1.000 12.535 0 95  ILE   A N   1 ? 
ATOM   564  C CA  . ILE   A 1 75  ? 3.640   6.942   3.796   1.000 12.344 0 95  ILE   A CA  1 ? 
ATOM   565  C C   . ILE   A 1 75  ? 2.778   7.366   2.599   1.000 12.516 0 95  ILE   A C   1 ? 
ATOM   566  O O   . ILE   A 1 75  ? 1.647   6.805   2.429   1.000 12.476 0 95  ILE   A O   1 ? 
ATOM   567  C CB  . ILE   A 1 75  ? 3.532   7.881   5.008   1.000 13.011 0 95  ILE   A CB  1 ? 
ATOM   568  C CG1 . ILE   A 1 75  ? 4.183   7.236   6.235   1.000 14.697 0 95  ILE   A CG1 1 ? 
ATOM   569  C CG2 . ILE   A 1 75  ? 2.068   8.258   5.252   1.000 12.970 0 95  ILE   A CG2 1 ? 
ATOM   570  C CD1 . ILE   A 1 75  ? 4.697   8.210   7.220   1.000 17.635 0 95  ILE   A CD1 1 ? 
ATOM   571  N N   . GLU   A 1 76  ? 3.224   8.349   1.802   1.000 11.951 0 96  GLU   A N   1 ? 
ATOM   572  C CA  A GLU   A 1 76  ? 2.443   8.818   0.623   0.500 12.387 0 96  GLU   A CA  1 ? 
ATOM   573  C CA  B GLU   A 1 76  ? 2.440   8.823   0.622   0.500 13.374 0 96  GLU   A CA  1 ? 
ATOM   574  C C   . GLU   A 1 76  ? 2.149   7.613   -0.281  1.000 12.010 0 96  GLU   A C   1 ? 
ATOM   575  O O   . GLU   A 1 76  ? 1.051   7.480   -0.766  1.000 12.208 0 96  GLU   A O   1 ? 
ATOM   576  C CB  A GLU   A 1 76  ? 3.195   9.912   -0.129  0.500 12.484 0 96  GLU   A CB  1 ? 
ATOM   577  C CB  B GLU   A 1 76  ? 3.175   9.942   -0.120  0.500 14.911 0 96  GLU   A CB  1 ? 
ATOM   578  C CG  A GLU   A 1 76  ? 2.670   10.121  -1.528  0.500 13.020 0 96  GLU   A CG  1 ? 
ATOM   579  C CG  B GLU   A 1 76  ? 3.237   11.264  0.639   0.500 17.145 0 96  GLU   A CG  1 ? 
ATOM   580  C CD  A GLU   A 1 76  ? 3.293   11.259  -2.309  0.500 14.009 0 96  GLU   A CD  1 ? 
ATOM   581  C CD  B GLU   A 1 76  ? 3.740   12.443  -0.188  0.500 20.937 0 96  GLU   A CD  1 ? 
ATOM   582  O OE1 A GLU   A 1 76  ? 4.254   11.897  -1.772  0.500 14.734 0 96  GLU   A OE1 1 ? 
ATOM   583  O OE1 B GLU   A 1 76  ? 3.679   12.360  -1.435  0.500 22.637 0 96  GLU   A OE1 1 ? 
ATOM   584  O OE2 A GLU   A 1 76  ? 2.846   11.466  -3.477  0.500 13.158 0 96  GLU   A OE2 1 ? 
ATOM   585  O OE2 B GLU   A 1 76  ? 4.180   13.462  0.406   0.500 24.659 0 96  GLU   A OE2 1 ? 
ATOM   586  N N   . ASP   A 1 77  ? 3.120   6.735   -0.480  1.000 11.979 0 97  ASP   A N   1 ? 
ATOM   587  C CA  . ASP   A 1 77  ? 2.942   5.560   -1.380  1.000 11.668 0 97  ASP   A CA  1 ? 
ATOM   588  C C   . ASP   A 1 77  ? 1.902   4.587   -0.804  1.000 10.253 0 97  ASP   A C   1 ? 
ATOM   589  O O   . ASP   A 1 77  ? 1.064   4.134   -1.545  1.000 11.488 0 97  ASP   A O   1 ? 
ATOM   590  C CB  . ASP   A 1 77  ? 4.283   4.860   -1.570  1.000 13.354 0 97  ASP   A CB  1 ? 
ATOM   591  C CG  . ASP   A 1 77  ? 5.166   5.475   -2.632  1.000 15.175 0 97  ASP   A CG  1 ? 
ATOM   592  O OD1 . ASP   A 1 77  ? 4.674   6.342   -3.384  1.000 16.646 0 97  ASP   A OD1 1 ? 
ATOM   593  O OD2 . ASP   A 1 77  ? 6.350   4.980   -2.757  1.000 17.466 0 97  ASP   A OD2 1 ? 
ATOM   594  N N   . PHE   A 1 78  ? 1.914   4.267   0.498   1.000 10.368 0 98  PHE   A N   1 ? 
ATOM   595  C CA  . PHE   A 1 78  ? 0.835   3.452   1.112   1.000 9.771  0 98  PHE   A CA  1 ? 
ATOM   596  C C   . PHE   A 1 78  ? -0.499  4.146   0.884   1.000 10.196 0 98  PHE   A C   1 ? 
ATOM   597  O O   . PHE   A 1 78  ? -1.459  3.484   0.508   1.000 9.914  0 98  PHE   A O   1 ? 
ATOM   598  C CB  . PHE   A 1 78  ? 1.042   3.294   2.604   1.000 10.921 0 98  PHE   A CB  1 ? 
ATOM   599  C CG  . PHE   A 1 78  ? 2.043   2.229   2.982   1.000 11.490 0 98  PHE   A CG  1 ? 
ATOM   600  C CD1 . PHE   A 1 78  ? 1.720   0.883   2.932   1.000 12.939 0 98  PHE   A CD1 1 ? 
ATOM   601  C CD2 . PHE   A 1 78  ? 3.308   2.588   3.390   1.000 13.715 0 98  PHE   A CD2 1 ? 
ATOM   602  C CE1 . PHE   A 1 78  ? 2.647   -0.072  3.315   1.000 13.052 0 98  PHE   A CE1 1 ? 
ATOM   603  C CE2 . PHE   A 1 78  ? 4.226   1.623   3.806   1.000 14.326 0 98  PHE   A CE2 1 ? 
ATOM   604  C CZ  . PHE   A 1 78  ? 3.894   0.294   3.734   1.000 14.145 0 98  PHE   A CZ  1 ? 
ATOM   605  N N   . ASN   A 1 79  ? -0.574  5.457   1.134   1.000 9.474  0 99  ASN   A N   1 ? 
ATOM   606  C CA  . ASN   A 1 79  ? -1.871  6.181   1.028   1.000 9.790  0 99  ASN   A CA  1 ? 
ATOM   607  C C   . ASN   A 1 79  ? -2.387  6.106   -0.421  1.000 10.292 0 99  ASN   A C   1 ? 
ATOM   608  O O   . ASN   A 1 79  ? -3.610  5.875   -0.636  1.000 11.005 0 99  ASN   A O   1 ? 
ATOM   609  C CB  . ASN   A 1 79  ? -1.713  7.656   1.403   1.000 10.605 0 99  ASN   A CB  1 ? 
ATOM   610  C CG  . ASN   A 1 79  ? -1.504  7.870   2.880   1.000 11.608 0 99  ASN   A CG  1 ? 
ATOM   611  O OD1 . ASN   A 1 79  ? -1.747  6.969   3.688   1.000 13.427 0 99  ASN   A OD1 1 ? 
ATOM   612  N ND2 . ASN   A 1 79  ? -1.032  9.063   3.229   1.000 12.647 0 99  ASN   A ND2 1 ? 
ATOM   613  N N   . THR   A 1 80  ? -1.508  6.316   -1.395  1.000 10.407 0 100 THR   A N   1 ? 
ATOM   614  C CA  . THR   A 1 80  ? -1.834  6.237   -2.834  1.000 10.882 0 100 THR   A CA  1 ? 
ATOM   615  C C   . THR   A 1 80  ? -2.357  4.836   -3.177  1.000 9.809  0 100 THR   A C   1 ? 
ATOM   616  O O   . THR   A 1 80  ? -3.400  4.725   -3.880  1.000 10.037 0 100 THR   A O   1 ? 
ATOM   617  C CB  . THR   A 1 80  ? -0.657  6.708   -3.687  1.000 12.931 0 100 THR   A CB  1 ? 
ATOM   618  O OG1 . THR   A 1 80  ? -0.459  8.084   -3.342  1.000 13.668 0 100 THR   A OG1 1 ? 
ATOM   619  C CG2 . THR   A 1 80  ? -0.932  6.515   -5.163  1.000 13.232 0 100 THR   A CG2 1 ? 
ATOM   620  N N   . MET   A 1 81  ? -1.683  3.805   -2.712  1.000 10.265 0 101 MET   A N   1 ? 
ATOM   621  C CA  . MET   A 1 81  ? -2.141  2.405   -2.910  1.000 10.875 0 101 MET   A CA  1 ? 
ATOM   622  C C   . MET   A 1 81  ? -3.604  2.281   -2.458  1.000 10.964 0 101 MET   A C   1 ? 
ATOM   623  O O   . MET   A 1 81  ? -4.414  1.756   -3.223  1.000 11.110 0 101 MET   A O   1 ? 
ATOM   624  C CB  . MET   A 1 81  ? -1.268  1.425   -2.142  1.000 11.328 0 101 MET   A CB  1 ? 
ATOM   625  C CG  . MET   A 1 81  ? -1.633  -0.009  -2.395  1.000 13.143 0 101 MET   A CG  1 ? 
ATOM   626  S SD  . MET   A 1 81  ? -0.694  -1.119  -1.321  1.000 14.855 0 101 MET   A SD  1 ? 
ATOM   627  C CE  . MET   A 1 81  ? -1.537  -0.870  0.237   1.000 17.187 0 101 MET   A CE  1 ? 
ATOM   628  N N   . PHE   A 1 82  ? -3.941  2.727   -1.234  1.000 10.374 0 102 PHE   A N   1 ? 
ATOM   629  C CA  . PHE   A 1 82  ? -5.331  2.623   -0.706  1.000 9.935  0 102 PHE   A CA  1 ? 
ATOM   630  C C   . PHE   A 1 82  ? -6.281  3.494   -1.528  1.000 10.392 0 102 PHE   A C   1 ? 
ATOM   631  O O   . PHE   A 1 82  ? -7.380  3.018   -2.005  1.000 11.272 0 102 PHE   A O   1 ? 
ATOM   632  C CB  . PHE   A 1 82  ? -5.393  2.988   0.783   1.000 11.212 0 102 PHE   A CB  1 ? 
ATOM   633  C CG  . PHE   A 1 82  ? -4.751  1.969   1.674   1.000 12.380 0 102 PHE   A CG  1 ? 
ATOM   634  C CD1 . PHE   A 1 82  ? -5.201  0.664   1.644   1.000 13.510 0 102 PHE   A CD1 1 ? 
ATOM   635  C CD2 . PHE   A 1 82  ? -3.666  2.278   2.475   1.000 13.826 0 102 PHE   A CD2 1 ? 
ATOM   636  C CE1 . PHE   A 1 82  ? -4.593  -0.318  2.411   1.000 14.087 0 102 PHE   A CE1 1 ? 
ATOM   637  C CE2 . PHE   A 1 82  ? -3.019  1.286   3.205   1.000 14.278 0 102 PHE   A CE2 1 ? 
ATOM   638  C CZ  . PHE   A 1 82  ? -3.480  -0.005  3.173   1.000 13.689 0 102 PHE   A CZ  1 ? 
ATOM   639  N N   . SER   A 1 83  ? -5.920  4.761   -1.748  1.000 10.695 0 103 SER   A N   1 ? 
ATOM   640  C CA  A SER   A 1 83  ? -6.763  5.710   -2.509  0.500 11.285 0 103 SER   A CA  1 ? 
ATOM   641  C CA  B SER   A 1 83  ? -6.761  5.710   -2.507  0.500 10.617 0 103 SER   A CA  1 ? 
ATOM   642  C C   . SER   A 1 83  ? -7.045  5.144   -3.907  1.000 10.630 0 103 SER   A C   1 ? 
ATOM   643  O O   . SER   A 1 83  ? -8.154  5.215   -4.339  1.000 11.224 0 103 SER   A O   1 ? 
ATOM   644  C CB  A SER   A 1 83  ? -6.124  7.057   -2.583  0.500 12.313 0 103 SER   A CB  1 ? 
ATOM   645  C CB  B SER   A 1 83  ? -6.091  7.043   -2.528  0.500 10.799 0 103 SER   A CB  1 ? 
ATOM   646  O OG  A SER   A 1 83  ? -6.940  7.937   -3.349  0.500 15.350 0 103 SER   A OG  1 ? 
ATOM   647  O OG  B SER   A 1 83  ? -6.064  7.591   -1.219  0.500 11.501 0 103 SER   A OG  1 ? 
ATOM   648  N N   . ASN   A 1 84  ? -6.051  4.574   -4.558  1.000 9.895  0 104 ASN   A N   1 ? 
ATOM   649  C CA  . ASN   A 1 84  ? -6.252  4.033   -5.940  1.000 10.487 0 104 ASN   A CA  1 ? 
ATOM   650  C C   . ASN   A 1 84  ? -7.334  2.926   -5.934  1.000 10.830 0 104 ASN   A C   1 ? 
ATOM   651  O O   . ASN   A 1 84  ? -8.192  2.855   -6.836  1.000 11.022 0 104 ASN   A O   1 ? 
ATOM   652  C CB  . ASN   A 1 84  ? -4.943  3.460   -6.473  1.000 10.315 0 104 ASN   A CB  1 ? 
ATOM   653  C CG  . ASN   A 1 84  ? -3.928  4.530   -6.843  1.000 9.813  0 104 ASN   A CG  1 ? 
ATOM   654  O OD1 . ASN   A 1 84  ? -4.227  5.703   -7.010  1.000 11.249 0 104 ASN   A OD1 1 ? 
ATOM   655  N ND2 . ASN   A 1 84  ? -2.693  4.099   -7.013  1.000 11.485 0 104 ASN   A ND2 1 ? 
ATOM   656  N N   . CYS   A 1 85  ? -7.284  2.071   -4.924  1.000 9.912  0 105 CYS   A N   1 ? 
ATOM   657  C CA  . CYS   A 1 85  ? -8.202  0.932   -4.767  1.000 10.502 0 105 CYS   A CA  1 ? 
ATOM   658  C C   . CYS   A 1 85  ? -9.630  1.472   -4.646  1.000 10.670 0 105 CYS   A C   1 ? 
ATOM   659  O O   . CYS   A 1 85  ? -10.518 0.969   -5.365  1.000 12.216 0 105 CYS   A O   1 ? 
ATOM   660  C CB  . CYS   A 1 85  ? -7.792  0.120   -3.555  1.000 11.074 0 105 CYS   A CB  1 ? 
ATOM   661  S SG  . CYS   A 1 85  ? -8.827  -1.352  -3.459  1.000 14.225 0 105 CYS   A SG  1 ? 
ATOM   662  N N   . TYR   A 1 86  ? -9.857  2.447   -3.773  1.000 11.297 0 106 TYR   A N   1 ? 
ATOM   663  C CA  . TYR   A 1 86  ? -11.215 3.019   -3.578  1.000 12.302 0 106 TYR   A CA  1 ? 
ATOM   664  C C   . TYR   A 1 86  ? -11.677 3.766   -4.818  1.000 13.848 0 106 TYR   A C   1 ? 
ATOM   665  O O   . TYR   A 1 86  ? -12.912 3.809   -5.085  1.000 14.907 0 106 TYR   A O   1 ? 
ATOM   666  C CB  . TYR   A 1 86  ? -11.256 3.960   -2.385  1.000 14.389 0 106 TYR   A CB  1 ? 
ATOM   667  C CG  . TYR   A 1 86  ? -10.784 3.324   -1.103  1.000 13.871 0 106 TYR   A CG  1 ? 
ATOM   668  C CD1 . TYR   A 1 86  ? -11.156 2.035   -0.740  1.000 16.500 0 106 TYR   A CD1 1 ? 
ATOM   669  C CD2 . TYR   A 1 86  ? -9.884  3.999   -0.276  1.000 14.209 0 106 TYR   A CD2 1 ? 
ATOM   670  C CE1 . TYR   A 1 86  ? -10.697 1.461   0.442   1.000 16.529 0 106 TYR   A CE1 1 ? 
ATOM   671  C CE2 . TYR   A 1 86  ? -9.433  3.451   0.910   1.000 14.817 0 106 TYR   A CE2 1 ? 
ATOM   672  C CZ  . TYR   A 1 86  ? -9.843  2.178   1.271   1.000 17.175 0 106 TYR   A CZ  1 ? 
ATOM   673  O OH  . TYR   A 1 86  ? -9.358  1.623   2.423   1.000 19.001 0 106 TYR   A OH  1 ? 
ATOM   674  N N   . LEU   A 1 87  ? -10.763 4.371   -5.552  1.000 13.977 0 107 LEU   A N   1 ? 
ATOM   675  C CA  . LEU   A 1 87  ? -11.155 5.173   -6.746  1.000 15.067 0 107 LEU   A CA  1 ? 
ATOM   676  C C   . LEU   A 1 87  ? -11.613 4.243   -7.862  1.000 14.177 0 107 LEU   A C   1 ? 
ATOM   677  O O   . LEU   A 1 87  ? -12.648 4.536   -8.514  1.000 16.464 0 107 LEU   A O   1 ? 
ATOM   678  C CB  . LEU   A 1 87  ? -9.969  6.013   -7.186  1.000 15.207 0 107 LEU   A CB  1 ? 
ATOM   679  C CG  . LEU   A 1 87  ? -10.219 6.933   -8.378  1.000 17.289 0 107 LEU   A CG  1 ? 
ATOM   680  C CD1 . LEU   A 1 87  ? -11.270 7.968   -8.011  1.000 20.734 0 107 LEU   A CD1 1 ? 
ATOM   681  C CD2 . LEU   A 1 87  ? -8.920  7.584   -8.791  1.000 18.719 0 107 LEU   A CD2 1 ? 
ATOM   682  N N   . TYR   A 1 88  ? -10.888 3.158   -8.070  1.000 12.377 0 108 TYR   A N   1 ? 
ATOM   683  C CA  . TYR   A 1 88  ? -11.094 2.271   -9.231  1.000 12.304 0 108 TYR   A CA  1 ? 
ATOM   684  C C   . TYR   A 1 88  ? -12.292 1.353   -8.971  1.000 14.491 0 108 TYR   A C   1 ? 
ATOM   685  O O   . TYR   A 1 88  ? -13.073 1.110   -9.919  1.000 14.657 0 108 TYR   A O   1 ? 
ATOM   686  C CB  . TYR   A 1 88  ? -9.859  1.454   -9.577  1.000 12.869 0 108 TYR   A CB  1 ? 
ATOM   687  C CG  . TYR   A 1 88  ? -10.093 0.608   -10.798 1.000 12.007 0 108 TYR   A CG  1 ? 
ATOM   688  C CD1 . TYR   A 1 88  ? -10.032 1.159   -12.066 1.000 13.275 0 108 TYR   A CD1 1 ? 
ATOM   689  C CD2 . TYR   A 1 88  ? -10.383 -0.734  -10.688 1.000 12.618 0 108 TYR   A CD2 1 ? 
ATOM   690  C CE1 . TYR   A 1 88  ? -10.282 0.402   -13.187 1.000 12.798 0 108 TYR   A CE1 1 ? 
ATOM   691  C CE2 . TYR   A 1 88  ? -10.632 -1.508  -11.810 1.000 14.113 0 108 TYR   A CE2 1 ? 
ATOM   692  C CZ  . TYR   A 1 88  ? -10.575 -0.937  -13.063 1.000 13.718 0 108 TYR   A CZ  1 ? 
ATOM   693  O OH  . TYR   A 1 88  ? -10.859 -1.673  -14.182 1.000 17.470 0 108 TYR   A OH  1 ? 
ATOM   694  N N   . ASN   A 1 89  ? -12.441 0.876   -7.725  1.000 13.609 0 109 ASN   A N   1 ? 
ATOM   695  C CA  . ASN   A 1 89  ? -13.357 -0.245  -7.412  1.000 15.495 0 109 ASN   A CA  1 ? 
ATOM   696  C C   . ASN   A 1 89  ? -14.673 0.315   -6.876  1.000 17.439 0 109 ASN   A C   1 ? 
ATOM   697  O O   . ASN   A 1 89  ? -14.769 1.514   -6.690  1.000 18.344 0 109 ASN   A O   1 ? 
ATOM   698  C CB  . ASN   A 1 89  ? -12.683 -1.271  -6.518  1.000 13.559 0 109 ASN   A CB  1 ? 
ATOM   699  C CG  . ASN   A 1 89  ? -11.499 -1.921  -7.198  1.000 15.107 0 109 ASN   A CG  1 ? 
ATOM   700  O OD1 . ASN   A 1 89  ? -11.627 -2.744  -8.132  1.000 14.441 0 109 ASN   A OD1 1 ? 
ATOM   701  N ND2 . ASN   A 1 89  ? -10.311 -1.503  -6.789  1.000 13.688 0 109 ASN   A ND2 1 ? 
ATOM   702  N N   . LYS   A 1 90  ? -15.670 -0.556  -6.676  1.000 21.085 0 110 LYS   A N   1 ? 
ATOM   703  C CA  . LYS   A 1 90  ? -17.033 -0.144  -6.261  1.000 24.487 0 110 LYS   A CA  1 ? 
ATOM   704  C C   . LYS   A 1 90  ? -17.276 -0.497  -4.796  1.000 23.991 0 110 LYS   A C   1 ? 
ATOM   705  O O   . LYS   A 1 90  ? -16.747 -1.472  -4.283  1.000 25.145 0 110 LYS   A O   1 ? 
ATOM   706  C CB  . LYS   A 1 90  ? -18.057 -0.796  -7.196  1.000 26.771 0 110 LYS   A CB  1 ? 
ATOM   707  C CG  . LYS   A 1 90  ? -17.977 -0.347  -8.651  1.000 28.952 0 110 LYS   A CG  1 ? 
ATOM   708  C CD  . LYS   A 1 90  ? -17.645 1.131   -8.858  1.000 33.036 0 110 LYS   A CD  1 ? 
ATOM   709  C CE  . LYS   A 1 90  ? -17.168 1.472   -10.264 1.000 38.696 0 110 LYS   A CE  1 ? 
ATOM   710  N NZ  . LYS   A 1 90  ? -17.160 2.935   -10.478 1.000 42.668 0 110 LYS   A NZ  1 ? 
ATOM   711  N N   . PRO   A 1 91  ? -18.103 0.297   -4.090  1.000 26.886 0 111 PRO   A N   1 ? 
ATOM   712  C CA  . PRO   A 1 91  ? -18.249 0.192   -2.638  1.000 29.423 0 111 PRO   A CA  1 ? 
ATOM   713  C C   . PRO   A 1 91  ? -18.598 -1.203  -2.111  1.000 31.174 0 111 PRO   A C   1 ? 
ATOM   714  O O   . PRO   A 1 91  ? -18.175 -1.518  -0.998  1.000 34.352 0 111 PRO   A O   1 ? 
ATOM   715  C CB  . PRO   A 1 91  ? -19.358 1.194   -2.268  1.000 31.115 0 111 PRO   A CB  1 ? 
ATOM   716  C CG  . PRO   A 1 91  ? -19.949 1.659   -3.577  1.000 29.423 0 111 PRO   A CG  1 ? 
ATOM   717  C CD  . PRO   A 1 91  ? -18.927 1.379   -4.659  1.000 28.422 0 111 PRO   A CD  1 ? 
ATOM   718  N N   . GLY   A 1 92  ? -19.314 -2.011  -2.892  1.000 28.910 0 112 GLY   A N   1 ? 
ATOM   719  C CA  . GLY   A 1 92  ? -19.687 -3.365  -2.445  1.000 29.885 0 112 GLY   A CA  1 ? 
ATOM   720  C C   . GLY   A 1 92  ? -18.716 -4.443  -2.881  1.000 31.122 0 112 GLY   A C   1 ? 
ATOM   721  O O   . GLY   A 1 92  ? -19.037 -5.612  -2.614  1.000 32.102 0 112 GLY   A O   1 ? 
ATOM   722  N N   . ASP   A 1 93  ? -17.564 -4.097  -3.489  1.000 26.247 0 113 ASP   A N   1 ? 
ATOM   723  C CA  . ASP   A 1 93  ? -16.609 -5.080  -4.061  1.000 25.298 0 113 ASP   A CA  1 ? 
ATOM   724  C C   . ASP   A 1 93  ? -15.812 -5.718  -2.917  1.000 22.787 0 113 ASP   A C   1 ? 
ATOM   725  O O   . ASP   A 1 93  ? -15.440 -4.966  -1.986  1.000 22.727 0 113 ASP   A O   1 ? 
ATOM   726  C CB  . ASP   A 1 93  ? -15.629 -4.422  -5.047  1.000 25.400 0 113 ASP   A CB  1 ? 
ATOM   727  C CG  . ASP   A 1 93  ? -16.186 -4.099  -6.424  1.000 30.018 0 113 ASP   A CG  1 ? 
ATOM   728  O OD1 . ASP   A 1 93  ? -17.281 -4.626  -6.778  1.000 30.188 0 113 ASP   A OD1 1 ? 
ATOM   729  O OD2 . ASP   A 1 93  ? -15.511 -3.342  -7.160  1.000 27.232 0 113 ASP   A OD2 1 ? 
ATOM   730  N N   . ASP   A 1 94  ? -15.479 -7.017  -3.015  1.000 21.583 0 114 ASP   A N   1 ? 
ATOM   731  C CA  . ASP   A 1 94  ? -14.569 -7.716  -2.063  1.000 22.747 0 114 ASP   A CA  1 ? 
ATOM   732  C C   . ASP   A 1 94  ? -13.297 -6.876  -1.845  1.000 21.608 0 114 ASP   A C   1 ? 
ATOM   733  O O   . ASP   A 1 94  ? -12.802 -6.770  -0.682  1.000 18.649 0 114 ASP   A O   1 ? 
ATOM   734  C CB  . ASP   A 1 94  ? -14.134 -9.091  -2.586  1.000 26.690 0 114 ASP   A CB  1 ? 
ATOM   735  C CG  . ASP   A 1 94  ? -15.139 -10.202 -2.295  1.000 34.364 0 114 ASP   A CG  1 ? 
ATOM   736  O OD1 . ASP   A 1 94  ? -16.210 -9.879  -1.748  1.000 34.630 0 114 ASP   A OD1 1 ? 
ATOM   737  O OD2 . ASP   A 1 94  ? -14.820 -11.384 -2.602  1.000 39.660 0 114 ASP   A OD2 1 ? 
ATOM   738  N N   . ILE   A 1 95  ? -12.720 -6.343  -2.923  1.000 18.416 0 115 ILE   A N   1 ? 
ATOM   739  C CA  . ILE   A 1 95  ? -11.347 -5.743  -2.821  1.000 17.541 0 115 ILE   A CA  1 ? 
ATOM   740  C C   . ILE   A 1 95  ? -11.483 -4.500  -1.932  1.000 14.467 0 115 ILE   A C   1 ? 
ATOM   741  O O   . ILE   A 1 95  ? -10.520 -4.139  -1.268  1.000 14.167 0 115 ILE   A O   1 ? 
ATOM   742  C CB  . ILE   A 1 95  ? -10.734 -5.441  -4.216  1.000 17.670 0 115 ILE   A CB  1 ? 
ATOM   743  C CG1 . ILE   A 1 95  ? -9.273  -4.989  -4.192  1.000 21.185 0 115 ILE   A CG1 1 ? 
ATOM   744  C CG2 . ILE   A 1 95  ? -11.538 -4.369  -4.920  1.000 17.581 0 115 ILE   A CG2 1 ? 
ATOM   745  C CD1 . ILE   A 1 95  ? -8.315  -5.924  -3.581  1.000 23.485 0 115 ILE   A CD1 1 ? 
ATOM   746  N N   . VAL   A 1 96  ? -12.623 -3.808  -1.939  1.000 14.297 0 116 VAL   A N   1 ? 
ATOM   747  C CA  . VAL   A 1 96  ? -12.797 -2.553  -1.169  1.000 15.343 0 116 VAL   A CA  1 ? 
ATOM   748  C C   . VAL   A 1 96  ? -12.911 -2.936  0.311   1.000 17.153 0 116 VAL   A C   1 ? 
ATOM   749  O O   . VAL   A 1 96  ? -12.238 -2.312  1.135   1.000 17.408 0 116 VAL   A O   1 ? 
ATOM   750  C CB  . VAL   A 1 96  ? -13.986 -1.724  -1.693  1.000 16.439 0 116 VAL   A CB  1 ? 
ATOM   751  C CG1 . VAL   A 1 96  ? -14.357 -0.589  -0.746  1.000 16.986 0 116 VAL   A CG1 1 ? 
ATOM   752  C CG2 . VAL   A 1 96  ? -13.639 -1.150  -3.070  1.000 16.384 0 116 VAL   A CG2 1 ? 
ATOM   753  N N   . LEU   A 1 97  ? -13.667 -3.983  0.631   1.000 18.321 0 117 LEU   A N   1 ? 
ATOM   754  C CA  . LEU   A 1 97  ? -13.754 -4.481  2.028   1.000 19.752 0 117 LEU   A CA  1 ? 
ATOM   755  C C   . LEU   A 1 97  ? -12.340 -4.854  2.507   1.000 17.549 0 117 LEU   A C   1 ? 
ATOM   756  O O   . LEU   A 1 97  ? -11.961 -4.557  3.673   1.000 17.613 0 117 LEU   A O   1 ? 
ATOM   757  C CB  . LEU   A 1 97  ? -14.699 -5.687  2.022   1.000 23.470 0 117 LEU   A CB  1 ? 
ATOM   758  C CG  . LEU   A 1 97  ? -14.876 -6.424  3.351   1.000 32.495 0 117 LEU   A CG  1 ? 
ATOM   759  C CD1 . LEU   A 1 97  ? -16.260 -7.064  3.424   1.000 35.474 0 117 LEU   A CD1 1 ? 
ATOM   760  C CD2 . LEU   A 1 97  ? -13.806 -7.494  3.559   1.000 33.139 0 117 LEU   A CD2 1 ? 
ATOM   761  N N   . MET   A 1 98  ? -11.579 -5.549  1.670   1.000 17.018 0 118 MET   A N   1 ? 
ATOM   762  C CA  . MET   A 1 98  ? -10.187 -5.959  1.976   1.000 13.761 0 118 MET   A CA  1 ? 
ATOM   763  C C   . MET   A 1 98  ? -9.279  -4.739  2.211   1.000 15.043 0 118 MET   A C   1 ? 
ATOM   764  O O   . MET   A 1 98  ? -8.558  -4.685  3.243   1.000 14.779 0 118 MET   A O   1 ? 
ATOM   765  C CB  . MET   A 1 98  ? -9.669  -6.870  0.861   1.000 15.595 0 118 MET   A CB  1 ? 
ATOM   766  C CG  . MET   A 1 98  ? -10.388 -8.222  0.860   1.000 15.184 0 118 MET   A CG  1 ? 
ATOM   767  S SD  . MET   A 1 98  ? -10.125 -9.107  -0.698  1.000 16.596 0 118 MET   A SD  1 ? 
ATOM   768  C CE  . MET   A 1 98  ? -8.518  -9.789  -0.408  1.000 12.467 0 118 MET   A CE  1 ? 
ATOM   769  N N   . ALA   A 1 99  ? -9.282  -3.767  1.302   1.000 13.611 0 119 ALA   A N   1 ? 
ATOM   770  C CA  . ALA   A 1 99  ? -8.507  -2.517  1.451   1.000 13.848 0 119 ALA   A CA  1 ? 
ATOM   771  C C   . ALA   A 1 99  ? -8.884  -1.842  2.769   1.000 13.324 0 119 ALA   A C   1 ? 
ATOM   772  O O   . ALA   A 1 99  ? -8.011  -1.368  3.458   1.000 13.981 0 119 ALA   A O   1 ? 
ATOM   773  C CB  . ALA   A 1 99  ? -8.757  -1.612  0.275   1.000 12.710 0 119 ALA   A CB  1 ? 
ATOM   774  N N   . GLN   A 1 100 ? -10.171 -1.727  3.070   1.000 14.235 0 120 GLN   A N   1 ? 
ATOM   775  C CA  . GLN   A 1 100 ? -10.611 -0.993  4.292   1.000 15.820 0 120 GLN   A CA  1 ? 
ATOM   776  C C   . GLN   A 1 100 ? -9.989  -1.671  5.533   1.000 14.640 0 120 GLN   A C   1 ? 
ATOM   777  O O   . GLN   A 1 100 ? -9.506  -0.955  6.438   1.000 14.580 0 120 GLN   A O   1 ? 
ATOM   778  C CB  . GLN   A 1 100 ? -12.145 -0.909  4.335   1.000 19.463 0 120 GLN   A CB  1 ? 
ATOM   779  C CG  . GLN   A 1 100 ? -12.676 0.133   3.371   1.000 22.920 0 120 GLN   A CG  1 ? 
ATOM   780  C CD  . GLN   A 1 100 ? -14.176 0.242   3.228   1.000 27.401 0 120 GLN   A CD  1 ? 
ATOM   781  O OE1 . GLN   A 1 100 ? -14.702 1.274   2.803   1.000 38.522 0 120 GLN   A OE1 1 ? 
ATOM   782  N NE2 . GLN   A 1 100 ? -14.869 -0.842  3.475   1.000 29.078 0 120 GLN   A NE2 1 ? 
ATOM   783  N N   . ALA   A 1 101 ? -9.993  -3.004  5.593   1.000 14.368 0 121 ALA   A N   1 ? 
ATOM   784  C CA  . ALA   A 1 101 ? -9.459  -3.776  6.736   1.000 14.250 0 121 ALA   A CA  1 ? 
ATOM   785  C C   . ALA   A 1 101 ? -7.956  -3.553  6.806   1.000 15.435 0 121 ALA   A C   1 ? 
ATOM   786  O O   . ALA   A 1 101 ? -7.434  -3.286  7.899   1.000 14.490 0 121 ALA   A O   1 ? 
ATOM   787  C CB  . ALA   A 1 101 ? -9.807  -5.240  6.615   1.000 14.947 0 121 ALA   A CB  1 ? 
ATOM   788  N N   . LEU   A 1 102 ? -7.275  -3.559  5.657   1.000 14.955 0 122 LEU   A N   1 ? 
ATOM   789  C CA  . LEU   A 1 102 ? -5.803  -3.389  5.626   1.000 15.133 0 122 LEU   A CA  1 ? 
ATOM   790  C C   . LEU   A 1 102 ? -5.470  -1.932  6.015   1.000 14.515 0 122 LEU   A C   1 ? 
ATOM   791  O O   . LEU   A 1 102 ? -4.502  -1.713  6.725   1.000 14.936 0 122 LEU   A O   1 ? 
ATOM   792  C CB  . LEU   A 1 102 ? -5.273  -3.733  4.230   1.000 16.845 0 122 LEU   A CB  1 ? 
ATOM   793  C CG  . LEU   A 1 102 ? -3.852  -4.248  4.098   1.000 20.126 0 122 LEU   A CG  1 ? 
ATOM   794  C CD1 . LEU   A 1 102 ? -3.715  -5.626  4.724   1.000 23.703 0 122 LEU   A CD1 1 ? 
ATOM   795  C CD2 . LEU   A 1 102 ? -3.449  -4.353  2.615   1.000 22.332 0 122 LEU   A CD2 1 ? 
ATOM   796  N N   . GLU   A 1 103 ? -6.261  -0.960  5.590   1.000 14.328 0 123 GLU   A N   1 ? 
ATOM   797  C CA  . GLU   A 1 103 ? -5.989  0.465   5.886   1.000 14.997 0 123 GLU   A CA  1 ? 
ATOM   798  C C   . GLU   A 1 103 ? -6.237  0.722   7.385   1.000 15.208 0 123 GLU   A C   1 ? 
ATOM   799  O O   . GLU   A 1 103 ? -5.478  1.480   7.978   1.000 15.673 0 123 GLU   A O   1 ? 
ATOM   800  C CB  . GLU   A 1 103 ? -6.829  1.400   5.029   1.000 16.596 0 123 GLU   A CB  1 ? 
ATOM   801  C CG  . GLU   A 1 103 ? -6.428  2.855   5.196   1.000 18.858 0 123 GLU   A CG  1 ? 
ATOM   802  C CD  . GLU   A 1 103 ? -7.207  3.883   4.391   1.000 24.687 0 123 GLU   A CD  1 ? 
ATOM   803  O OE1 . GLU   A 1 103 ? -8.140  3.497   3.651   1.000 24.763 0 123 GLU   A OE1 1 ? 
ATOM   804  O OE2 . GLU   A 1 103 ? -6.842  5.079   4.476   1.000 28.972 0 123 GLU   A OE2 1 ? 
ATOM   805  N N   . LYS   A 1 104 ? -7.249  0.092   7.983   1.000 13.969 0 124 LYS   A N   1 ? 
ATOM   806  C CA  . LYS   A 1 104 ? -7.472  0.215   9.453   1.000 16.145 0 124 LYS   A CA  1 ? 
ATOM   807  C C   . LYS   A 1 104 ? -6.213  -0.244  10.196  1.000 14.770 0 124 LYS   A C   1 ? 
ATOM   808  O O   . LYS   A 1 104 ? -5.766  0.458   11.135  1.000 15.050 0 124 LYS   A O   1 ? 
ATOM   809  C CB  . LYS   A 1 104 ? -8.719  -0.569  9.860   1.000 19.049 0 124 LYS   A CB  1 ? 
ATOM   810  C CG  . LYS   A 1 104 ? -9.190  -0.295  11.283  1.000 22.705 0 124 LYS   A CG  1 ? 
ATOM   811  C CD  . LYS   A 1 104 ? -10.609 -0.759  11.537  1.000 28.461 0 124 LYS   A CD  1 ? 
ATOM   812  C CE  . LYS   A 1 104 ? -11.110 -0.359  12.911  1.000 32.877 0 124 LYS   A CE  1 ? 
ATOM   813  N NZ  . LYS   A 1 104 ? -11.923 0.879   12.872  1.000 38.508 0 124 LYS   A NZ  1 ? 
ATOM   814  N N   . LEU   A 1 105 ? -5.665  -1.401  9.838   1.000 12.944 0 125 LEU   A N   1 ? 
ATOM   815  C CA  . LEU   A 1 105 ? -4.413  -1.916  10.441  1.000 13.495 0 125 LEU   A CA  1 ? 
ATOM   816  C C   . LEU   A 1 105 ? -3.261  -0.928  10.188  1.000 14.699 0 125 LEU   A C   1 ? 
ATOM   817  O O   . LEU   A 1 105 ? -2.456  -0.636  11.112  1.000 13.556 0 125 LEU   A O   1 ? 
ATOM   818  C CB  . LEU   A 1 105 ? -4.094  -3.281  9.830   1.000 13.985 0 125 LEU   A CB  1 ? 
ATOM   819  C CG  . LEU   A 1 105 ? -2.840  -3.949  10.390  1.000 13.592 0 125 LEU   A CG  1 ? 
ATOM   820  C CD1 . LEU   A 1 105 ? -2.939  -4.079  11.926  1.000 14.434 0 125 LEU   A CD1 1 ? 
ATOM   821  C CD2 . LEU   A 1 105 ? -2.642  -5.316  9.759   1.000 15.563 0 125 LEU   A CD2 1 ? 
ATOM   822  N N   . PHE   A 1 106 ? -3.111  -0.475  8.950   1.000 12.977 0 126 PHE   A N   1 ? 
ATOM   823  C CA  . PHE   A 1 106 ? -2.103  0.560   8.591   1.000 14.892 0 126 PHE   A CA  1 ? 
ATOM   824  C C   . PHE   A 1 106 ? -2.189  1.739   9.576   1.000 13.631 0 126 PHE   A C   1 ? 
ATOM   825  O O   . PHE   A 1 106 ? -1.165  2.166   10.117  1.000 16.702 0 126 PHE   A O   1 ? 
ATOM   826  C CB  . PHE   A 1 106 ? -2.310  1.021   7.147   1.000 15.096 0 126 PHE   A CB  1 ? 
ATOM   827  C CG  . PHE   A 1 106 ? -1.305  2.027   6.656   1.000 14.219 0 126 PHE   A CG  1 ? 
ATOM   828  C CD1 . PHE   A 1 106 ? 0.048   1.744   6.707   1.000 15.449 0 126 PHE   A CD1 1 ? 
ATOM   829  C CD2 . PHE   A 1 106 ? -1.726  3.256   6.190   1.000 16.471 0 126 PHE   A CD2 1 ? 
ATOM   830  C CE1 . PHE   A 1 106 ? 0.973   2.683   6.256   1.000 16.463 0 126 PHE   A CE1 1 ? 
ATOM   831  C CE2 . PHE   A 1 106 ? -0.807  4.181   5.722   1.000 15.600 0 126 PHE   A CE2 1 ? 
ATOM   832  C CZ  . PHE   A 1 106 ? 0.542   3.899   5.808   1.000 14.461 0 126 PHE   A CZ  1 ? 
ATOM   833  N N   . MET   A 1 107 ? -3.367  2.303   9.766   1.000 14.104 0 127 MET   A N   1 ? 
ATOM   834  C CA  . MET   A 1 107 ? -3.499  3.507   10.602  1.000 13.879 0 127 MET   A CA  1 ? 
ATOM   835  C C   . MET   A 1 107 ? -3.083  3.138   12.033  1.000 14.068 0 127 MET   A C   1 ? 
ATOM   836  O O   . MET   A 1 107 ? -2.455  4.006   12.703  1.000 14.093 0 127 MET   A O   1 ? 
ATOM   837  C CB  . MET   A 1 107 ? -4.917  4.077   10.555  1.000 17.171 0 127 MET   A CB  1 ? 
ATOM   838  C CG  . MET   A 1 107 ? -5.298  4.690   9.184   1.000 19.125 0 127 MET   A CG  1 ? 
ATOM   839  S SD  . MET   A 1 107 ? -4.478  6.277   8.859   1.000 31.612 0 127 MET   A SD  1 ? 
ATOM   840  C CE  . MET   A 1 107 ? -5.562  7.374   9.778   1.000 28.929 0 127 MET   A CE  1 ? 
ATOM   841  N N   . GLN   A 1 108 ? -3.385  1.925   12.518  1.000 12.339 0 128 GLN   A N   1 ? 
ATOM   842  C CA  . GLN   A 1 108 ? -2.954  1.518   13.890  1.000 13.208 0 128 GLN   A CA  1 ? 
ATOM   843  C C   . GLN   A 1 108 ? -1.430  1.487   13.963  1.000 14.742 0 128 GLN   A C   1 ? 
ATOM   844  O O   . GLN   A 1 108 ? -0.884  2.037   14.939  1.000 15.944 0 128 GLN   A O   1 ? 
ATOM   845  C CB  . GLN   A 1 108 ? -3.434  0.128   14.247  1.000 12.478 0 128 GLN   A CB  1 ? 
ATOM   846  C CG  . GLN   A 1 108 ? -4.955  0.123   14.345  1.000 12.760 0 128 GLN   A CG  1 ? 
ATOM   847  C CD  . GLN   A 1 108 ? -5.493  -1.264  14.597  1.000 13.667 0 128 GLN   A CD  1 ? 
ATOM   848  O OE1 . GLN   A 1 108 ? -4.747  -2.230  14.587  1.000 14.896 0 128 GLN   A OE1 1 ? 
ATOM   849  N NE2 . GLN   A 1 108 ? -6.790  -1.363  14.818  1.000 12.459 0 128 GLN   A NE2 1 ? 
ATOM   850  N N   . LYS   A 1 109 ? -0.774  0.914   12.964  1.000 15.762 0 129 LYS   A N   1 ? 
ATOM   851  C CA  . LYS   A 1 109 ? 0.711   0.783   12.957  1.000 17.673 0 129 LYS   A CA  1 ? 
ATOM   852  C C   . LYS   A 1 109 ? 1.369   2.169   12.924  1.000 19.109 0 129 LYS   A C   1 ? 
ATOM   853  O O   . LYS   A 1 109 ? 2.367   2.343   13.643  1.000 20.816 0 129 LYS   A O   1 ? 
ATOM   854  C CB  . LYS   A 1 109 ? 1.166   -0.075  11.775  1.000 21.837 0 129 LYS   A CB  1 ? 
ATOM   855  C CG  . LYS   A 1 109 ? 0.690   -1.511  11.803  1.000 23.171 0 129 LYS   A CG  1 ? 
ATOM   856  C CD  . LYS   A 1 109 ? 1.029   -2.292  13.024  1.000 26.438 0 129 LYS   A CD  1 ? 
ATOM   857  C CE  . LYS   A 1 109 ? 0.104   -3.471  13.209  1.000 29.935 0 129 LYS   A CE  1 ? 
ATOM   858  N NZ  . LYS   A 1 109 ? 0.675   -4.460  14.145  1.000 34.429 0 129 LYS   A NZ  1 ? 
ATOM   859  N N   . LEU   A 1 110 ? 0.860   3.111   12.133  1.000 18.786 0 130 LEU   A N   1 ? 
ATOM   860  C CA  . LEU   A 1 110 ? 1.352   4.525   12.110  1.000 19.609 0 130 LEU   A CA  1 ? 
ATOM   861  C C   . LEU   A 1 110 ? 1.175   5.177   13.483  1.000 20.194 0 130 LEU   A C   1 ? 
ATOM   862  O O   . LEU   A 1 110 ? 2.028   5.982   13.836  1.000 20.829 0 130 LEU   A O   1 ? 
ATOM   863  C CB  . LEU   A 1 110 ? 0.597   5.354   11.075  1.000 21.468 0 130 LEU   A CB  1 ? 
ATOM   864  C CG  . LEU   A 1 110 ? 0.881   4.986   9.614   1.000 20.717 0 130 LEU   A CG  1 ? 
ATOM   865  C CD1 . LEU   A 1 110 ? 0.194   5.942   8.673   1.000 22.199 0 130 LEU   A CD1 1 ? 
ATOM   866  C CD2 . LEU   A 1 110 ? 2.374   4.915   9.348   1.000 22.416 0 130 LEU   A CD2 1 ? 
ATOM   867  N N   . SER   A 1 111 ? 0.034   4.970   14.156  1.000 17.792 0 131 SER   A N   1 ? 
ATOM   868  C CA  . SER   A 1 111 ? -0.241  5.553   15.492  1.000 17.815 0 131 SER   A CA  1 ? 
ATOM   869  C C   . SER   A 1 111 ? 0.819   5.088   16.509  1.000 19.382 0 131 SER   A C   1 ? 
ATOM   870  O O   . SER   A 1 111 ? 0.989   5.821   17.521  1.000 19.827 0 131 SER   A O   1 ? 
ATOM   871  C CB  . SER   A 1 111 ? -1.657  5.251   15.942  1.000 18.725 0 131 SER   A CB  1 ? 
ATOM   872  O OG  . SER   A 1 111 ? -1.794  3.946   16.526  1.000 19.375 0 131 SER   A OG  1 ? 
ATOM   873  N N   . GLN   A 1 112 ? 1.485   3.951   16.275  1.000 18.765 0 132 GLN   A N   1 ? 
ATOM   874  C CA  A GLN   A 1 112 ? 2.427   3.355   17.258  0.500 20.880 0 132 GLN   A CA  1 ? 
ATOM   875  C CA  B GLN   A 1 112 ? 2.419   3.290   17.225  0.500 19.879 0 132 GLN   A CA  1 ? 
ATOM   876  C C   . GLN   A 1 112 ? 3.861   3.609   16.820  1.000 22.793 0 132 GLN   A C   1 ? 
ATOM   877  O O   . GLN   A 1 112 ? 4.775   3.196   17.564  1.000 26.414 0 132 GLN   A O   1 ? 
ATOM   878  C CB  A GLN   A 1 112 ? 2.184   1.857   17.441  0.500 21.978 0 132 GLN   A CB  1 ? 
ATOM   879  C CB  B GLN   A 1 112 ? 2.173   1.771   17.264  0.500 19.707 0 132 GLN   A CB  1 ? 
ATOM   880  C CG  A GLN   A 1 112 ? 0.829   1.557   18.058  0.500 23.044 0 132 GLN   A CG  1 ? 
ATOM   881  C CG  B GLN   A 1 112 ? 0.758   1.372   17.700  0.500 19.217 0 132 GLN   A CG  1 ? 
ATOM   882  C CD  A GLN   A 1 112 ? 0.552   2.483   19.216  0.500 25.191 0 132 GLN   A CD  1 ? 
ATOM   883  C CD  B GLN   A 1 112 ? 0.241   0.047   17.170  0.500 19.329 0 132 GLN   A CD  1 ? 
ATOM   884  O OE1 A GLN   A 1 112 ? 1.286   2.493   20.207  0.500 25.665 0 132 GLN   A OE1 1 ? 
ATOM   885  O OE1 B GLN   A 1 112 ? 0.943   -0.708  16.489  0.500 19.889 0 132 GLN   A OE1 1 ? 
ATOM   886  N NE2 A GLN   A 1 112 ? -0.505  3.274   19.091  0.500 24.528 0 132 GLN   A NE2 1 ? 
ATOM   887  N NE2 B GLN   A 1 112 ? -1.010  -0.256  17.502  0.500 18.295 0 132 GLN   A NE2 1 ? 
ATOM   888  N N   . MET   A 1 113 ? 4.046   4.282   15.687  1.000 22.852 0 133 MET   A N   1 ? 
ATOM   889  C CA  . MET   A 1 113 ? 5.407   4.546   15.165  1.000 25.011 0 133 MET   A CA  1 ? 
ATOM   890  C C   . MET   A 1 113 ? 6.094   5.595   16.042  1.000 24.572 0 133 MET   A C   1 ? 
ATOM   891  O O   . MET   A 1 113 ? 5.600   6.689   16.247  1.000 21.652 0 133 MET   A O   1 ? 
ATOM   892  C CB  . MET   A 1 113 ? 5.402   5.070   13.733  1.000 24.098 0 133 MET   A CB  1 ? 
ATOM   893  C CG  . MET   A 1 113 ? 6.809   5.261   13.213  1.000 25.220 0 133 MET   A CG  1 ? 
ATOM   894  S SD  . MET   A 1 113 ? 6.843   5.381   11.424  1.000 28.937 0 133 MET   A SD  1 ? 
ATOM   895  C CE  . MET   A 1 113 ? 5.836   6.829   11.150  1.000 29.592 0 133 MET   A CE  1 ? 
ATOM   896  N N   . PRO   A 1 114 ? 7.322   5.325   16.490  1.000 28.629 0 134 PRO   A N   1 ? 
ATOM   897  C CA  . PRO   A 1 114 ? 8.097   6.341   17.207  1.000 29.800 0 134 PRO   A CA  1 ? 
ATOM   898  C C   . PRO   A 1 114 ? 8.484   7.534   16.319  1.000 28.651 0 134 PRO   A C   1 ? 
ATOM   899  O O   . PRO   A 1 114 ? 8.523   7.416   15.125  1.000 26.276 0 134 PRO   A O   1 ? 
ATOM   900  C CB  . PRO   A 1 114 ? 9.328   5.557   17.689  1.000 32.742 0 134 PRO   A CB  1 ? 
ATOM   901  C CG  . PRO   A 1 114 ? 9.450   4.408   16.719  1.000 34.652 0 134 PRO   A CG  1 ? 
ATOM   902  C CD  . PRO   A 1 114 ? 8.023   4.039   16.355  1.000 30.385 0 134 PRO   A CD  1 ? 
ATOM   903  N N   . GLN   A 1 115 ? 8.768   8.676   16.944  1.000 31.370 0 135 GLN   A N   1 ? 
ATOM   904  C CA  . GLN   A 1 115 ? 9.113   9.940   16.233  1.000 31.613 0 135 GLN   A CA  1 ? 
ATOM   905  C C   . GLN   A 1 115 ? 10.560  9.853   15.722  1.000 27.538 0 135 GLN   A C   1 ? 
ATOM   906  O O   . GLN   A 1 115 ? 11.282  8.957   16.167  1.000 27.547 0 135 GLN   A O   1 ? 
ATOM   907  C CB  . GLN   A 1 115 ? 8.843   11.131  17.147  1.000 37.573 0 135 GLN   A CB  1 ? 
ATOM   908  C CG  . GLN   A 1 115 ? 7.370   11.288  17.522  1.000 41.298 0 135 GLN   A CG  1 ? 
ATOM   909  C CD  . GLN   A 1 115 ? 7.187   12.340  18.593  1.000 45.880 0 135 GLN   A CD  1 ? 
ATOM   910  O OE1 . GLN   A 1 115 ? 7.359   12.089  19.795  1.000 48.938 0 135 GLN   A OE1 1 ? 
ATOM   911  N NE2 . GLN   A 1 115 ? 6.858   13.547  18.157  1.000 40.554 0 135 GLN   A NE2 1 ? 
ATOM   912  N N   . GLU   A 1 116 ? 10.945  10.688  14.754  1.000 28.061 0 136 GLU   A N   1 ? 
ATOM   913  C CA  . GLU   A 1 116 ? 12.203  10.471  13.964  1.000 31.379 0 136 GLU   A CA  1 ? 
ATOM   914  C C   . GLU   A 1 116 ? 13.414  10.816  14.843  1.000 29.199 0 136 GLU   A C   1 ? 
ATOM   915  O O   . GLU   A 1 116 ? 13.234  11.719  15.687  1.000 29.279 0 136 GLU   A O   1 ? 
ATOM   916  C CB  . GLU   A 1 116 ? 12.205  11.262  12.646  1.000 35.048 0 136 GLU   A CB  1 ? 
ATOM   917  C CG  . GLU   A 1 116 ? 12.433  12.751  12.789  1.000 37.972 0 136 GLU   A CG  1 ? 
ATOM   918  C CD  . GLU   A 1 116 ? 12.396  13.572  11.498  1.000 41.899 0 136 GLU   A CD  1 ? 
ATOM   919  O OE1 . GLU   A 1 116 ? 11.891  13.076  10.439  1.000 42.738 0 136 GLU   A OE1 1 ? 
ATOM   920  O OE2 . GLU   A 1 116 ? 12.843  14.727  11.553  1.000 37.550 0 136 GLU   A OE2 1 ? 
HETATM 921  N N1  A A1D6J B 2 .   ? -7.773  -5.822  -8.633  0.500 15.868 0 201 A1D6J A N1  1 ? 
HETATM 922  N N1  B A1D6J B 2 .   ? -7.703  -5.857  -8.746  0.500 16.085 0 201 A1D6J A N1  1 ? 
HETATM 923  O O1  A A1D6J B 2 .   ? -7.556  -2.433  -7.684  0.500 14.745 0 201 A1D6J A O1  1 ? 
HETATM 924  O O1  B A1D6J B 2 .   ? -7.533  -2.484  -7.702  0.500 15.199 0 201 A1D6J A O1  1 ? 
HETATM 925  C C2  A A1D6J B 2 .   ? -6.202  -4.236  -6.960  0.500 14.989 0 201 A1D6J A C2  1 ? 
HETATM 926  C C2  B A1D6J B 2 .   ? -6.246  -4.311  -6.932  0.500 15.555 0 201 A1D6J A C2  1 ? 
HETATM 927  N N3  A A1D6J B 2 .   ? -5.492  -8.410  -8.037  0.500 13.718 0 201 A1D6J A N3  1 ? 
HETATM 928  N N3  B A1D6J B 2 .   ? -5.396  -8.394  -8.064  0.500 14.626 0 201 A1D6J A N3  1 ? 
HETATM 929  C C4  A A1D6J B 2 .   ? -6.830  -6.367  -7.899  0.500 14.994 0 201 A1D6J A C4  1 ? 
HETATM 930  C C4  B A1D6J B 2 .   ? -6.808  -6.425  -7.964  0.500 15.438 0 201 A1D6J A C4  1 ? 
HETATM 931  C C5  A A1D6J B 2 .   ? -7.254  -3.640  -7.737  0.500 15.022 0 201 A1D6J A C5  1 ? 
HETATM 932  C C5  B A1D6J B 2 .   ? -7.237  -3.692  -7.767  0.500 15.389 0 201 A1D6J A C5  1 ? 
HETATM 933  C C6  A A1D6J B 2 .   ? -9.044  -3.950  -9.418  0.500 17.115 0 201 A1D6J A C6  1 ? 
HETATM 934  C C6  B A1D6J B 2 .   ? -8.906  -3.945  -9.573  0.500 16.820 0 201 A1D6J A C6  1 ? 
HETATM 935  C C8  A A1D6J B 2 .   ? -5.784  -9.758  -8.223  0.500 13.399 0 201 A1D6J A C8  1 ? 
HETATM 936  C C8  B A1D6J B 2 .   ? -5.578  -9.768  -8.191  0.500 14.606 0 201 A1D6J A C8  1 ? 
HETATM 937  C C10 A A1D6J B 2 .   ? -6.828  -12.242 -8.549  0.500 15.004 0 201 A1D6J A C10 1 ? 
HETATM 938  C C10 B A1D6J B 2 .   ? -6.423  -12.351 -8.405  0.500 17.206 0 201 A1D6J A C10 1 ? 
HETATM 939  C C11 A A1D6J B 2 .   ? -7.710  -11.180 -8.467  0.500 14.705 0 201 A1D6J A C11 1 ? 
HETATM 940  C C11 B A1D6J B 2 .   ? -7.378  -11.352 -8.338  0.500 15.911 0 201 A1D6J A C11 1 ? 
HETATM 941  C C12 A A1D6J B 2 .   ? -7.163  -9.918  -8.302  0.500 14.385 0 201 A1D6J A C12 1 ? 
HETATM 942  C C12 B A1D6J B 2 .   ? -6.940  -10.040 -8.233  0.500 15.322 0 201 A1D6J A C12 1 ? 
HETATM 943  C C13 A A1D6J B 2 .   ? -9.148  -8.409  -8.180  0.500 16.680 0 201 A1D6J A C13 1 ? 
HETATM 944  C C13 B A1D6J B 2 .   ? -9.042  -8.632  -8.127  0.500 16.630 0 201 A1D6J A C13 1 ? 
HETATM 945  C C14 A A1D6J B 2 .   ? -9.779  -8.790  -9.518  0.500 17.524 0 201 A1D6J A C14 1 ? 
HETATM 946  C C14 B A1D6J B 2 .   ? -9.685  -8.982  -9.468  0.500 17.716 0 201 A1D6J A C14 1 ? 
HETATM 947  C C15 A A1D6J B 2 .   ? -9.796  -9.076  -6.975  0.500 18.668 0 201 A1D6J A C15 1 ? 
HETATM 948  C C15 B A1D6J B 2 .   ? -9.647  -9.369  -6.939  0.500 18.007 0 201 A1D6J A C15 1 ? 
HETATM 949  C C16 A A1D6J B 2 .   ? -10.999 -9.763  -7.078  0.500 19.700 0 201 A1D6J A C16 1 ? 
HETATM 950  C C16 B A1D6J B 2 .   ? -10.464 -10.482 -7.092  0.500 17.895 0 201 A1D6J A C16 1 ? 
HETATM 951  C C17 A A1D6J B 2 .   ? -11.576 -10.354 -5.962  0.500 20.589 0 201 A1D6J A C17 1 ? 
HETATM 952  C C17 B A1D6J B 2 .   ? -11.020 -11.112 -5.986  0.500 18.342 0 201 A1D6J A C17 1 ? 
HETATM 953  C C1  A A1D6J B 2 .   ? -5.369  -3.371  -6.049  0.500 14.821 0 201 A1D6J A C1  1 ? 
HETATM 954  C C1  B A1D6J B 2 .   ? -5.476  -3.469  -5.946  0.500 15.653 0 201 A1D6J A C1  1 ? 
HETATM 955  C C3  A A1D6J B 2 .   ? -6.015  -5.612  -7.057  0.500 14.914 0 201 A1D6J A C3  1 ? 
HETATM 956  C C3  B A1D6J B 2 .   ? -6.058  -5.684  -7.047  0.500 15.450 0 201 A1D6J A C3  1 ? 
HETATM 957  N N2  A A1D6J B 2 .   ? -7.965  -4.473  -8.569  0.500 15.540 0 201 A1D6J A N2  1 ? 
HETATM 958  N N2  B A1D6J B 2 .   ? -7.892  -4.502  -8.665  0.500 15.585 0 201 A1D6J A N2  1 ? 
HETATM 959  C C7  A A1D6J B 2 .   ? -6.666  -7.807  -8.038  0.500 14.549 0 201 A1D6J A C7  1 ? 
HETATM 960  C C7  B A1D6J B 2 .   ? -6.610  -7.870  -8.083  0.500 15.197 0 201 A1D6J A C7  1 ? 
HETATM 961  C C9  A A1D6J B 2 .   ? -4.971  -10.866 -8.312  0.500 14.841 0 201 A1D6J A C9  1 ? 
HETATM 962  C C9  B A1D6J B 2 .   ? -4.677  -10.816 -8.250  0.500 16.095 0 201 A1D6J A C9  1 ? 
HETATM 963  N N4  A A1D6J B 2 .   ? -5.498  -12.077 -8.503  0.500 13.979 0 201 A1D6J A N4  1 ? 
HETATM 964  N N4  B A1D6J B 2 .   ? -5.105  -12.078 -8.379  0.500 16.331 0 201 A1D6J A N4  1 ? 
HETATM 965  N N5  A A1D6J B 2 .   ? -7.713  -8.673  -8.185  0.500 14.692 0 201 A1D6J A N5  1 ? 
HETATM 966  N N5  B A1D6J B 2 .   ? -7.595  -8.826  -8.163  0.500 15.226 0 201 A1D6J A N5  1 ? 
HETATM 967  C C18 A A1D6J B 2 .   ? -10.979 -10.247 -4.727  0.500 20.317 0 201 A1D6J A C18 1 ? 
HETATM 968  C C18 B A1D6J B 2 .   ? -10.768 -10.633 -4.717  0.500 19.049 0 201 A1D6J A C18 1 ? 
HETATM 969  C C19 A A1D6J B 2 .   ? -9.787  -9.572  -4.612  0.500 20.635 0 201 A1D6J A C19 1 ? 
HETATM 970  C C19 B A1D6J B 2 .   ? -9.958  -9.535  -4.553  0.500 19.399 0 201 A1D6J A C19 1 ? 
HETATM 971  C C20 A A1D6J B 2 .   ? -9.195  -9.001  -5.732  0.500 19.033 0 201 A1D6J A C20 1 ? 
HETATM 972  C C20 B A1D6J B 2 .   ? -9.399  -8.910  -5.661  0.500 18.271 0 201 A1D6J A C20 1 ? 
HETATM 973  C C21 A A1D6J B 2 .   ? -7.312  -13.662 -8.762  0.500 16.604 0 201 A1D6J A C21 1 ? 
HETATM 974  C C21 B A1D6J B 2 .   ? -6.833  -13.812 -8.500  0.500 19.982 0 201 A1D6J A C21 1 ? 
HETATM 975  C C22 A A1D6J B 2 .   ? -6.814  -14.145 -10.125 0.500 18.878 0 201 A1D6J A C22 1 ? 
HETATM 976  C C22 B A1D6J B 2 .   ? -7.047  -14.234 -9.954  0.500 22.856 0 201 A1D6J A C22 1 ? 
HETATM 977  C C23 A A1D6J B 2 .   ? -7.246  -15.572 -10.346 0.500 18.779 0 201 A1D6J A C23 1 ? 
HETATM 978  C C23 B A1D6J B 2 .   ? -7.543  -15.658 -10.027 0.500 23.477 0 201 A1D6J A C23 1 ? 
HETATM 979  O O2  A A1D6J B 2 .   ? -6.767  -16.424 -9.307  0.500 17.559 0 201 A1D6J A O2  1 ? 
HETATM 980  O O2  B A1D6J B 2 .   ? -8.726  -15.857 -9.257  0.500 21.460 0 201 A1D6J A O2  1 ? 
HETATM 981  C C24 A A1D6J B 2 .   ? -7.284  -16.045 -8.040  0.500 16.033 0 201 A1D6J A C24 1 ? 
HETATM 982  C C24 B A1D6J B 2 .   ? -8.491  -15.586 -7.881  0.500 20.792 0 201 A1D6J A C24 1 ? 
HETATM 983  C C25 A A1D6J B 2 .   ? -6.843  -14.643 -7.685  0.500 17.324 0 201 A1D6J A C25 1 ? 
HETATM 984  C C25 B A1D6J B 2 .   ? -8.102  -14.138 -7.699  0.500 20.142 0 201 A1D6J A C25 1 ? 
HETATM 985  C C1  . EDO   C 3 .   ? 7.435   -10.278 5.540   1.000 44.960 0 202 EDO   A C1  1 ? 
HETATM 986  O O1  . EDO   C 3 .   ? 7.113   -11.660 5.448   1.000 49.963 0 202 EDO   A O1  1 ? 
HETATM 987  C C2  . EDO   C 3 .   ? 7.257   -9.480  4.290   1.000 43.708 0 202 EDO   A C2  1 ? 
HETATM 988  O O2  . EDO   C 3 .   ? 7.815   -8.161  4.395   1.000 42.836 0 202 EDO   A O2  1 ? 
HETATM 989  O O   . HOH   D 4 .   ? 6.382   13.904  15.903  1.000 32.115 0 301 HOH   A O   1 ? 
HETATM 990  O O   . HOH   D 4 .   ? 3.021   8.077   -11.658 1.000 40.977 0 302 HOH   A O   1 ? 
HETATM 991  O O   . HOH   D 4 .   ? 2.704   7.110   -4.505  1.000 29.409 0 303 HOH   A O   1 ? 
HETATM 992  O O   . HOH   D 4 .   ? 12.097  -6.657  2.494   1.000 40.801 0 304 HOH   A O   1 ? 
HETATM 993  O O   . HOH   D 4 .   ? -10.549 -10.442 -14.428 1.000 33.356 0 305 HOH   A O   1 ? 
HETATM 994  O O   . HOH   D 4 .   ? -13.609 1.164   -14.682 1.000 29.154 0 306 HOH   A O   1 ? 
HETATM 995  O O   . HOH   D 4 .   ? -11.109 -15.041 -9.185  1.000 23.075 0 307 HOH   A O   1 ? 
HETATM 996  O O   . HOH   D 4 .   ? 13.362  15.759  13.828  1.000 40.697 0 308 HOH   A O   1 ? 
HETATM 997  O O   . HOH   D 4 .   ? -5.968  -5.339  -20.052 1.000 27.429 0 309 HOH   A O   1 ? 
HETATM 998  O O   . HOH   D 4 .   ? -4.340  3.785   16.642  1.000 19.078 0 310 HOH   A O   1 ? 
HETATM 999  O O   . HOH   D 4 .   ? 3.344   -1.466  16.054  1.000 41.944 0 311 HOH   A O   1 ? 
HETATM 1000 O O   . HOH   D 4 .   ? 1.680   -0.657  -8.670  1.000 18.284 0 312 HOH   A O   1 ? 
HETATM 1001 O O   . HOH   D 4 .   ? 3.447   8.106   14.099  1.000 38.598 0 313 HOH   A O   1 ? 
HETATM 1002 O O   . HOH   D 4 .   ? -3.279  -13.874 -8.006  1.000 48.402 0 314 HOH   A O   1 ? 
HETATM 1003 O O   . HOH   D 4 .   ? -15.167 3.635   -8.147  1.000 39.931 0 315 HOH   A O   1 ? 
HETATM 1004 O O   . HOH   D 4 .   ? -10.362 1.463   6.943   1.000 29.095 0 316 HOH   A O   1 ? 
HETATM 1005 O O   . HOH   D 4 .   ? -6.207  -0.264  -7.070  1.000 11.442 0 317 HOH   A O   1 ? 
HETATM 1006 O O   . HOH   D 4 .   ? -15.810 -2.604  -9.652  1.000 40.013 0 318 HOH   A O   1 ? 
HETATM 1007 O O   . HOH   D 4 .   ? -13.808 -3.751  -9.174  1.000 37.366 0 319 HOH   A O   1 ? 
HETATM 1008 O O   . HOH   D 4 .   ? -0.608  -10.504 -10.460 1.000 42.649 0 320 HOH   A O   1 ? 
HETATM 1009 O O   . HOH   D 4 .   ? -5.083  -4.791  15.099  1.000 16.266 0 321 HOH   A O   1 ? 
HETATM 1010 O O   . HOH   D 4 .   ? -13.447 -4.174  5.813   1.000 23.314 0 322 HOH   A O   1 ? 
HETATM 1011 O O   . HOH   D 4 .   ? 6.145   10.591  13.367  1.000 31.631 0 323 HOH   A O   1 ? 
HETATM 1012 O O   . HOH   D 4 .   ? 0.596   8.458   17.555  1.000 25.312 0 324 HOH   A O   1 ? 
HETATM 1013 O O   . HOH   D 4 .   ? 13.738  0.654   5.950   1.000 38.338 0 325 HOH   A O   1 ? 
HETATM 1014 O O   . HOH   D 4 .   ? 12.107  13.398  7.788   1.000 41.019 0 326 HOH   A O   1 ? 
HETATM 1015 O O   . HOH   D 4 .   ? -8.621  -4.255  10.110  1.000 15.611 0 327 HOH   A O   1 ? 
HETATM 1016 O O   . HOH   D 4 .   ? 9.981   -6.966  5.456   1.000 48.190 0 328 HOH   A O   1 ? 
HETATM 1017 O O   . HOH   D 4 .   ? -0.826  -8.818  10.344  1.000 27.642 0 329 HOH   A O   1 ? 
HETATM 1018 O O   . HOH   D 4 .   ? -2.221  -1.967  -5.242  1.000 18.087 0 330 HOH   A O   1 ? 
HETATM 1019 O O   . HOH   D 4 .   ? -4.291  -0.177  -5.135  1.000 15.721 0 331 HOH   A O   1 ? 
HETATM 1020 O O   . HOH   D 4 .   ? 6.635   13.142  -2.230  1.000 45.007 0 332 HOH   A O   1 ? 
HETATM 1021 O O   . HOH   D 4 .   ? 6.249   8.736   -2.584  1.000 30.910 0 333 HOH   A O   1 ? 
HETATM 1022 O O   . HOH   D 4 .   ? -3.997  9.261   -0.597  1.000 21.479 0 334 HOH   A O   1 ? 
HETATM 1023 O O   . HOH   D 4 .   ? 1.663   9.290   -4.625  1.000 37.022 0 335 HOH   A O   1 ? 
HETATM 1024 O O   . HOH   D 4 .   ? -5.435  8.343   -10.805 1.000 30.076 0 336 HOH   A O   1 ? 
HETATM 1025 O O   . HOH   D 4 .   ? 0.128   -12.955 3.650   1.000 38.284 0 337 HOH   A O   1 ? 
HETATM 1026 O O   . HOH   D 4 .   ? -2.509  1.058   -7.498  1.000 14.597 0 338 HOH   A O   1 ? 
HETATM 1027 O O   . HOH   D 4 .   ? -4.949  -1.052  -17.666 1.000 11.387 0 339 HOH   A O   1 ? 
HETATM 1028 O O   . HOH   D 4 .   ? -3.181  6.675   12.825  1.000 30.205 0 340 HOH   A O   1 ? 
HETATM 1029 O O   . HOH   D 4 .   ? 15.263  -5.123  -3.798  1.000 38.760 0 341 HOH   A O   1 ? 
HETATM 1030 O O   . HOH   D 4 .   ? -1.393  -9.414  -6.187  1.000 28.961 0 342 HOH   A O   1 ? 
HETATM 1031 O O   . HOH   D 4 .   ? -2.148  -4.292  -6.570  1.000 13.858 0 343 HOH   A O   1 ? 
HETATM 1032 O O   . HOH   D 4 .   ? -4.980  5.179   -21.751 1.000 15.659 0 344 HOH   A O   1 ? 
HETATM 1033 O O   . HOH   D 4 .   ? 11.256  10.531  9.498   1.000 33.720 0 345 HOH   A O   1 ? 
HETATM 1034 O O   . HOH   D 4 .   ? -13.214 -3.059  -13.638 1.000 41.742 0 346 HOH   A O   1 ? 
HETATM 1035 O O   . HOH   D 4 .   ? 1.920   -7.960  -11.515 1.000 33.302 0 347 HOH   A O   1 ? 
HETATM 1036 O O   . HOH   D 4 .   ? 6.717   -4.013  -8.016  1.000 35.061 0 348 HOH   A O   1 ? 
HETATM 1037 O O   . HOH   D 4 .   ? 6.861   13.648  1.590   1.000 33.657 0 349 HOH   A O   1 ? 
HETATM 1038 O O   . HOH   D 4 .   ? -13.327 5.442   -11.073 1.000 28.494 0 350 HOH   A O   1 ? 
HETATM 1039 O O   . HOH   D 4 .   ? -2.693  -7.679  -7.912  1.000 26.425 0 351 HOH   A O   1 ? 
HETATM 1040 O O   . HOH   D 4 .   ? -5.057  -0.936  -21.927 1.000 16.921 0 352 HOH   A O   1 ? 
HETATM 1041 O O   . HOH   D 4 .   ? 2.869   5.990   -8.424  1.000 48.691 0 353 HOH   A O   1 ? 
HETATM 1042 O O   . HOH   D 4 .   ? 10.017  2.086   -7.807  1.000 32.962 0 354 HOH   A O   1 ? 
HETATM 1043 O O   . HOH   D 4 .   ? -3.780  -15.881 5.586   1.000 42.018 0 355 HOH   A O   1 ? 
HETATM 1044 O O   . HOH   D 4 .   ? -1.450  -14.199 5.492   1.000 37.552 0 356 HOH   A O   1 ? 
HETATM 1045 O O   . HOH   D 4 .   ? 13.512  8.531   10.963  1.000 30.388 0 357 HOH   A O   1 ? 
HETATM 1046 O O   . HOH   D 4 .   ? -13.362 2.787   -12.204 1.000 19.876 0 358 HOH   A O   1 ? 
HETATM 1047 O O   . HOH   D 4 .   ? -16.136 3.284   -13.120 1.000 35.892 0 359 HOH   A O   1 ? 
HETATM 1048 O O   . HOH   D 4 .   ? -3.391  7.169   -9.331  1.000 14.474 0 360 HOH   A O   1 ? 
HETATM 1049 O O   . HOH   D 4 .   ? 8.042   9.044   19.706  1.000 43.023 0 361 HOH   A O   1 ? 
HETATM 1050 O O   . HOH   D 4 .   ? -8.628  -7.011  9.863   1.000 18.955 0 362 HOH   A O   1 ? 
HETATM 1051 O O   . HOH   D 4 .   ? -2.322  -8.681  -10.314 1.000 29.318 0 363 HOH   A O   1 ? 
HETATM 1052 O O   . HOH   D 4 .   ? 0.057   5.911   20.278  1.000 34.813 0 364 HOH   A O   1 ? 
HETATM 1053 O O   . HOH   D 4 .   ? -2.966  9.511   -2.902  1.000 28.680 0 365 HOH   A O   1 ? 
HETATM 1054 O O   . HOH   D 4 .   ? -6.051  7.909   -6.446  1.000 36.900 0 366 HOH   A O   1 ? 
HETATM 1055 O O   . HOH   D 4 .   ? 12.577  9.776   7.533   1.000 35.642 0 367 HOH   A O   1 ? 
HETATM 1056 O O   . HOH   D 4 .   ? -14.846 -0.700  -11.377 1.000 36.210 0 368 HOH   A O   1 ? 
HETATM 1057 O O   . HOH   D 4 .   ? -2.863  1.548   19.253  1.000 19.009 0 369 HOH   A O   1 ? 
HETATM 1058 O O   . HOH   D 4 .   ? 9.279   12.102  6.932   1.000 24.145 0 370 HOH   A O   1 ? 
HETATM 1059 O O   . HOH   D 4 .   ? 8.717   12.439  13.912  1.000 31.932 0 371 HOH   A O   1 ? 
HETATM 1060 O O   . HOH   D 4 .   ? 5.732   7.492   -6.391  1.000 39.110 0 372 HOH   A O   1 ? 
HETATM 1061 O O   . HOH   D 4 .   ? -13.342 -7.270  -5.664  1.000 21.653 0 373 HOH   A O   1 ? 
HETATM 1062 O O   . HOH   D 4 .   ? -9.996  7.323   -3.372  1.000 18.634 0 374 HOH   A O   1 ? 
HETATM 1063 O O   . HOH   D 4 .   ? -2.712  -12.203 1.911   1.000 26.936 0 375 HOH   A O   1 ? 
HETATM 1064 O O   . HOH   D 4 .   ? 0.310   -13.807 1.267   1.000 37.887 0 376 HOH   A O   1 ? 
HETATM 1065 O O   . HOH   D 4 .   ? -20.026 -3.798  -5.987  1.000 40.123 0 377 HOH   A O   1 ? 
HETATM 1066 O O   . HOH   D 4 .   ? -1.011  -1.600  -9.195  1.000 26.516 0 378 HOH   A O   1 ? 
HETATM 1067 O O   . HOH   D 4 .   ? -0.511  -4.847  -16.578 1.000 22.867 0 379 HOH   A O   1 ? 
HETATM 1068 O O   . HOH   D 4 .   ? -16.680 -8.648  -5.209  1.000 41.137 0 380 HOH   A O   1 ? 
HETATM 1069 O O   . HOH   D 4 .   ? 16.391  -4.512  3.329   1.000 44.338 0 381 HOH   A O   1 ? 
HETATM 1070 O O   . HOH   D 4 .   ? 11.443  -4.082  2.376   1.000 27.627 0 382 HOH   A O   1 ? 
HETATM 1071 O O   . HOH   D 4 .   ? 13.771  7.328   8.557   1.000 32.135 0 383 HOH   A O   1 ? 
HETATM 1072 O O   . HOH   D 4 .   ? -5.354  -18.895 -8.190  1.000 29.854 0 384 HOH   A O   1 ? 
HETATM 1073 O O   . HOH   D 4 .   ? -1.956  -2.745  15.749  1.000 23.358 0 385 HOH   A O   1 ? 
HETATM 1074 O O   . HOH   D 4 .   ? -0.985  9.894   -0.917  1.000 42.163 0 386 HOH   A O   1 ? 
HETATM 1075 O O   . HOH   D 4 .   ? -11.407 -5.807  -8.267  1.000 34.163 0 387 HOH   A O   1 ? 
HETATM 1076 O O   . HOH   D 4 .   ? -17.863 -7.621  -7.206  1.000 47.952 0 388 HOH   A O   1 ? 
HETATM 1077 O O   . HOH   D 4 .   ? -12.466 -6.005  -21.607 1.000 44.784 0 389 HOH   A O   1 ? 
HETATM 1078 O O   . HOH   D 4 .   ? -1.113  -7.033  13.794  1.000 41.637 0 390 HOH   A O   1 ? 
HETATM 1079 O O   . HOH   D 4 .   ? 4.246   6.858   19.128  1.000 47.499 0 391 HOH   A O   1 ? 
HETATM 1080 O O   . HOH   D 4 .   ? 1.619   -4.573  -14.526 1.000 45.150 0 392 HOH   A O   1 ? 
HETATM 1081 O O   . HOH   D 4 .   ? 14.199  3.825   1.647   1.000 38.564 0 393 HOH   A O   1 ? 
HETATM 1082 O O   . HOH   D 4 .   ? 4.612   2.472   -10.121 1.000 42.740 0 394 HOH   A O   1 ? 
HETATM 1083 O O   . HOH   D 4 .   ? 5.754   10.669  -4.922  1.000 45.753 0 395 HOH   A O   1 ? 
HETATM 1084 O O   . HOH   D 4 .   ? -5.591  4.050   14.072  1.000 18.107 0 396 HOH   A O   1 ? 
HETATM 1085 O O   . HOH   D 4 .   ? -13.236 4.271   1.932   1.000 46.028 0 397 HOH   A O   1 ? 
HETATM 1086 O O   . HOH   D 4 .   ? -13.192 -7.909  -16.445 1.000 44.750 0 398 HOH   A O   1 ? 
HETATM 1087 O O   . HOH   D 4 .   ? -12.483 -2.663  8.012   1.000 28.308 0 399 HOH   A O   1 ? 
HETATM 1088 O O   . HOH   D 4 .   ? 9.686   -9.777  -6.663  1.000 30.889 0 400 HOH   A O   1 ? 
HETATM 1089 O O   . HOH   D 4 .   ? 12.985  9.848   -6.591  1.000 47.605 0 401 HOH   A O   1 ? 
HETATM 1090 O O   . HOH   D 4 .   ? 24.501  1.583   5.181   1.000 28.785 0 402 HOH   A O   1 ? 
HETATM 1091 O O   . HOH   D 4 .   ? 0.060   10.466  -6.165  1.000 43.535 0 403 HOH   A O   1 ? 
HETATM 1092 O O   . HOH   D 4 .   ? 2.884   -13.343 4.566   1.000 37.943 0 404 HOH   A O   1 ? 
HETATM 1093 O O   . HOH   D 4 .   ? -14.583 -1.150  -13.844 1.000 38.217 0 405 HOH   A O   1 ? 
HETATM 1094 O O   . HOH   D 4 .   ? -2.451  -5.763  15.949  1.000 30.252 0 406 HOH   A O   1 ? 
HETATM 1095 O O   . HOH   D 4 .   ? 0.975   -2.535  19.971  1.000 44.185 0 407 HOH   A O   1 ? 
HETATM 1096 O O   . HOH   D 4 .   ? 12.592  7.407   19.634  1.000 46.026 0 408 HOH   A O   1 ? 
HETATM 1097 O O   . HOH   D 4 .   ? -10.655 -0.263  -22.248 1.000 38.102 0 409 HOH   A O   1 ? 
HETATM 1098 O O   . HOH   D 4 .   ? -4.513  -7.871  11.645  1.000 29.224 0 410 HOH   A O   1 ? 
HETATM 1099 O O   . HOH   D 4 .   ? -2.868  -9.664  10.773  1.000 43.056 0 411 HOH   A O   1 ? 
HETATM 1100 O O   . HOH   D 4 .   ? -11.808 -5.964  -10.997 1.000 42.930 0 412 HOH   A O   1 ? 
HETATM 1101 O O   . HOH   D 4 .   ? 2.355   -1.965  -15.934 1.000 53.333 0 413 HOH   A O   1 ? 
HETATM 1102 O O   . HOH   D 4 .   ? -4.199  -3.460  -21.098 1.000 26.079 0 414 HOH   A O   1 ? 
HETATM 1103 O O   . HOH   D 4 .   ? -11.434 -3.955  10.177  1.000 27.514 0 415 HOH   A O   1 ? 
# 
